data_1PP7
# 
_entry.id   1PP7 
# 
_audit_conform.dict_name       mmcif_pdbx.dic 
_audit_conform.dict_version    5.389 
_audit_conform.dict_location   http://mmcif.pdb.org/dictionaries/ascii/mmcif_pdbx.dic 
# 
loop_
_database_2.database_id 
_database_2.database_code 
_database_2.pdbx_database_accession 
_database_2.pdbx_DOI 
PDB   1PP7         pdb_00001pp7 10.2210/pdb1pp7/pdb 
NDB   PD0452       ?            ?                   
RCSB  RCSB019474   ?            ?                   
WWPDB D_1000019474 ?            ?                   
# 
loop_
_pdbx_audit_revision_history.ordinal 
_pdbx_audit_revision_history.data_content_type 
_pdbx_audit_revision_history.major_revision 
_pdbx_audit_revision_history.minor_revision 
_pdbx_audit_revision_history.revision_date 
1 'Structure model' 1 0 2003-11-18 
2 'Structure model' 1 1 2008-04-29 
3 'Structure model' 1 2 2011-07-13 
4 'Structure model' 1 3 2024-02-14 
5 'Structure model' 1 4 2024-04-03 
# 
_pdbx_audit_revision_details.ordinal             1 
_pdbx_audit_revision_details.revision_ordinal    1 
_pdbx_audit_revision_details.data_content_type   'Structure model' 
_pdbx_audit_revision_details.provider            repository 
_pdbx_audit_revision_details.type                'Initial release' 
_pdbx_audit_revision_details.description         ? 
_pdbx_audit_revision_details.details             ? 
# 
loop_
_pdbx_audit_revision_group.ordinal 
_pdbx_audit_revision_group.revision_ordinal 
_pdbx_audit_revision_group.data_content_type 
_pdbx_audit_revision_group.group 
1 2 'Structure model' 'Version format compliance' 
2 3 'Structure model' 'Version format compliance' 
3 4 'Structure model' 'Data collection'           
4 4 'Structure model' 'Database references'       
5 4 'Structure model' 'Derived calculations'      
6 5 'Structure model' 'Refinement description'    
# 
loop_
_pdbx_audit_revision_category.ordinal 
_pdbx_audit_revision_category.revision_ordinal 
_pdbx_audit_revision_category.data_content_type 
_pdbx_audit_revision_category.category 
1 4 'Structure model' chem_comp_atom                
2 4 'Structure model' chem_comp_bond                
3 4 'Structure model' database_2                    
4 4 'Structure model' pdbx_struct_conn_angle        
5 4 'Structure model' struct_conn                   
6 4 'Structure model' struct_ref_seq_dif            
7 4 'Structure model' struct_site                   
8 5 'Structure model' pdbx_initial_refinement_model 
# 
loop_
_pdbx_audit_revision_item.ordinal 
_pdbx_audit_revision_item.revision_ordinal 
_pdbx_audit_revision_item.data_content_type 
_pdbx_audit_revision_item.item 
1  4 'Structure model' '_database_2.pdbx_DOI'                        
2  4 'Structure model' '_database_2.pdbx_database_accession'         
3  4 'Structure model' '_pdbx_struct_conn_angle.ptnr1_auth_comp_id'  
4  4 'Structure model' '_pdbx_struct_conn_angle.ptnr1_auth_seq_id'   
5  4 'Structure model' '_pdbx_struct_conn_angle.ptnr1_label_asym_id' 
6  4 'Structure model' '_pdbx_struct_conn_angle.ptnr1_label_atom_id' 
7  4 'Structure model' '_pdbx_struct_conn_angle.ptnr1_label_comp_id' 
8  4 'Structure model' '_pdbx_struct_conn_angle.ptnr1_label_seq_id'  
9  4 'Structure model' '_pdbx_struct_conn_angle.ptnr1_symmetry'      
10 4 'Structure model' '_pdbx_struct_conn_angle.ptnr3_auth_comp_id'  
11 4 'Structure model' '_pdbx_struct_conn_angle.ptnr3_auth_seq_id'   
12 4 'Structure model' '_pdbx_struct_conn_angle.ptnr3_label_asym_id' 
13 4 'Structure model' '_pdbx_struct_conn_angle.ptnr3_label_atom_id' 
14 4 'Structure model' '_pdbx_struct_conn_angle.ptnr3_label_comp_id' 
15 4 'Structure model' '_pdbx_struct_conn_angle.ptnr3_label_seq_id'  
16 4 'Structure model' '_pdbx_struct_conn_angle.ptnr3_symmetry'      
17 4 'Structure model' '_pdbx_struct_conn_angle.value'               
18 4 'Structure model' '_struct_conn.pdbx_dist_value'                
19 4 'Structure model' '_struct_conn.ptnr1_auth_comp_id'             
20 4 'Structure model' '_struct_conn.ptnr1_auth_seq_id'              
21 4 'Structure model' '_struct_conn.ptnr1_label_asym_id'            
22 4 'Structure model' '_struct_conn.ptnr1_label_atom_id'            
23 4 'Structure model' '_struct_conn.ptnr1_label_comp_id'            
24 4 'Structure model' '_struct_conn.ptnr1_label_seq_id'             
25 4 'Structure model' '_struct_conn.ptnr1_symmetry'                 
26 4 'Structure model' '_struct_conn.ptnr2_auth_comp_id'             
27 4 'Structure model' '_struct_conn.ptnr2_auth_seq_id'              
28 4 'Structure model' '_struct_conn.ptnr2_label_asym_id'            
29 4 'Structure model' '_struct_conn.ptnr2_label_atom_id'            
30 4 'Structure model' '_struct_conn.ptnr2_label_comp_id'            
31 4 'Structure model' '_struct_conn.ptnr2_label_seq_id'             
32 4 'Structure model' '_struct_conn.ptnr2_symmetry'                 
33 4 'Structure model' '_struct_ref_seq_dif.details'                 
34 4 'Structure model' '_struct_site.pdbx_auth_asym_id'              
35 4 'Structure model' '_struct_site.pdbx_auth_comp_id'              
36 4 'Structure model' '_struct_site.pdbx_auth_seq_id'               
# 
_pdbx_database_status.status_code                     REL 
_pdbx_database_status.entry_id                        1PP7 
_pdbx_database_status.recvd_initial_deposition_date   2003-06-16 
_pdbx_database_status.deposit_site                    RCSB 
_pdbx_database_status.process_site                    RCSB 
_pdbx_database_status.status_code_sf                  REL 
_pdbx_database_status.SG_entry                        . 
_pdbx_database_status.pdb_format_compatible           Y 
_pdbx_database_status.status_code_mr                  ? 
_pdbx_database_status.status_code_cs                  ? 
_pdbx_database_status.status_code_nmr_data            ? 
_pdbx_database_status.methods_development_category    ? 
# 
_pdbx_database_related.db_name        PDB 
_pdbx_database_related.db_id          1pp8 
_pdbx_database_related.details        
;crystal structure of the T. vaginalis IBP39 Initiator binding domain (IBD) 
bound to the alpha-SCS Inr element
;
_pdbx_database_related.content_type   unspecified 
# 
loop_
_audit_author.name 
_audit_author.pdbx_ordinal 
'Schumacher, M.A.' 1 
'Lau, A.O.T.'      2 
'Johnson, P.J.'    3 
# 
_citation.id                        primary 
_citation.title                     'Structural Basis of Core Promoter Recognition in a Primitive Eukaryote' 
_citation.journal_abbrev            'Cell(Cambridge,Mass.)' 
_citation.journal_volume            115 
_citation.page_first                413 
_citation.page_last                 424 
_citation.year                      2003 
_citation.journal_id_ASTM           CELLB5 
_citation.country                   US 
_citation.journal_id_ISSN           0092-8674 
_citation.journal_id_CSD            0998 
_citation.book_publisher            ? 
_citation.pdbx_database_id_PubMed   14622596 
_citation.pdbx_database_id_DOI      '10.1016/S0092-8674(03)00887-0' 
# 
loop_
_citation_author.citation_id 
_citation_author.name 
_citation_author.ordinal 
_citation_author.identifier_ORCID 
primary 'Schumacher, M.A.' 1 ? 
primary 'Lau, A.O.T.'      2 ? 
primary 'Johnson, P.J.'    3 ? 
# 
loop_
_entity.id 
_entity.type 
_entity.src_method 
_entity.pdbx_description 
_entity.formula_weight 
_entity.pdbx_number_of_molecules 
_entity.pdbx_ec 
_entity.pdbx_mutation 
_entity.pdbx_fragment 
_entity.details 
1 polymer     syn 'FERREDOXIN INR'                   3932.570  1  ? ? ?                'DNA site' 
2 polymer     syn 'FERREDOXIN INR'                   4008.650  1  ? ? ?                ?          
3 polymer     man '39 kDa initiator binding protein' 15206.243 1  ? ? 'residues 1-126' ?          
4 non-polymer syn 'ZINC ION'                         65.409    7  ? ? ?                ?          
5 water       nat water                              18.015    65 ? ? ?                ?          
# 
loop_
_entity_poly.entity_id 
_entity_poly.type 
_entity_poly.nstd_linkage 
_entity_poly.nstd_monomer 
_entity_poly.pdbx_seq_one_letter_code 
_entity_poly.pdbx_seq_one_letter_code_can 
_entity_poly.pdbx_strand_id 
_entity_poly.pdbx_target_identifier 
1 polydeoxyribonucleotide no no '(DG)(DG)(DT)(DT)(DA)(DC)(DT)(DT)(DC)(DA)(DC)(DT)(DT)' GGTTACTTCACTT E ? 
2 polydeoxyribonucleotide no no '(DC)(DA)(DA)(DG)(DT)(DG)(DA)(DA)(DG)(DT)(DA)(DA)(DC)' CAAGTGAAGTAAC F ? 
3 'polypeptide(L)'        no no 
;MDSNDLEASFTSRLPPEIVAALKRKSSRDPNSRFPRKLHMLLTYLASNPQLEEEIGLSWISDTEFKMKKKNVALVMGIKL
NTLNVNLRDLAFEQLQHDKGGWTQWKRSGFTRNSVFEDPTQNDSPMHHHHH
;
;MDSNDLEASFTSRLPPEIVAALKRKSSRDPNSRFPRKLHMLLTYLASNPQLEEEIGLSWISDTEFKMKKKNVALVMGIKL
NTLNVNLRDLAFEQLQHDKGGWTQWKRSGFTRNSVFEDPTQNDSPMHHHHH
;
U ? 
# 
loop_
_pdbx_entity_nonpoly.entity_id 
_pdbx_entity_nonpoly.name 
_pdbx_entity_nonpoly.comp_id 
4 'ZINC ION' ZN  
5 water      HOH 
# 
loop_
_entity_poly_seq.entity_id 
_entity_poly_seq.num 
_entity_poly_seq.mon_id 
_entity_poly_seq.hetero 
1 1   DG  n 
1 2   DG  n 
1 3   DT  n 
1 4   DT  n 
1 5   DA  n 
1 6   DC  n 
1 7   DT  n 
1 8   DT  n 
1 9   DC  n 
1 10  DA  n 
1 11  DC  n 
1 12  DT  n 
1 13  DT  n 
2 1   DC  n 
2 2   DA  n 
2 3   DA  n 
2 4   DG  n 
2 5   DT  n 
2 6   DG  n 
2 7   DA  n 
2 8   DA  n 
2 9   DG  n 
2 10  DT  n 
2 11  DA  n 
2 12  DA  n 
2 13  DC  n 
3 1   MET n 
3 2   ASP n 
3 3   SER n 
3 4   ASN n 
3 5   ASP n 
3 6   LEU n 
3 7   GLU n 
3 8   ALA n 
3 9   SER n 
3 10  PHE n 
3 11  THR n 
3 12  SER n 
3 13  ARG n 
3 14  LEU n 
3 15  PRO n 
3 16  PRO n 
3 17  GLU n 
3 18  ILE n 
3 19  VAL n 
3 20  ALA n 
3 21  ALA n 
3 22  LEU n 
3 23  LYS n 
3 24  ARG n 
3 25  LYS n 
3 26  SER n 
3 27  SER n 
3 28  ARG n 
3 29  ASP n 
3 30  PRO n 
3 31  ASN n 
3 32  SER n 
3 33  ARG n 
3 34  PHE n 
3 35  PRO n 
3 36  ARG n 
3 37  LYS n 
3 38  LEU n 
3 39  HIS n 
3 40  MET n 
3 41  LEU n 
3 42  LEU n 
3 43  THR n 
3 44  TYR n 
3 45  LEU n 
3 46  ALA n 
3 47  SER n 
3 48  ASN n 
3 49  PRO n 
3 50  GLN n 
3 51  LEU n 
3 52  GLU n 
3 53  GLU n 
3 54  GLU n 
3 55  ILE n 
3 56  GLY n 
3 57  LEU n 
3 58  SER n 
3 59  TRP n 
3 60  ILE n 
3 61  SER n 
3 62  ASP n 
3 63  THR n 
3 64  GLU n 
3 65  PHE n 
3 66  LYS n 
3 67  MET n 
3 68  LYS n 
3 69  LYS n 
3 70  LYS n 
3 71  ASN n 
3 72  VAL n 
3 73  ALA n 
3 74  LEU n 
3 75  VAL n 
3 76  MET n 
3 77  GLY n 
3 78  ILE n 
3 79  LYS n 
3 80  LEU n 
3 81  ASN n 
3 82  THR n 
3 83  LEU n 
3 84  ASN n 
3 85  VAL n 
3 86  ASN n 
3 87  LEU n 
3 88  ARG n 
3 89  ASP n 
3 90  LEU n 
3 91  ALA n 
3 92  PHE n 
3 93  GLU n 
3 94  GLN n 
3 95  LEU n 
3 96  GLN n 
3 97  HIS n 
3 98  ASP n 
3 99  LYS n 
3 100 GLY n 
3 101 GLY n 
3 102 TRP n 
3 103 THR n 
3 104 GLN n 
3 105 TRP n 
3 106 LYS n 
3 107 ARG n 
3 108 SER n 
3 109 GLY n 
3 110 PHE n 
3 111 THR n 
3 112 ARG n 
3 113 ASN n 
3 114 SER n 
3 115 VAL n 
3 116 PHE n 
3 117 GLU n 
3 118 ASP n 
3 119 PRO n 
3 120 THR n 
3 121 GLN n 
3 122 ASN n 
3 123 ASP n 
3 124 SER n 
3 125 PRO n 
3 126 MET n 
3 127 HIS n 
3 128 HIS n 
3 129 HIS n 
3 130 HIS n 
3 131 HIS n 
# 
_entity_src_gen.entity_id                          3 
_entity_src_gen.pdbx_src_id                        1 
_entity_src_gen.pdbx_alt_source_flag               sample 
_entity_src_gen.pdbx_seq_type                      ? 
_entity_src_gen.pdbx_beg_seq_num                   ? 
_entity_src_gen.pdbx_end_seq_num                   ? 
_entity_src_gen.gene_src_common_name               ? 
_entity_src_gen.gene_src_genus                     Trichomonas 
_entity_src_gen.pdbx_gene_src_gene                 'Trichomonas vaginalis:IBP39' 
_entity_src_gen.gene_src_species                   ? 
_entity_src_gen.gene_src_strain                    ? 
_entity_src_gen.gene_src_tissue                    ? 
_entity_src_gen.gene_src_tissue_fraction           ? 
_entity_src_gen.gene_src_details                   ? 
_entity_src_gen.pdbx_gene_src_fragment             ? 
_entity_src_gen.pdbx_gene_src_scientific_name      'Trichomonas vaginalis' 
_entity_src_gen.pdbx_gene_src_ncbi_taxonomy_id     5722 
_entity_src_gen.pdbx_gene_src_variant              ? 
_entity_src_gen.pdbx_gene_src_cell_line            ? 
_entity_src_gen.pdbx_gene_src_atcc                 ? 
_entity_src_gen.pdbx_gene_src_organ                ? 
_entity_src_gen.pdbx_gene_src_organelle            ? 
_entity_src_gen.pdbx_gene_src_cell                 ? 
_entity_src_gen.pdbx_gene_src_cellular_location    ? 
_entity_src_gen.host_org_common_name               ? 
_entity_src_gen.pdbx_host_org_scientific_name      'Escherichia coli BL21(DE3)' 
_entity_src_gen.pdbx_host_org_ncbi_taxonomy_id     469008 
_entity_src_gen.host_org_genus                     Escherichia 
_entity_src_gen.pdbx_host_org_gene                 ? 
_entity_src_gen.pdbx_host_org_organ                ? 
_entity_src_gen.host_org_species                   'Escherichia coli' 
_entity_src_gen.pdbx_host_org_tissue               ? 
_entity_src_gen.pdbx_host_org_tissue_fraction      ? 
_entity_src_gen.pdbx_host_org_strain               'BL21(DE3)' 
_entity_src_gen.pdbx_host_org_variant              ? 
_entity_src_gen.pdbx_host_org_cell_line            ? 
_entity_src_gen.pdbx_host_org_atcc                 ? 
_entity_src_gen.pdbx_host_org_culture_collection   ? 
_entity_src_gen.pdbx_host_org_cell                 ? 
_entity_src_gen.pdbx_host_org_organelle            ? 
_entity_src_gen.pdbx_host_org_cellular_location    ? 
_entity_src_gen.pdbx_host_org_vector_type          plasmid 
_entity_src_gen.pdbx_host_org_vector               ? 
_entity_src_gen.host_org_details                   ? 
_entity_src_gen.expression_system_id               ? 
_entity_src_gen.plasmid_name                       pQE60 
_entity_src_gen.plasmid_details                    ? 
_entity_src_gen.pdbx_description                   ? 
# 
loop_
_chem_comp.id 
_chem_comp.type 
_chem_comp.mon_nstd_flag 
_chem_comp.name 
_chem_comp.pdbx_synonyms 
_chem_comp.formula 
_chem_comp.formula_weight 
ALA 'L-peptide linking' y ALANINE                              ? 'C3 H7 N O2'      89.093  
ARG 'L-peptide linking' y ARGININE                             ? 'C6 H15 N4 O2 1'  175.209 
ASN 'L-peptide linking' y ASPARAGINE                           ? 'C4 H8 N2 O3'     132.118 
ASP 'L-peptide linking' y 'ASPARTIC ACID'                      ? 'C4 H7 N O4'      133.103 
DA  'DNA linking'       y "2'-DEOXYADENOSINE-5'-MONOPHOSPHATE" ? 'C10 H14 N5 O6 P' 331.222 
DC  'DNA linking'       y "2'-DEOXYCYTIDINE-5'-MONOPHOSPHATE"  ? 'C9 H14 N3 O7 P'  307.197 
DG  'DNA linking'       y "2'-DEOXYGUANOSINE-5'-MONOPHOSPHATE" ? 'C10 H14 N5 O7 P' 347.221 
DT  'DNA linking'       y "THYMIDINE-5'-MONOPHOSPHATE"         ? 'C10 H15 N2 O8 P' 322.208 
GLN 'L-peptide linking' y GLUTAMINE                            ? 'C5 H10 N2 O3'    146.144 
GLU 'L-peptide linking' y 'GLUTAMIC ACID'                      ? 'C5 H9 N O4'      147.129 
GLY 'peptide linking'   y GLYCINE                              ? 'C2 H5 N O2'      75.067  
HIS 'L-peptide linking' y HISTIDINE                            ? 'C6 H10 N3 O2 1'  156.162 
HOH non-polymer         . WATER                                ? 'H2 O'            18.015  
ILE 'L-peptide linking' y ISOLEUCINE                           ? 'C6 H13 N O2'     131.173 
LEU 'L-peptide linking' y LEUCINE                              ? 'C6 H13 N O2'     131.173 
LYS 'L-peptide linking' y LYSINE                               ? 'C6 H15 N2 O2 1'  147.195 
MET 'L-peptide linking' y METHIONINE                           ? 'C5 H11 N O2 S'   149.211 
PHE 'L-peptide linking' y PHENYLALANINE                        ? 'C9 H11 N O2'     165.189 
PRO 'L-peptide linking' y PROLINE                              ? 'C5 H9 N O2'      115.130 
SER 'L-peptide linking' y SERINE                               ? 'C3 H7 N O3'      105.093 
THR 'L-peptide linking' y THREONINE                            ? 'C4 H9 N O3'      119.119 
TRP 'L-peptide linking' y TRYPTOPHAN                           ? 'C11 H12 N2 O2'   204.225 
TYR 'L-peptide linking' y TYROSINE                             ? 'C9 H11 N O3'     181.189 
VAL 'L-peptide linking' y VALINE                               ? 'C5 H11 N O2'     117.146 
ZN  non-polymer         . 'ZINC ION'                           ? 'Zn 2'            65.409  
# 
loop_
_pdbx_poly_seq_scheme.asym_id 
_pdbx_poly_seq_scheme.entity_id 
_pdbx_poly_seq_scheme.seq_id 
_pdbx_poly_seq_scheme.mon_id 
_pdbx_poly_seq_scheme.ndb_seq_num 
_pdbx_poly_seq_scheme.pdb_seq_num 
_pdbx_poly_seq_scheme.auth_seq_num 
_pdbx_poly_seq_scheme.pdb_mon_id 
_pdbx_poly_seq_scheme.auth_mon_id 
_pdbx_poly_seq_scheme.pdb_strand_id 
_pdbx_poly_seq_scheme.pdb_ins_code 
_pdbx_poly_seq_scheme.hetero 
A 1 1   DG  1   25  ?   ?   ?   E . n 
A 1 2   DG  2   26  26  DG  G   E . n 
A 1 3   DT  3   27  27  DT  T   E . n 
A 1 4   DT  4   28  28  DT  T   E . n 
A 1 5   DA  5   29  29  DA  A   E . n 
A 1 6   DC  6   30  30  DC  C   E . n 
A 1 7   DT  7   31  31  DT  T   E . n 
A 1 8   DT  8   32  32  DT  T   E . n 
A 1 9   DC  9   33  33  DC  C   E . n 
A 1 10  DA  10  34  34  DA  A   E . n 
A 1 11  DC  11  35  35  DC  C   E . n 
A 1 12  DT  12  36  36  DT  T   E . n 
A 1 13  DT  13  37  37  DT  T   E . n 
B 2 1   DC  1   3   3   DC  C   F . n 
B 2 2   DA  2   4   4   DA  A   F . n 
B 2 3   DA  3   5   5   DA  A   F . n 
B 2 4   DG  4   6   6   DG  G   F . n 
B 2 5   DT  5   7   7   DT  T   F . n 
B 2 6   DG  6   8   8   DG  G   F . n 
B 2 7   DA  7   9   9   DA  A   F . n 
B 2 8   DA  8   10  10  DA  A   F . n 
B 2 9   DG  9   11  11  DG  G   F . n 
B 2 10  DT  10  12  12  DT  T   F . n 
B 2 11  DA  11  13  13  DA  A   F . n 
B 2 12  DA  12  14  14  DA  A   F . n 
B 2 13  DC  13  15  15  DC  C   F . n 
C 3 1   MET 1   1   ?   ?   ?   U . n 
C 3 2   ASP 2   2   ?   ?   ?   U . n 
C 3 3   SER 3   3   ?   ?   ?   U . n 
C 3 4   ASN 4   4   ?   ?   ?   U . n 
C 3 5   ASP 5   5   5   ASP ASP U . n 
C 3 6   LEU 6   6   6   LEU LEU U . n 
C 3 7   GLU 7   7   7   GLU GLU U . n 
C 3 8   ALA 8   8   8   ALA ALA U . n 
C 3 9   SER 9   9   9   SER SER U . n 
C 3 10  PHE 10  10  10  PHE PHE U . n 
C 3 11  THR 11  11  11  THR THR U . n 
C 3 12  SER 12  12  12  SER SER U . n 
C 3 13  ARG 13  13  13  ARG ARG U . n 
C 3 14  LEU 14  14  14  LEU LEU U . n 
C 3 15  PRO 15  15  15  PRO PRO U . n 
C 3 16  PRO 16  16  16  PRO PRO U . n 
C 3 17  GLU 17  17  17  GLU GLU U . n 
C 3 18  ILE 18  18  18  ILE ILE U . n 
C 3 19  VAL 19  19  19  VAL VAL U . n 
C 3 20  ALA 20  20  20  ALA ALA U . n 
C 3 21  ALA 21  21  21  ALA ALA U . n 
C 3 22  LEU 22  22  22  LEU LEU U . n 
C 3 23  LYS 23  23  23  LYS LYS U . n 
C 3 24  ARG 24  24  24  ARG ARG U . n 
C 3 25  LYS 25  25  25  LYS LYS U . n 
C 3 26  SER 26  26  26  SER SER U . n 
C 3 27  SER 27  27  27  SER SER U . n 
C 3 28  ARG 28  28  28  ARG ARG U . n 
C 3 29  ASP 29  29  29  ASP ASP U . n 
C 3 30  PRO 30  30  30  PRO PRO U . n 
C 3 31  ASN 31  31  31  ASN ASN U . n 
C 3 32  SER 32  32  32  SER SER U . n 
C 3 33  ARG 33  33  33  ARG ARG U . n 
C 3 34  PHE 34  34  34  PHE PHE U . n 
C 3 35  PRO 35  35  35  PRO PRO U . n 
C 3 36  ARG 36  36  36  ARG ARG U . n 
C 3 37  LYS 37  37  37  LYS LYS U . n 
C 3 38  LEU 38  38  38  LEU LEU U . n 
C 3 39  HIS 39  39  39  HIS HIS U . n 
C 3 40  MET 40  40  40  MET MET U . n 
C 3 41  LEU 41  41  41  LEU LEU U . n 
C 3 42  LEU 42  42  42  LEU LEU U . n 
C 3 43  THR 43  43  43  THR THR U . n 
C 3 44  TYR 44  44  44  TYR TYR U . n 
C 3 45  LEU 45  45  45  LEU LEU U . n 
C 3 46  ALA 46  46  46  ALA ALA U . n 
C 3 47  SER 47  47  47  SER SER U . n 
C 3 48  ASN 48  48  48  ASN ASN U . n 
C 3 49  PRO 49  49  49  PRO PRO U . n 
C 3 50  GLN 50  50  50  GLN GLN U . n 
C 3 51  LEU 51  51  51  LEU LEU U . n 
C 3 52  GLU 52  52  52  GLU GLU U . n 
C 3 53  GLU 53  53  53  GLU GLU U . n 
C 3 54  GLU 54  54  54  GLU GLU U . n 
C 3 55  ILE 55  55  55  ILE ILE U . n 
C 3 56  GLY 56  56  56  GLY GLY U . n 
C 3 57  LEU 57  57  57  LEU LEU U . n 
C 3 58  SER 58  58  58  SER SER U . n 
C 3 59  TRP 59  59  59  TRP TRP U . n 
C 3 60  ILE 60  60  60  ILE ILE U . n 
C 3 61  SER 61  61  61  SER SER U . n 
C 3 62  ASP 62  62  62  ASP ASP U . n 
C 3 63  THR 63  63  63  THR THR U . n 
C 3 64  GLU 64  64  64  GLU GLU U . n 
C 3 65  PHE 65  65  65  PHE PHE U . n 
C 3 66  LYS 66  66  66  LYS LYS U . n 
C 3 67  MET 67  67  67  MET MET U . n 
C 3 68  LYS 68  68  68  LYS LYS U . n 
C 3 69  LYS 69  69  69  LYS LYS U . n 
C 3 70  LYS 70  70  70  LYS LYS U . n 
C 3 71  ASN 71  71  71  ASN ASN U . n 
C 3 72  VAL 72  72  72  VAL VAL U . n 
C 3 73  ALA 73  73  73  ALA ALA U . n 
C 3 74  LEU 74  74  74  LEU LEU U . n 
C 3 75  VAL 75  75  75  VAL VAL U . n 
C 3 76  MET 76  76  76  MET MET U . n 
C 3 77  GLY 77  77  77  GLY GLY U . n 
C 3 78  ILE 78  78  78  ILE ILE U . n 
C 3 79  LYS 79  79  79  LYS LYS U . n 
C 3 80  LEU 80  80  80  LEU LEU U . n 
C 3 81  ASN 81  81  81  ASN ASN U . n 
C 3 82  THR 82  82  82  THR THR U . n 
C 3 83  LEU 83  83  83  LEU LEU U . n 
C 3 84  ASN 84  84  84  ASN ASN U . n 
C 3 85  VAL 85  85  85  VAL VAL U . n 
C 3 86  ASN 86  86  86  ASN ASN U . n 
C 3 87  LEU 87  87  87  LEU LEU U . n 
C 3 88  ARG 88  88  88  ARG ARG U . n 
C 3 89  ASP 89  89  89  ASP ASP U . n 
C 3 90  LEU 90  90  90  LEU LEU U . n 
C 3 91  ALA 91  91  91  ALA ALA U . n 
C 3 92  PHE 92  92  92  PHE PHE U . n 
C 3 93  GLU 93  93  93  GLU GLU U . n 
C 3 94  GLN 94  94  94  GLN GLN U . n 
C 3 95  LEU 95  95  95  LEU LEU U . n 
C 3 96  GLN 96  96  96  GLN GLN U . n 
C 3 97  HIS 97  97  97  HIS HIS U . n 
C 3 98  ASP 98  98  98  ASP ASP U . n 
C 3 99  LYS 99  99  99  LYS LYS U . n 
C 3 100 GLY 100 100 100 GLY GLY U . n 
C 3 101 GLY 101 101 101 GLY GLY U . n 
C 3 102 TRP 102 102 102 TRP TRP U . n 
C 3 103 THR 103 103 103 THR THR U . n 
C 3 104 GLN 104 104 104 GLN GLN U . n 
C 3 105 TRP 105 105 105 TRP TRP U . n 
C 3 106 LYS 106 106 106 LYS LYS U . n 
C 3 107 ARG 107 107 107 ARG ARG U . n 
C 3 108 SER 108 108 108 SER SER U . n 
C 3 109 GLY 109 109 109 GLY GLY U . n 
C 3 110 PHE 110 110 110 PHE PHE U . n 
C 3 111 THR 111 111 111 THR THR U . n 
C 3 112 ARG 112 112 112 ARG ARG U . n 
C 3 113 ASN 113 113 113 ASN ASN U . n 
C 3 114 SER 114 114 114 SER SER U . n 
C 3 115 VAL 115 115 115 VAL VAL U . n 
C 3 116 PHE 116 116 116 PHE PHE U . n 
C 3 117 GLU 117 117 117 GLU GLU U . n 
C 3 118 ASP 118 118 118 ASP ASP U . n 
C 3 119 PRO 119 119 ?   ?   ?   U . n 
C 3 120 THR 120 120 ?   ?   ?   U . n 
C 3 121 GLN 121 121 ?   ?   ?   U . n 
C 3 122 ASN 122 122 ?   ?   ?   U . n 
C 3 123 ASP 123 123 ?   ?   ?   U . n 
C 3 124 SER 124 124 ?   ?   ?   U . n 
C 3 125 PRO 125 125 ?   ?   ?   U . n 
C 3 126 MET 126 126 ?   ?   ?   U . n 
C 3 127 HIS 127 127 ?   ?   ?   U . n 
C 3 128 HIS 128 128 ?   ?   ?   U . n 
C 3 129 HIS 129 129 ?   ?   ?   U . n 
C 3 130 HIS 130 130 ?   ?   ?   U . n 
C 3 131 HIS 131 131 ?   ?   ?   U . n 
# 
loop_
_pdbx_nonpoly_scheme.asym_id 
_pdbx_nonpoly_scheme.entity_id 
_pdbx_nonpoly_scheme.mon_id 
_pdbx_nonpoly_scheme.ndb_seq_num 
_pdbx_nonpoly_scheme.pdb_seq_num 
_pdbx_nonpoly_scheme.auth_seq_num 
_pdbx_nonpoly_scheme.pdb_mon_id 
_pdbx_nonpoly_scheme.auth_mon_id 
_pdbx_nonpoly_scheme.pdb_strand_id 
_pdbx_nonpoly_scheme.pdb_ins_code 
D 4 ZN  1  74  74 ZN  ZN  E . 
E 4 ZN  1  72  72 ZN  ZN  F . 
F 4 ZN  1  73  73 ZN  ZN  F . 
G 4 ZN  1  76  76 ZN  ZN  F . 
H 4 ZN  1  77  77 ZN  ZN  F . 
I 4 ZN  1  132 71 ZN  ZN  U . 
J 4 ZN  1  133 75 ZN  ZN  U . 
K 5 HOH 1  75  1  HOH HOH E . 
K 5 HOH 2  76  15 HOH HOH E . 
K 5 HOH 3  77  17 HOH HOH E . 
K 5 HOH 4  78  19 HOH HOH E . 
K 5 HOH 5  79  20 HOH HOH E . 
K 5 HOH 6  80  22 HOH HOH E . 
K 5 HOH 7  81  35 HOH HOH E . 
K 5 HOH 8  82  40 HOH HOH E . 
K 5 HOH 9  83  51 HOH HOH E . 
K 5 HOH 10 84  52 HOH HOH E . 
K 5 HOH 11 85  64 HOH HOH E . 
L 5 HOH 1  78  7  HOH HOH F . 
L 5 HOH 2  79  8  HOH HOH F . 
L 5 HOH 3  80  18 HOH HOH F . 
L 5 HOH 4  81  30 HOH HOH F . 
L 5 HOH 5  82  43 HOH HOH F . 
L 5 HOH 6  83  49 HOH HOH F . 
L 5 HOH 7  84  56 HOH HOH F . 
L 5 HOH 8  85  59 HOH HOH F . 
L 5 HOH 9  86  62 HOH HOH F . 
L 5 HOH 10 87  63 HOH HOH F . 
M 5 HOH 1  134 2  HOH HOH U . 
M 5 HOH 2  135 3  HOH HOH U . 
M 5 HOH 3  136 4  HOH HOH U . 
M 5 HOH 4  137 5  HOH HOH U . 
M 5 HOH 5  138 6  HOH HOH U . 
M 5 HOH 6  139 9  HOH HOH U . 
M 5 HOH 7  140 10 HOH HOH U . 
M 5 HOH 8  141 11 HOH HOH U . 
M 5 HOH 9  142 12 HOH HOH U . 
M 5 HOH 10 143 13 HOH HOH U . 
M 5 HOH 11 144 14 HOH HOH U . 
M 5 HOH 12 145 16 HOH HOH U . 
M 5 HOH 13 146 21 HOH HOH U . 
M 5 HOH 14 147 23 HOH HOH U . 
M 5 HOH 15 148 24 HOH HOH U . 
M 5 HOH 16 149 25 HOH HOH U . 
M 5 HOH 17 150 26 HOH HOH U . 
M 5 HOH 18 151 27 HOH HOH U . 
M 5 HOH 19 152 28 HOH HOH U . 
M 5 HOH 20 153 29 HOH HOH U . 
M 5 HOH 21 154 31 HOH HOH U . 
M 5 HOH 22 155 32 HOH HOH U . 
M 5 HOH 23 156 33 HOH HOH U . 
M 5 HOH 24 157 34 HOH HOH U . 
M 5 HOH 25 158 36 HOH HOH U . 
M 5 HOH 26 159 37 HOH HOH U . 
M 5 HOH 27 160 38 HOH HOH U . 
M 5 HOH 28 161 39 HOH HOH U . 
M 5 HOH 29 162 41 HOH HOH U . 
M 5 HOH 30 163 42 HOH HOH U . 
M 5 HOH 31 164 44 HOH HOH U . 
M 5 HOH 32 165 45 HOH HOH U . 
M 5 HOH 33 166 46 HOH HOH U . 
M 5 HOH 34 167 47 HOH HOH U . 
M 5 HOH 35 168 48 HOH HOH U . 
M 5 HOH 36 169 50 HOH HOH U . 
M 5 HOH 37 170 53 HOH HOH U . 
M 5 HOH 38 171 54 HOH HOH U . 
M 5 HOH 39 172 55 HOH HOH U . 
M 5 HOH 40 173 57 HOH HOH U . 
M 5 HOH 41 174 60 HOH HOH U . 
M 5 HOH 42 175 61 HOH HOH U . 
M 5 HOH 43 176 65 HOH HOH U . 
M 5 HOH 44 177 66 HOH HOH U . 
# 
loop_
_pdbx_unobs_or_zero_occ_atoms.id 
_pdbx_unobs_or_zero_occ_atoms.PDB_model_num 
_pdbx_unobs_or_zero_occ_atoms.polymer_flag 
_pdbx_unobs_or_zero_occ_atoms.occupancy_flag 
_pdbx_unobs_or_zero_occ_atoms.auth_asym_id 
_pdbx_unobs_or_zero_occ_atoms.auth_comp_id 
_pdbx_unobs_or_zero_occ_atoms.auth_seq_id 
_pdbx_unobs_or_zero_occ_atoms.PDB_ins_code 
_pdbx_unobs_or_zero_occ_atoms.auth_atom_id 
_pdbx_unobs_or_zero_occ_atoms.label_alt_id 
_pdbx_unobs_or_zero_occ_atoms.label_asym_id 
_pdbx_unobs_or_zero_occ_atoms.label_comp_id 
_pdbx_unobs_or_zero_occ_atoms.label_seq_id 
_pdbx_unobs_or_zero_occ_atoms.label_atom_id 
1 1 Y 1 E DG 26 ? P   ? A DG 2 P   
2 1 Y 1 E DG 26 ? OP1 ? A DG 2 OP1 
3 1 Y 1 E DG 26 ? OP2 ? A DG 2 OP2 
# 
loop_
_software.name 
_software.classification 
_software.version 
_software.citation_id 
_software.pdbx_ordinal 
CNS    refinement       1.0       ? 1 
MOSFLM 'data reduction' .         ? 2 
CCP4   'data scaling'   '(SCALA)' ? 3 
MOLREP phasing          .         ? 4 
# 
_cell.entry_id           1PP7 
_cell.length_a           81.340 
_cell.length_b           41.430 
_cell.length_c           58.390 
_cell.angle_alpha        90.00 
_cell.angle_beta         90.00 
_cell.angle_gamma        90.00 
_cell.Z_PDB              4 
_cell.pdbx_unique_axis   ? 
# 
_symmetry.entry_id                         1PP7 
_symmetry.space_group_name_H-M             'P 21 21 2' 
_symmetry.pdbx_full_space_group_name_H-M   ? 
_symmetry.cell_setting                     ? 
_symmetry.Int_Tables_number                18 
# 
_exptl.entry_id          1PP7 
_exptl.method            'X-RAY DIFFRACTION' 
_exptl.crystals_number   1 
# 
_exptl_crystal.id                    1 
_exptl_crystal.density_meas          ? 
_exptl_crystal.density_Matthews      2.10 
_exptl_crystal.density_percent_sol   41.38 
_exptl_crystal.description           ? 
# 
_exptl_crystal_grow.crystal_id      1 
_exptl_crystal_grow.method          'VAPOR DIFFUSION, HANGING DROP' 
_exptl_crystal_grow.temp            298.0 
_exptl_crystal_grow.temp_details    ? 
_exptl_crystal_grow.pH              6.0 
_exptl_crystal_grow.pdbx_details    'PEG 8000, MES pH 6.0, 0.1 M Zinc acetate, VAPOR DIFFUSION, HANGING DROP, temperature 298.0K' 
_exptl_crystal_grow.pdbx_pH_range   . 
# 
loop_
_exptl_crystal_grow_comp.crystal_id 
_exptl_crystal_grow_comp.id 
_exptl_crystal_grow_comp.sol_id 
_exptl_crystal_grow_comp.name 
_exptl_crystal_grow_comp.volume 
_exptl_crystal_grow_comp.conc 
_exptl_crystal_grow_comp.details 
1 1 1 'PEG 8000'     ? ? ? 
1 2 1 MES            ? ? ? 
1 3 1 'Zinc acetate' ? ? ? 
1 4 1 H2O            ? ? ? 
1 5 2 'PEG 8000'     ? ? ? 
1 6 2 'Zinc acetate' ? ? ? 
# 
_diffrn.id                     1 
_diffrn.ambient_temp           100.0 
_diffrn.ambient_temp_details   ? 
_diffrn.crystal_id             1 
# 
_diffrn_detector.diffrn_id              1 
_diffrn_detector.detector               CCD 
_diffrn_detector.type                   'ADSC QUANTUM 4' 
_diffrn_detector.pdbx_collection_date   2003-02-12 
_diffrn_detector.details                mirrors 
# 
_diffrn_radiation.diffrn_id                        1 
_diffrn_radiation.wavelength_id                    1 
_diffrn_radiation.pdbx_monochromatic_or_laue_m_l   M 
_diffrn_radiation.monochromator                    graphite 
_diffrn_radiation.pdbx_diffrn_protocol             'SINGLE WAVELENGTH' 
_diffrn_radiation.pdbx_scattering_type             x-ray 
# 
_diffrn_radiation_wavelength.id           1 
_diffrn_radiation_wavelength.wavelength   1.06 
_diffrn_radiation_wavelength.wt           1.0 
# 
_diffrn_source.diffrn_id                   1 
_diffrn_source.source                      SYNCHROTRON 
_diffrn_source.type                        'SSRL BEAMLINE BL11-1' 
_diffrn_source.pdbx_synchrotron_site       SSRL 
_diffrn_source.pdbx_synchrotron_beamline   BL11-1 
_diffrn_source.pdbx_wavelength             ? 
_diffrn_source.pdbx_wavelength_list        1.06 
# 
_reflns.entry_id                     1PP7 
_reflns.observed_criterion_sigma_I   0.0 
_reflns.observed_criterion_sigma_F   0.0 
_reflns.d_resolution_low             47.43 
_reflns.d_resolution_high            2.45 
_reflns.number_obs                   7158 
_reflns.number_all                   18917 
_reflns.percent_possible_obs         94.5 
_reflns.pdbx_Rmerge_I_obs            ? 
_reflns.pdbx_Rsym_value              0.089 
_reflns.pdbx_netI_over_sigmaI        5.7 
_reflns.B_iso_Wilson_estimate        43.1 
_reflns.pdbx_redundancy              2.6 
_reflns.R_free_details               ? 
_reflns.pdbx_diffrn_id               1 
_reflns.pdbx_ordinal                 1 
# 
_reflns_shell.d_res_high             2.45 
_reflns_shell.d_res_low              2.51 
_reflns_shell.percent_possible_all   98.4 
_reflns_shell.Rmerge_I_obs           ? 
_reflns_shell.pdbx_Rsym_value        0.438 
_reflns_shell.meanI_over_sigI_obs    ? 
_reflns_shell.pdbx_redundancy        2.7 
_reflns_shell.percent_possible_obs   ? 
_reflns_shell.number_unique_all      526 
_reflns_shell.pdbx_diffrn_id         ? 
_reflns_shell.pdbx_ordinal           1 
# 
_refine.entry_id                                 1PP7 
_refine.ls_number_reflns_obs                     7145 
_refine.ls_number_reflns_all                     18917 
_refine.pdbx_ls_sigma_I                          ? 
_refine.pdbx_ls_sigma_F                          0.0 
_refine.pdbx_data_cutoff_high_absF               ? 
_refine.pdbx_data_cutoff_low_absF                ? 
_refine.pdbx_data_cutoff_high_rms_absF           ? 
_refine.ls_d_res_low                             47.43 
_refine.ls_d_res_high                            2.45 
_refine.ls_percent_reflns_obs                    92.9 
_refine.ls_R_factor_obs                          0.197 
_refine.ls_R_factor_all                          ? 
_refine.ls_R_factor_R_work                       0.197 
_refine.ls_R_factor_R_free                       0.246 
_refine.ls_R_factor_R_free_error                 0.014 
_refine.ls_R_factor_R_free_error_details         ? 
_refine.ls_percent_reflns_R_free                 4.6 
_refine.ls_number_reflns_R_free                  328 
_refine.ls_number_parameters                     ? 
_refine.ls_number_restraints                     ? 
_refine.occupancy_min                            ? 
_refine.occupancy_max                            ? 
_refine.correlation_coeff_Fo_to_Fc               ? 
_refine.correlation_coeff_Fo_to_Fc_free          ? 
_refine.B_iso_mean                               44.2 
_refine.aniso_B[1][1]                            -6.70 
_refine.aniso_B[2][2]                            -12.10 
_refine.aniso_B[3][3]                            18.80 
_refine.aniso_B[1][2]                            0.00 
_refine.aniso_B[1][3]                            0.00 
_refine.aniso_B[2][3]                            0.00 
_refine.solvent_model_details                    'FLAT MODEL' 
_refine.solvent_model_param_ksol                 0.329312 
_refine.solvent_model_param_bsol                 37.385 
_refine.pdbx_solvent_vdw_probe_radii             ? 
_refine.pdbx_solvent_ion_probe_radii             ? 
_refine.pdbx_solvent_shrinkage_radii             ? 
_refine.pdbx_ls_cross_valid_method               THROUGHOUT 
_refine.details                                  ? 
_refine.pdbx_starting_model                      
;one of the IBD-alphaSCS complexes   
that is being deposited simultaneous  
with this deposition
;
_refine.pdbx_method_to_determine_struct          'MOLECULAR REPLACEMENT' 
_refine.pdbx_isotropic_thermal_model             RESTRAINED 
_refine.pdbx_stereochemistry_target_values       'Engh & Huber' 
_refine.pdbx_stereochem_target_val_spec_case     ? 
_refine.pdbx_R_Free_selection_details            RANDOM 
_refine.pdbx_overall_ESU_R                       ? 
_refine.pdbx_overall_ESU_R_Free                  ? 
_refine.overall_SU_ML                            ? 
_refine.overall_SU_B                             ? 
_refine.ls_redundancy_reflns_obs                 ? 
_refine.overall_SU_R_Cruickshank_DPI             ? 
_refine.overall_SU_R_free                        ? 
_refine.pdbx_refine_id                           'X-RAY DIFFRACTION' 
_refine.pdbx_diffrn_id                           1 
_refine.pdbx_TLS_residual_ADP_flag               ? 
_refine.pdbx_overall_phase_error                 ? 
_refine.pdbx_overall_SU_R_free_Cruickshank_DPI   ? 
_refine.pdbx_overall_SU_R_Blow_DPI               ? 
_refine.pdbx_overall_SU_R_free_Blow_DPI          ? 
# 
_refine_analyze.entry_id                        1PP7 
_refine_analyze.Luzzati_coordinate_error_obs    0.28 
_refine_analyze.Luzzati_sigma_a_obs             0.40 
_refine_analyze.Luzzati_d_res_low_obs           5.00 
_refine_analyze.Luzzati_coordinate_error_free   0.37 
_refine_analyze.Luzzati_sigma_a_free            0.47 
_refine_analyze.Luzzati_d_res_low_free          ? 
_refine_analyze.number_disordered_residues      ? 
_refine_analyze.occupancy_sum_hydrogen          ? 
_refine_analyze.occupancy_sum_non_hydrogen      ? 
_refine_analyze.pdbx_refine_id                  'X-RAY DIFFRACTION' 
# 
_refine_hist.pdbx_refine_id                   'X-RAY DIFFRACTION' 
_refine_hist.cycle_id                         LAST 
_refine_hist.pdbx_number_atoms_protein        928 
_refine_hist.pdbx_number_atoms_nucleic_acid   505 
_refine_hist.pdbx_number_atoms_ligand         7 
_refine_hist.number_atoms_solvent             65 
_refine_hist.number_atoms_total               1505 
_refine_hist.d_res_high                       2.45 
_refine_hist.d_res_low                        47.43 
# 
loop_
_refine_ls_restr.type 
_refine_ls_restr.dev_ideal 
_refine_ls_restr.dev_ideal_target 
_refine_ls_restr.weight 
_refine_ls_restr.number 
_refine_ls_restr.pdbx_refine_id 
_refine_ls_restr.pdbx_restraint_function 
c_bond_d           0.017 ?    ? ? 'X-RAY DIFFRACTION' ? 
c_angle_deg        1.9   ?    ? ? 'X-RAY DIFFRACTION' ? 
c_dihedral_angle_d 21.8  ?    ? ? 'X-RAY DIFFRACTION' ? 
c_improper_angle_d 1.64  ?    ? ? 'X-RAY DIFFRACTION' ? 
c_mcbond_it        2.84  1.50 ? ? 'X-RAY DIFFRACTION' ? 
c_mcangle_it       4.28  2.00 ? ? 'X-RAY DIFFRACTION' ? 
c_scbond_it        4.52  2.00 ? ? 'X-RAY DIFFRACTION' ? 
c_scangle_it       6.41  2.50 ? ? 'X-RAY DIFFRACTION' ? 
# 
_refine_ls_shell.pdbx_total_number_of_bins_used   6 
_refine_ls_shell.d_res_high                       2.45 
_refine_ls_shell.d_res_low                        2.60 
_refine_ls_shell.number_reflns_R_work             1118 
_refine_ls_shell.R_factor_R_work                  0.305 
_refine_ls_shell.percent_reflns_obs               95.3 
_refine_ls_shell.R_factor_R_free                  0.362 
_refine_ls_shell.R_factor_R_free_error            0.045 
_refine_ls_shell.percent_reflns_R_free            5.5 
_refine_ls_shell.number_reflns_R_free             65 
_refine_ls_shell.redundancy_reflns_obs            ? 
_refine_ls_shell.pdbx_refine_id                   'X-RAY DIFFRACTION' 
_refine_ls_shell.number_reflns_all                ? 
_refine_ls_shell.R_factor_all                     ? 
# 
loop_
_pdbx_xplor_file.serial_no 
_pdbx_xplor_file.param_file 
_pdbx_xplor_file.topol_file 
_pdbx_xplor_file.pdbx_refine_id 
1 PROTEIN_REP.PARAM PROTEIN.TOP 'X-RAY DIFFRACTION' 
2 DNA-RNA_REP.PARAM DNA-RNA.TOP 'X-RAY DIFFRACTION' 
3 WATER_REP.PARAM   WATER.TOP   'X-RAY DIFFRACTION' 
4 ION.PARAM         ION.TOP     'X-RAY DIFFRACTION' 
# 
_struct.entry_id                  1PP7 
_struct.title                     'Crystal structure of the T. vaginalis Initiator binding protein bound to the ferredoxin Inr' 
_struct.pdbx_model_details        ? 
_struct.pdbx_CASP_flag            ? 
_struct.pdbx_model_type_details   ? 
# 
_struct_keywords.entry_id        1PP7 
_struct_keywords.pdbx_keywords   Transcription/DNA 
_struct_keywords.text            
'Initiator, core promoter, transcription initation, IBP39, T. vaginalis, Transcription-DNA COMPLEX' 
# 
loop_
_struct_asym.id 
_struct_asym.pdbx_blank_PDB_chainid_flag 
_struct_asym.pdbx_modified 
_struct_asym.entity_id 
_struct_asym.details 
A N N 1 ? 
B N N 2 ? 
C N N 3 ? 
D N N 4 ? 
E N N 4 ? 
F N N 4 ? 
G N N 4 ? 
H N N 4 ? 
I N N 4 ? 
J N N 4 ? 
K N N 5 ? 
L N N 5 ? 
M N N 5 ? 
# 
loop_
_struct_ref.id 
_struct_ref.db_name 
_struct_ref.db_code 
_struct_ref.pdbx_db_accession 
_struct_ref.entity_id 
_struct_ref.pdbx_seq_one_letter_code 
_struct_ref.pdbx_align_begin 
_struct_ref.pdbx_db_isoform 
1 UNP Q95VR4_TRIVA Q95VR4 3 
;MDSNDLEASFTSRLPPEIVAALKRKSSRDPNSRFPRKLHMLLTYLASNPQLEEEIGLSWISDTEFKMKKKNVALVMGIKL
NTLNVNLRDLAFEQLQHDKGGWTQWKRSGFTRNSVFEDPTQNDSPM
;
1 ? 
2 PDB 1PP7         1PP7   1 ? ? ? 
3 PDB 1PP7         1PP7   2 ? ? ? 
# 
loop_
_struct_ref_seq.align_id 
_struct_ref_seq.ref_id 
_struct_ref_seq.pdbx_PDB_id_code 
_struct_ref_seq.pdbx_strand_id 
_struct_ref_seq.seq_align_beg 
_struct_ref_seq.pdbx_seq_align_beg_ins_code 
_struct_ref_seq.seq_align_end 
_struct_ref_seq.pdbx_seq_align_end_ins_code 
_struct_ref_seq.pdbx_db_accession 
_struct_ref_seq.db_align_beg 
_struct_ref_seq.pdbx_db_align_beg_ins_code 
_struct_ref_seq.db_align_end 
_struct_ref_seq.pdbx_db_align_end_ins_code 
_struct_ref_seq.pdbx_auth_seq_align_beg 
_struct_ref_seq.pdbx_auth_seq_align_end 
1 1 1PP7 U 1 ? 126 ? Q95VR4 1  ? 126 ? 1  126 
2 2 1PP7 E 1 ? 13  ? 1PP7   25 ? 37  ? 25 37  
3 3 1PP7 F 1 ? 13  ? 1PP7   3  ? 15  ? 3  15  
# 
loop_
_struct_ref_seq_dif.align_id 
_struct_ref_seq_dif.pdbx_pdb_id_code 
_struct_ref_seq_dif.mon_id 
_struct_ref_seq_dif.pdbx_pdb_strand_id 
_struct_ref_seq_dif.seq_num 
_struct_ref_seq_dif.pdbx_pdb_ins_code 
_struct_ref_seq_dif.pdbx_seq_db_name 
_struct_ref_seq_dif.pdbx_seq_db_accession_code 
_struct_ref_seq_dif.db_mon_id 
_struct_ref_seq_dif.pdbx_seq_db_seq_num 
_struct_ref_seq_dif.details 
_struct_ref_seq_dif.pdbx_auth_seq_num 
_struct_ref_seq_dif.pdbx_ordinal 
1 1PP7 HIS U 127 ? UNP Q95VR4 ? ? 'expression tag' 127 1 
1 1PP7 HIS U 128 ? UNP Q95VR4 ? ? 'expression tag' 128 2 
1 1PP7 HIS U 129 ? UNP Q95VR4 ? ? 'expression tag' 129 3 
1 1PP7 HIS U 130 ? UNP Q95VR4 ? ? 'expression tag' 130 4 
1 1PP7 HIS U 131 ? UNP Q95VR4 ? ? 'expression tag' 131 5 
# 
_pdbx_struct_assembly.id                   1 
_pdbx_struct_assembly.details              author_defined_assembly 
_pdbx_struct_assembly.method_details       ? 
_pdbx_struct_assembly.oligomeric_details   trimeric 
_pdbx_struct_assembly.oligomeric_count     3 
# 
_pdbx_struct_assembly_gen.assembly_id       1 
_pdbx_struct_assembly_gen.oper_expression   1 
_pdbx_struct_assembly_gen.asym_id_list      A,B,C,D,E,F,G,H,I,J,K,L,M 
# 
_pdbx_struct_oper_list.id                   1 
_pdbx_struct_oper_list.type                 'identity operation' 
_pdbx_struct_oper_list.name                 1_555 
_pdbx_struct_oper_list.symmetry_operation   x,y,z 
_pdbx_struct_oper_list.matrix[1][1]         1.0000000000 
_pdbx_struct_oper_list.matrix[1][2]         0.0000000000 
_pdbx_struct_oper_list.matrix[1][3]         0.0000000000 
_pdbx_struct_oper_list.vector[1]            0.0000000000 
_pdbx_struct_oper_list.matrix[2][1]         0.0000000000 
_pdbx_struct_oper_list.matrix[2][2]         1.0000000000 
_pdbx_struct_oper_list.matrix[2][3]         0.0000000000 
_pdbx_struct_oper_list.vector[2]            0.0000000000 
_pdbx_struct_oper_list.matrix[3][1]         0.0000000000 
_pdbx_struct_oper_list.matrix[3][2]         0.0000000000 
_pdbx_struct_oper_list.matrix[3][3]         1.0000000000 
_pdbx_struct_oper_list.vector[3]            0.0000000000 
# 
_struct_biol.id                    1 
_struct_biol.details               
'there is one IBD-FD Inr complex in the crystallographic asymmetric unit- the IBD binds DNA as a monomer' 
_struct_biol.pdbx_parent_biol_id   ? 
# 
loop_
_struct_conf.conf_type_id 
_struct_conf.id 
_struct_conf.pdbx_PDB_helix_id 
_struct_conf.beg_label_comp_id 
_struct_conf.beg_label_asym_id 
_struct_conf.beg_label_seq_id 
_struct_conf.pdbx_beg_PDB_ins_code 
_struct_conf.end_label_comp_id 
_struct_conf.end_label_asym_id 
_struct_conf.end_label_seq_id 
_struct_conf.pdbx_end_PDB_ins_code 
_struct_conf.beg_auth_comp_id 
_struct_conf.beg_auth_asym_id 
_struct_conf.beg_auth_seq_id 
_struct_conf.end_auth_comp_id 
_struct_conf.end_auth_asym_id 
_struct_conf.end_auth_seq_id 
_struct_conf.pdbx_PDB_helix_class 
_struct_conf.details 
_struct_conf.pdbx_PDB_helix_length 
HELX_P HELX_P1 1 ASP C 5  ? SER C 12 ? ASP U 5  SER U 12 1 ? 8  
HELX_P HELX_P2 2 PRO C 15 ? ARG C 24 ? PRO U 15 ARG U 24 1 ? 10 
HELX_P HELX_P3 3 ARG C 33 ? ALA C 46 ? ARG U 33 ALA U 46 1 ? 14 
HELX_P HELX_P4 4 ASN C 48 ? GLY C 56 ? ASN U 48 GLY U 56 1 ? 9  
HELX_P HELX_P5 5 LYS C 68 ? GLY C 77 ? LYS U 68 GLY U 77 1 ? 10 
HELX_P HELX_P6 6 LYS C 79 ? LEU C 90 ? LYS U 79 LEU U 90 1 ? 12 
# 
_struct_conf_type.id          HELX_P 
_struct_conf_type.criteria    ? 
_struct_conf_type.reference   ? 
# 
loop_
_struct_conn.id 
_struct_conn.conn_type_id 
_struct_conn.pdbx_leaving_atom_flag 
_struct_conn.pdbx_PDB_id 
_struct_conn.ptnr1_label_asym_id 
_struct_conn.ptnr1_label_comp_id 
_struct_conn.ptnr1_label_seq_id 
_struct_conn.ptnr1_label_atom_id 
_struct_conn.pdbx_ptnr1_label_alt_id 
_struct_conn.pdbx_ptnr1_PDB_ins_code 
_struct_conn.pdbx_ptnr1_standard_comp_id 
_struct_conn.ptnr1_symmetry 
_struct_conn.ptnr2_label_asym_id 
_struct_conn.ptnr2_label_comp_id 
_struct_conn.ptnr2_label_seq_id 
_struct_conn.ptnr2_label_atom_id 
_struct_conn.pdbx_ptnr2_label_alt_id 
_struct_conn.pdbx_ptnr2_PDB_ins_code 
_struct_conn.ptnr1_auth_asym_id 
_struct_conn.ptnr1_auth_comp_id 
_struct_conn.ptnr1_auth_seq_id 
_struct_conn.ptnr2_auth_asym_id 
_struct_conn.ptnr2_auth_comp_id 
_struct_conn.ptnr2_auth_seq_id 
_struct_conn.ptnr2_symmetry 
_struct_conn.pdbx_ptnr3_label_atom_id 
_struct_conn.pdbx_ptnr3_label_seq_id 
_struct_conn.pdbx_ptnr3_label_comp_id 
_struct_conn.pdbx_ptnr3_label_asym_id 
_struct_conn.pdbx_ptnr3_label_alt_id 
_struct_conn.pdbx_ptnr3_PDB_ins_code 
_struct_conn.details 
_struct_conn.pdbx_dist_value 
_struct_conn.pdbx_value_order 
_struct_conn.pdbx_role 
metalc1  metalc ? ? A DG  2  N7  ? ? ? 1_555 D ZN  .  ZN ? ? E DG  26  E ZN  74  1_555 ? ? ? ? ? ? ?            2.160 ? ? 
metalc2  metalc ? ? B DG  6  N7  ? ? ? 1_555 E ZN  .  ZN ? ? F DG  8   F ZN  72  1_555 ? ? ? ? ? ? ?            2.087 ? ? 
metalc3  metalc ? ? B DA  8  N7  ? ? ? 1_555 H ZN  .  ZN ? ? F DA  10  F ZN  77  1_555 ? ? ? ? ? ? ?            2.612 ? ? 
metalc4  metalc ? ? B DG  9  N7  ? ? ? 1_555 F ZN  .  ZN ? ? F DG  11  F ZN  73  1_555 ? ? ? ? ? ? ?            2.307 ? ? 
metalc5  metalc ? ? C GLU 7  OE2 ? ? ? 1_555 J ZN  .  ZN ? ? U GLU 7   U ZN  133 1_555 ? ? ? ? ? ? ?            2.514 ? ? 
metalc6  metalc ? ? C HIS 39 ND1 ? ? ? 1_555 I ZN  .  ZN ? ? U HIS 39  U ZN  132 1_555 ? ? ? ? ? ? ?            2.057 ? ? 
metalc7  metalc ? ? C GLU 93 OE2 ? ? ? 3_556 I ZN  .  ZN ? ? U GLU 93  U ZN  132 1_555 ? ? ? ? ? ? ?            2.052 ? ? 
metalc8  metalc ? ? I ZN  .  ZN  ? ? ? 1_555 M HOH .  O  ? ? U ZN  132 U HOH 143 3_556 ? ? ? ? ? ? ?            2.290 ? ? 
metalc9  metalc ? ? I ZN  .  ZN  ? ? ? 1_555 M HOH .  O  ? ? U ZN  132 U HOH 144 1_555 ? ? ? ? ? ? ?            2.314 ? ? 
hydrog1  hydrog ? ? A DG  2  N1  ? ? ? 1_555 B DC  13 N3 ? ? E DG  26  F DC  15  1_555 ? ? ? ? ? ? WATSON-CRICK ?     ? ? 
hydrog2  hydrog ? ? A DG  2  N2  ? ? ? 1_555 B DC  13 O2 ? ? E DG  26  F DC  15  1_555 ? ? ? ? ? ? WATSON-CRICK ?     ? ? 
hydrog3  hydrog ? ? A DG  2  O6  ? ? ? 1_555 B DC  13 N4 ? ? E DG  26  F DC  15  1_555 ? ? ? ? ? ? WATSON-CRICK ?     ? ? 
hydrog4  hydrog ? ? A DT  3  N3  ? ? ? 1_555 B DA  12 N1 ? ? E DT  27  F DA  14  1_555 ? ? ? ? ? ? WATSON-CRICK ?     ? ? 
hydrog5  hydrog ? ? A DT  3  O4  ? ? ? 1_555 B DA  12 N6 ? ? E DT  27  F DA  14  1_555 ? ? ? ? ? ? WATSON-CRICK ?     ? ? 
hydrog6  hydrog ? ? A DT  4  N3  ? ? ? 1_555 B DA  11 N1 ? ? E DT  28  F DA  13  1_555 ? ? ? ? ? ? WATSON-CRICK ?     ? ? 
hydrog7  hydrog ? ? A DT  4  O4  ? ? ? 1_555 B DA  11 N6 ? ? E DT  28  F DA  13  1_555 ? ? ? ? ? ? WATSON-CRICK ?     ? ? 
hydrog8  hydrog ? ? A DA  5  N1  ? ? ? 1_555 B DT  10 N3 ? ? E DA  29  F DT  12  1_555 ? ? ? ? ? ? WATSON-CRICK ?     ? ? 
hydrog9  hydrog ? ? A DA  5  N6  ? ? ? 1_555 B DT  10 O4 ? ? E DA  29  F DT  12  1_555 ? ? ? ? ? ? WATSON-CRICK ?     ? ? 
hydrog10 hydrog ? ? A DC  6  N3  ? ? ? 1_555 B DG  9  N1 ? ? E DC  30  F DG  11  1_555 ? ? ? ? ? ? WATSON-CRICK ?     ? ? 
hydrog11 hydrog ? ? A DC  6  N4  ? ? ? 1_555 B DG  9  O6 ? ? E DC  30  F DG  11  1_555 ? ? ? ? ? ? WATSON-CRICK ?     ? ? 
hydrog12 hydrog ? ? A DC  6  O2  ? ? ? 1_555 B DG  9  N2 ? ? E DC  30  F DG  11  1_555 ? ? ? ? ? ? WATSON-CRICK ?     ? ? 
hydrog13 hydrog ? ? A DT  7  N3  ? ? ? 1_555 B DA  8  N1 ? ? E DT  31  F DA  10  1_555 ? ? ? ? ? ? WATSON-CRICK ?     ? ? 
hydrog14 hydrog ? ? A DT  7  O4  ? ? ? 1_555 B DA  8  N6 ? ? E DT  31  F DA  10  1_555 ? ? ? ? ? ? WATSON-CRICK ?     ? ? 
hydrog15 hydrog ? ? A DT  8  N3  ? ? ? 1_555 B DA  7  N1 ? ? E DT  32  F DA  9   1_555 ? ? ? ? ? ? WATSON-CRICK ?     ? ? 
hydrog16 hydrog ? ? A DT  8  O4  ? ? ? 1_555 B DA  7  N6 ? ? E DT  32  F DA  9   1_555 ? ? ? ? ? ? WATSON-CRICK ?     ? ? 
hydrog17 hydrog ? ? A DC  9  N3  ? ? ? 1_555 B DG  6  N1 ? ? E DC  33  F DG  8   1_555 ? ? ? ? ? ? WATSON-CRICK ?     ? ? 
hydrog18 hydrog ? ? A DC  9  N4  ? ? ? 1_555 B DG  6  O6 ? ? E DC  33  F DG  8   1_555 ? ? ? ? ? ? WATSON-CRICK ?     ? ? 
hydrog19 hydrog ? ? A DC  9  O2  ? ? ? 1_555 B DG  6  N2 ? ? E DC  33  F DG  8   1_555 ? ? ? ? ? ? WATSON-CRICK ?     ? ? 
hydrog20 hydrog ? ? A DA  10 N1  ? ? ? 1_555 B DT  5  N3 ? ? E DA  34  F DT  7   1_555 ? ? ? ? ? ? WATSON-CRICK ?     ? ? 
hydrog21 hydrog ? ? A DA  10 N6  ? ? ? 1_555 B DT  5  O4 ? ? E DA  34  F DT  7   1_555 ? ? ? ? ? ? WATSON-CRICK ?     ? ? 
hydrog22 hydrog ? ? A DC  11 N3  ? ? ? 1_555 B DG  4  N1 ? ? E DC  35  F DG  6   1_555 ? ? ? ? ? ? WATSON-CRICK ?     ? ? 
hydrog23 hydrog ? ? A DC  11 N4  ? ? ? 1_555 B DG  4  O6 ? ? E DC  35  F DG  6   1_555 ? ? ? ? ? ? WATSON-CRICK ?     ? ? 
hydrog24 hydrog ? ? A DC  11 O2  ? ? ? 1_555 B DG  4  N2 ? ? E DC  35  F DG  6   1_555 ? ? ? ? ? ? WATSON-CRICK ?     ? ? 
hydrog25 hydrog ? ? A DT  12 N3  ? ? ? 1_555 B DA  3  N1 ? ? E DT  36  F DA  5   1_555 ? ? ? ? ? ? WATSON-CRICK ?     ? ? 
hydrog26 hydrog ? ? A DT  12 O4  ? ? ? 1_555 B DA  3  N6 ? ? E DT  36  F DA  5   1_555 ? ? ? ? ? ? WATSON-CRICK ?     ? ? 
hydrog27 hydrog ? ? A DT  13 N3  ? ? ? 1_555 B DA  2  N1 ? ? E DT  37  F DA  4   1_555 ? ? ? ? ? ? WATSON-CRICK ?     ? ? 
hydrog28 hydrog ? ? A DT  13 O4  ? ? ? 1_555 B DA  2  N6 ? ? E DT  37  F DA  4   1_555 ? ? ? ? ? ? WATSON-CRICK ?     ? ? 
# 
loop_
_struct_conn_type.id 
_struct_conn_type.criteria 
_struct_conn_type.reference 
metalc ? ? 
hydrog ? ? 
# 
loop_
_pdbx_struct_conn_angle.id 
_pdbx_struct_conn_angle.ptnr1_label_atom_id 
_pdbx_struct_conn_angle.ptnr1_label_alt_id 
_pdbx_struct_conn_angle.ptnr1_label_asym_id 
_pdbx_struct_conn_angle.ptnr1_label_comp_id 
_pdbx_struct_conn_angle.ptnr1_label_seq_id 
_pdbx_struct_conn_angle.ptnr1_auth_atom_id 
_pdbx_struct_conn_angle.ptnr1_auth_asym_id 
_pdbx_struct_conn_angle.ptnr1_auth_comp_id 
_pdbx_struct_conn_angle.ptnr1_auth_seq_id 
_pdbx_struct_conn_angle.ptnr1_PDB_ins_code 
_pdbx_struct_conn_angle.ptnr1_symmetry 
_pdbx_struct_conn_angle.ptnr2_label_atom_id 
_pdbx_struct_conn_angle.ptnr2_label_alt_id 
_pdbx_struct_conn_angle.ptnr2_label_asym_id 
_pdbx_struct_conn_angle.ptnr2_label_comp_id 
_pdbx_struct_conn_angle.ptnr2_label_seq_id 
_pdbx_struct_conn_angle.ptnr2_auth_atom_id 
_pdbx_struct_conn_angle.ptnr2_auth_asym_id 
_pdbx_struct_conn_angle.ptnr2_auth_comp_id 
_pdbx_struct_conn_angle.ptnr2_auth_seq_id 
_pdbx_struct_conn_angle.ptnr2_PDB_ins_code 
_pdbx_struct_conn_angle.ptnr2_symmetry 
_pdbx_struct_conn_angle.ptnr3_label_atom_id 
_pdbx_struct_conn_angle.ptnr3_label_alt_id 
_pdbx_struct_conn_angle.ptnr3_label_asym_id 
_pdbx_struct_conn_angle.ptnr3_label_comp_id 
_pdbx_struct_conn_angle.ptnr3_label_seq_id 
_pdbx_struct_conn_angle.ptnr3_auth_atom_id 
_pdbx_struct_conn_angle.ptnr3_auth_asym_id 
_pdbx_struct_conn_angle.ptnr3_auth_comp_id 
_pdbx_struct_conn_angle.ptnr3_auth_seq_id 
_pdbx_struct_conn_angle.ptnr3_PDB_ins_code 
_pdbx_struct_conn_angle.ptnr3_symmetry 
_pdbx_struct_conn_angle.value 
_pdbx_struct_conn_angle.value_esd 
1 ND1 ? C HIS 39 ? U HIS 39  ? 1_555 ZN ? I ZN . ? U ZN 132 ? 1_555 OE2 ? C GLU 93 ? U GLU 93  ? 3_556 89.3  ? 
2 ND1 ? C HIS 39 ? U HIS 39  ? 1_555 ZN ? I ZN . ? U ZN 132 ? 1_555 O   ? M HOH .  ? U HOH 143 ? 3_556 115.4 ? 
3 OE2 ? C GLU 93 ? U GLU 93  ? 3_556 ZN ? I ZN . ? U ZN 132 ? 1_555 O   ? M HOH .  ? U HOH 143 ? 3_556 103.7 ? 
4 ND1 ? C HIS 39 ? U HIS 39  ? 1_555 ZN ? I ZN . ? U ZN 132 ? 1_555 O   ? M HOH .  ? U HOH 144 ? 1_555 113.1 ? 
5 OE2 ? C GLU 93 ? U GLU 93  ? 3_556 ZN ? I ZN . ? U ZN 132 ? 1_555 O   ? M HOH .  ? U HOH 144 ? 1_555 125.3 ? 
6 O   ? M HOH .  ? U HOH 143 ? 3_556 ZN ? I ZN . ? U ZN 132 ? 1_555 O   ? M HOH .  ? U HOH 144 ? 1_555 109.1 ? 
# 
loop_
_struct_sheet.id 
_struct_sheet.type 
_struct_sheet.number_strands 
_struct_sheet.details 
A ? 4 ? 
B ? 2 ? 
# 
loop_
_struct_sheet_order.sheet_id 
_struct_sheet_order.range_id_1 
_struct_sheet_order.range_id_2 
_struct_sheet_order.offset 
_struct_sheet_order.sense 
A 1 2 ? anti-parallel 
A 2 3 ? anti-parallel 
A 3 4 ? anti-parallel 
B 1 2 ? anti-parallel 
# 
loop_
_struct_sheet_range.sheet_id 
_struct_sheet_range.id 
_struct_sheet_range.beg_label_comp_id 
_struct_sheet_range.beg_label_asym_id 
_struct_sheet_range.beg_label_seq_id 
_struct_sheet_range.pdbx_beg_PDB_ins_code 
_struct_sheet_range.end_label_comp_id 
_struct_sheet_range.end_label_asym_id 
_struct_sheet_range.end_label_seq_id 
_struct_sheet_range.pdbx_end_PDB_ins_code 
_struct_sheet_range.beg_auth_comp_id 
_struct_sheet_range.beg_auth_asym_id 
_struct_sheet_range.beg_auth_seq_id 
_struct_sheet_range.end_auth_comp_id 
_struct_sheet_range.end_auth_asym_id 
_struct_sheet_range.end_auth_seq_id 
A 1 LEU C 57  ? TRP C 59  ? LEU U 57  TRP U 59  
A 2 PHE C 65  ? MET C 67  ? PHE U 65  MET U 67  
A 3 TRP C 102 ? LYS C 106 ? TRP U 102 LYS U 106 
A 4 GLU C 93  ? LYS C 99  ? GLU U 93  LYS U 99  
B 1 PHE C 110 ? THR C 111 ? PHE U 110 THR U 111 
B 2 SER C 114 ? VAL C 115 ? SER U 114 VAL U 115 
# 
loop_
_pdbx_struct_sheet_hbond.sheet_id 
_pdbx_struct_sheet_hbond.range_id_1 
_pdbx_struct_sheet_hbond.range_id_2 
_pdbx_struct_sheet_hbond.range_1_label_atom_id 
_pdbx_struct_sheet_hbond.range_1_label_comp_id 
_pdbx_struct_sheet_hbond.range_1_label_asym_id 
_pdbx_struct_sheet_hbond.range_1_label_seq_id 
_pdbx_struct_sheet_hbond.range_1_PDB_ins_code 
_pdbx_struct_sheet_hbond.range_1_auth_atom_id 
_pdbx_struct_sheet_hbond.range_1_auth_comp_id 
_pdbx_struct_sheet_hbond.range_1_auth_asym_id 
_pdbx_struct_sheet_hbond.range_1_auth_seq_id 
_pdbx_struct_sheet_hbond.range_2_label_atom_id 
_pdbx_struct_sheet_hbond.range_2_label_comp_id 
_pdbx_struct_sheet_hbond.range_2_label_asym_id 
_pdbx_struct_sheet_hbond.range_2_label_seq_id 
_pdbx_struct_sheet_hbond.range_2_PDB_ins_code 
_pdbx_struct_sheet_hbond.range_2_auth_atom_id 
_pdbx_struct_sheet_hbond.range_2_auth_comp_id 
_pdbx_struct_sheet_hbond.range_2_auth_asym_id 
_pdbx_struct_sheet_hbond.range_2_auth_seq_id 
A 1 2 N SER C 58  ? N SER U 58  O LYS C 66  ? O LYS U 66  
A 2 3 N PHE C 65  ? N PHE U 65  O TRP C 105 ? O TRP U 105 
A 3 4 O LYS C 106 ? O LYS U 106 N GLU C 93  ? N GLU U 93  
B 1 2 N THR C 111 ? N THR U 111 O SER C 114 ? O SER U 114 
# 
loop_
_struct_site.id 
_struct_site.pdbx_evidence_code 
_struct_site.pdbx_auth_asym_id 
_struct_site.pdbx_auth_comp_id 
_struct_site.pdbx_auth_seq_id 
_struct_site.pdbx_auth_ins_code 
_struct_site.pdbx_num_residues 
_struct_site.details 
AC1 Software U ZN 132 ? 5 'BINDING SITE FOR RESIDUE ZN U 132' 
AC2 Software F ZN 72  ? 1 'BINDING SITE FOR RESIDUE ZN F 72'  
AC3 Software F ZN 73  ? 1 'BINDING SITE FOR RESIDUE ZN F 73'  
AC4 Software E ZN 74  ? 1 'BINDING SITE FOR RESIDUE ZN E 74'  
AC5 Software U ZN 133 ? 1 'BINDING SITE FOR RESIDUE ZN U 133' 
AC6 Software F ZN 76  ? 1 'BINDING SITE FOR RESIDUE ZN F 76'  
AC7 Software F ZN 77  ? 1 'BINDING SITE FOR RESIDUE ZN F 77'  
# 
loop_
_struct_site_gen.id 
_struct_site_gen.site_id 
_struct_site_gen.pdbx_num_res 
_struct_site_gen.label_comp_id 
_struct_site_gen.label_asym_id 
_struct_site_gen.label_seq_id 
_struct_site_gen.pdbx_auth_ins_code 
_struct_site_gen.auth_comp_id 
_struct_site_gen.auth_asym_id 
_struct_site_gen.auth_seq_id 
_struct_site_gen.label_atom_id 
_struct_site_gen.label_alt_id 
_struct_site_gen.symmetry 
_struct_site_gen.details 
1  AC1 5 HIS C 39  ? HIS U 39  . ? 1_555 ? 
2  AC1 5 GLU C 93  ? GLU U 93  . ? 3_556 ? 
3  AC1 5 LYS C 106 ? LYS U 106 . ? 3_556 ? 
4  AC1 5 HOH M .   ? HOH U 143 . ? 3_556 ? 
5  AC1 5 HOH M .   ? HOH U 144 . ? 1_555 ? 
6  AC2 1 DG  B 6   ? DG  F 8   . ? 1_555 ? 
7  AC3 1 DG  B 9   ? DG  F 11  . ? 1_555 ? 
8  AC4 1 DG  A 2   ? DG  E 26  . ? 1_555 ? 
9  AC5 1 GLU C 7   ? GLU U 7   . ? 1_555 ? 
10 AC6 1 DC  B 1   ? DC  F 3   . ? 1_555 ? 
11 AC7 1 DA  B 8   ? DA  F 10  . ? 1_555 ? 
# 
loop_
_pdbx_validate_rmsd_angle.id 
_pdbx_validate_rmsd_angle.PDB_model_num 
_pdbx_validate_rmsd_angle.auth_atom_id_1 
_pdbx_validate_rmsd_angle.auth_asym_id_1 
_pdbx_validate_rmsd_angle.auth_comp_id_1 
_pdbx_validate_rmsd_angle.auth_seq_id_1 
_pdbx_validate_rmsd_angle.PDB_ins_code_1 
_pdbx_validate_rmsd_angle.label_alt_id_1 
_pdbx_validate_rmsd_angle.auth_atom_id_2 
_pdbx_validate_rmsd_angle.auth_asym_id_2 
_pdbx_validate_rmsd_angle.auth_comp_id_2 
_pdbx_validate_rmsd_angle.auth_seq_id_2 
_pdbx_validate_rmsd_angle.PDB_ins_code_2 
_pdbx_validate_rmsd_angle.label_alt_id_2 
_pdbx_validate_rmsd_angle.auth_atom_id_3 
_pdbx_validate_rmsd_angle.auth_asym_id_3 
_pdbx_validate_rmsd_angle.auth_comp_id_3 
_pdbx_validate_rmsd_angle.auth_seq_id_3 
_pdbx_validate_rmsd_angle.PDB_ins_code_3 
_pdbx_validate_rmsd_angle.label_alt_id_3 
_pdbx_validate_rmsd_angle.angle_value 
_pdbx_validate_rmsd_angle.angle_target_value 
_pdbx_validate_rmsd_angle.angle_deviation 
_pdbx_validate_rmsd_angle.angle_standard_deviation 
_pdbx_validate_rmsd_angle.linker_flag 
1 1 "O5'" F DC  3   ? ? "C5'" F DC  3   ? ? "C4'" F DC  3   ? ? 102.00 109.40 -7.40  0.80 N 
2 1 CB    U VAL 115 ? ? CA    U VAL 115 ? ? C     U VAL 115 ? ? 99.81  111.40 -11.59 1.90 N 
# 
loop_
_pdbx_validate_torsion.id 
_pdbx_validate_torsion.PDB_model_num 
_pdbx_validate_torsion.auth_comp_id 
_pdbx_validate_torsion.auth_asym_id 
_pdbx_validate_torsion.auth_seq_id 
_pdbx_validate_torsion.PDB_ins_code 
_pdbx_validate_torsion.label_alt_id 
_pdbx_validate_torsion.phi 
_pdbx_validate_torsion.psi 
1 1 SER U 27  ? ? -123.02 -150.79 
2 1 LEU U 57  ? ? -166.32 99.75   
3 1 GLU U 117 ? ? 48.98   -131.14 
# 
loop_
_pdbx_validate_planes.id 
_pdbx_validate_planes.PDB_model_num 
_pdbx_validate_planes.auth_comp_id 
_pdbx_validate_planes.auth_asym_id 
_pdbx_validate_planes.auth_seq_id 
_pdbx_validate_planes.PDB_ins_code 
_pdbx_validate_planes.label_alt_id 
_pdbx_validate_planes.rmsd 
_pdbx_validate_planes.type 
1 1 DA F 4  ? ? 0.090 'SIDE CHAIN' 
2 1 DA F 9  ? ? 0.061 'SIDE CHAIN' 
3 1 DA F 10 ? ? 0.098 'SIDE CHAIN' 
# 
_pdbx_struct_special_symmetry.id              1 
_pdbx_struct_special_symmetry.PDB_model_num   1 
_pdbx_struct_special_symmetry.auth_asym_id    F 
_pdbx_struct_special_symmetry.auth_comp_id    HOH 
_pdbx_struct_special_symmetry.auth_seq_id     84 
_pdbx_struct_special_symmetry.PDB_ins_code    ? 
_pdbx_struct_special_symmetry.label_asym_id   L 
_pdbx_struct_special_symmetry.label_comp_id   HOH 
_pdbx_struct_special_symmetry.label_seq_id    . 
# 
loop_
_pdbx_unobs_or_zero_occ_residues.id 
_pdbx_unobs_or_zero_occ_residues.PDB_model_num 
_pdbx_unobs_or_zero_occ_residues.polymer_flag 
_pdbx_unobs_or_zero_occ_residues.occupancy_flag 
_pdbx_unobs_or_zero_occ_residues.auth_asym_id 
_pdbx_unobs_or_zero_occ_residues.auth_comp_id 
_pdbx_unobs_or_zero_occ_residues.auth_seq_id 
_pdbx_unobs_or_zero_occ_residues.PDB_ins_code 
_pdbx_unobs_or_zero_occ_residues.label_asym_id 
_pdbx_unobs_or_zero_occ_residues.label_comp_id 
_pdbx_unobs_or_zero_occ_residues.label_seq_id 
1  1 Y 1 E DG  25  ? A DG  1   
2  1 Y 1 U MET 1   ? C MET 1   
3  1 Y 1 U ASP 2   ? C ASP 2   
4  1 Y 1 U SER 3   ? C SER 3   
5  1 Y 1 U ASN 4   ? C ASN 4   
6  1 Y 1 U PRO 119 ? C PRO 119 
7  1 Y 1 U THR 120 ? C THR 120 
8  1 Y 1 U GLN 121 ? C GLN 121 
9  1 Y 1 U ASN 122 ? C ASN 122 
10 1 Y 1 U ASP 123 ? C ASP 123 
11 1 Y 1 U SER 124 ? C SER 124 
12 1 Y 1 U PRO 125 ? C PRO 125 
13 1 Y 1 U MET 126 ? C MET 126 
14 1 Y 1 U HIS 127 ? C HIS 127 
15 1 Y 1 U HIS 128 ? C HIS 128 
16 1 Y 1 U HIS 129 ? C HIS 129 
17 1 Y 1 U HIS 130 ? C HIS 130 
18 1 Y 1 U HIS 131 ? C HIS 131 
# 
loop_
_chem_comp_atom.comp_id 
_chem_comp_atom.atom_id 
_chem_comp_atom.type_symbol 
_chem_comp_atom.pdbx_aromatic_flag 
_chem_comp_atom.pdbx_stereo_config 
_chem_comp_atom.pdbx_ordinal 
ALA N      N  N N 1   
ALA CA     C  N S 2   
ALA C      C  N N 3   
ALA O      O  N N 4   
ALA CB     C  N N 5   
ALA OXT    O  N N 6   
ALA H      H  N N 7   
ALA H2     H  N N 8   
ALA HA     H  N N 9   
ALA HB1    H  N N 10  
ALA HB2    H  N N 11  
ALA HB3    H  N N 12  
ALA HXT    H  N N 13  
ARG N      N  N N 14  
ARG CA     C  N S 15  
ARG C      C  N N 16  
ARG O      O  N N 17  
ARG CB     C  N N 18  
ARG CG     C  N N 19  
ARG CD     C  N N 20  
ARG NE     N  N N 21  
ARG CZ     C  N N 22  
ARG NH1    N  N N 23  
ARG NH2    N  N N 24  
ARG OXT    O  N N 25  
ARG H      H  N N 26  
ARG H2     H  N N 27  
ARG HA     H  N N 28  
ARG HB2    H  N N 29  
ARG HB3    H  N N 30  
ARG HG2    H  N N 31  
ARG HG3    H  N N 32  
ARG HD2    H  N N 33  
ARG HD3    H  N N 34  
ARG HE     H  N N 35  
ARG HH11   H  N N 36  
ARG HH12   H  N N 37  
ARG HH21   H  N N 38  
ARG HH22   H  N N 39  
ARG HXT    H  N N 40  
ASN N      N  N N 41  
ASN CA     C  N S 42  
ASN C      C  N N 43  
ASN O      O  N N 44  
ASN CB     C  N N 45  
ASN CG     C  N N 46  
ASN OD1    O  N N 47  
ASN ND2    N  N N 48  
ASN OXT    O  N N 49  
ASN H      H  N N 50  
ASN H2     H  N N 51  
ASN HA     H  N N 52  
ASN HB2    H  N N 53  
ASN HB3    H  N N 54  
ASN HD21   H  N N 55  
ASN HD22   H  N N 56  
ASN HXT    H  N N 57  
ASP N      N  N N 58  
ASP CA     C  N S 59  
ASP C      C  N N 60  
ASP O      O  N N 61  
ASP CB     C  N N 62  
ASP CG     C  N N 63  
ASP OD1    O  N N 64  
ASP OD2    O  N N 65  
ASP OXT    O  N N 66  
ASP H      H  N N 67  
ASP H2     H  N N 68  
ASP HA     H  N N 69  
ASP HB2    H  N N 70  
ASP HB3    H  N N 71  
ASP HD2    H  N N 72  
ASP HXT    H  N N 73  
DA  OP3    O  N N 74  
DA  P      P  N N 75  
DA  OP1    O  N N 76  
DA  OP2    O  N N 77  
DA  "O5'"  O  N N 78  
DA  "C5'"  C  N N 79  
DA  "C4'"  C  N R 80  
DA  "O4'"  O  N N 81  
DA  "C3'"  C  N S 82  
DA  "O3'"  O  N N 83  
DA  "C2'"  C  N N 84  
DA  "C1'"  C  N R 85  
DA  N9     N  Y N 86  
DA  C8     C  Y N 87  
DA  N7     N  Y N 88  
DA  C5     C  Y N 89  
DA  C6     C  Y N 90  
DA  N6     N  N N 91  
DA  N1     N  Y N 92  
DA  C2     C  Y N 93  
DA  N3     N  Y N 94  
DA  C4     C  Y N 95  
DA  HOP3   H  N N 96  
DA  HOP2   H  N N 97  
DA  "H5'"  H  N N 98  
DA  "H5''" H  N N 99  
DA  "H4'"  H  N N 100 
DA  "H3'"  H  N N 101 
DA  "HO3'" H  N N 102 
DA  "H2'"  H  N N 103 
DA  "H2''" H  N N 104 
DA  "H1'"  H  N N 105 
DA  H8     H  N N 106 
DA  H61    H  N N 107 
DA  H62    H  N N 108 
DA  H2     H  N N 109 
DC  OP3    O  N N 110 
DC  P      P  N N 111 
DC  OP1    O  N N 112 
DC  OP2    O  N N 113 
DC  "O5'"  O  N N 114 
DC  "C5'"  C  N N 115 
DC  "C4'"  C  N R 116 
DC  "O4'"  O  N N 117 
DC  "C3'"  C  N S 118 
DC  "O3'"  O  N N 119 
DC  "C2'"  C  N N 120 
DC  "C1'"  C  N R 121 
DC  N1     N  N N 122 
DC  C2     C  N N 123 
DC  O2     O  N N 124 
DC  N3     N  N N 125 
DC  C4     C  N N 126 
DC  N4     N  N N 127 
DC  C5     C  N N 128 
DC  C6     C  N N 129 
DC  HOP3   H  N N 130 
DC  HOP2   H  N N 131 
DC  "H5'"  H  N N 132 
DC  "H5''" H  N N 133 
DC  "H4'"  H  N N 134 
DC  "H3'"  H  N N 135 
DC  "HO3'" H  N N 136 
DC  "H2'"  H  N N 137 
DC  "H2''" H  N N 138 
DC  "H1'"  H  N N 139 
DC  H41    H  N N 140 
DC  H42    H  N N 141 
DC  H5     H  N N 142 
DC  H6     H  N N 143 
DG  OP3    O  N N 144 
DG  P      P  N N 145 
DG  OP1    O  N N 146 
DG  OP2    O  N N 147 
DG  "O5'"  O  N N 148 
DG  "C5'"  C  N N 149 
DG  "C4'"  C  N R 150 
DG  "O4'"  O  N N 151 
DG  "C3'"  C  N S 152 
DG  "O3'"  O  N N 153 
DG  "C2'"  C  N N 154 
DG  "C1'"  C  N R 155 
DG  N9     N  Y N 156 
DG  C8     C  Y N 157 
DG  N7     N  Y N 158 
DG  C5     C  Y N 159 
DG  C6     C  N N 160 
DG  O6     O  N N 161 
DG  N1     N  N N 162 
DG  C2     C  N N 163 
DG  N2     N  N N 164 
DG  N3     N  N N 165 
DG  C4     C  Y N 166 
DG  HOP3   H  N N 167 
DG  HOP2   H  N N 168 
DG  "H5'"  H  N N 169 
DG  "H5''" H  N N 170 
DG  "H4'"  H  N N 171 
DG  "H3'"  H  N N 172 
DG  "HO3'" H  N N 173 
DG  "H2'"  H  N N 174 
DG  "H2''" H  N N 175 
DG  "H1'"  H  N N 176 
DG  H8     H  N N 177 
DG  H1     H  N N 178 
DG  H21    H  N N 179 
DG  H22    H  N N 180 
DT  OP3    O  N N 181 
DT  P      P  N N 182 
DT  OP1    O  N N 183 
DT  OP2    O  N N 184 
DT  "O5'"  O  N N 185 
DT  "C5'"  C  N N 186 
DT  "C4'"  C  N R 187 
DT  "O4'"  O  N N 188 
DT  "C3'"  C  N S 189 
DT  "O3'"  O  N N 190 
DT  "C2'"  C  N N 191 
DT  "C1'"  C  N R 192 
DT  N1     N  N N 193 
DT  C2     C  N N 194 
DT  O2     O  N N 195 
DT  N3     N  N N 196 
DT  C4     C  N N 197 
DT  O4     O  N N 198 
DT  C5     C  N N 199 
DT  C7     C  N N 200 
DT  C6     C  N N 201 
DT  HOP3   H  N N 202 
DT  HOP2   H  N N 203 
DT  "H5'"  H  N N 204 
DT  "H5''" H  N N 205 
DT  "H4'"  H  N N 206 
DT  "H3'"  H  N N 207 
DT  "HO3'" H  N N 208 
DT  "H2'"  H  N N 209 
DT  "H2''" H  N N 210 
DT  "H1'"  H  N N 211 
DT  H3     H  N N 212 
DT  H71    H  N N 213 
DT  H72    H  N N 214 
DT  H73    H  N N 215 
DT  H6     H  N N 216 
GLN N      N  N N 217 
GLN CA     C  N S 218 
GLN C      C  N N 219 
GLN O      O  N N 220 
GLN CB     C  N N 221 
GLN CG     C  N N 222 
GLN CD     C  N N 223 
GLN OE1    O  N N 224 
GLN NE2    N  N N 225 
GLN OXT    O  N N 226 
GLN H      H  N N 227 
GLN H2     H  N N 228 
GLN HA     H  N N 229 
GLN HB2    H  N N 230 
GLN HB3    H  N N 231 
GLN HG2    H  N N 232 
GLN HG3    H  N N 233 
GLN HE21   H  N N 234 
GLN HE22   H  N N 235 
GLN HXT    H  N N 236 
GLU N      N  N N 237 
GLU CA     C  N S 238 
GLU C      C  N N 239 
GLU O      O  N N 240 
GLU CB     C  N N 241 
GLU CG     C  N N 242 
GLU CD     C  N N 243 
GLU OE1    O  N N 244 
GLU OE2    O  N N 245 
GLU OXT    O  N N 246 
GLU H      H  N N 247 
GLU H2     H  N N 248 
GLU HA     H  N N 249 
GLU HB2    H  N N 250 
GLU HB3    H  N N 251 
GLU HG2    H  N N 252 
GLU HG3    H  N N 253 
GLU HE2    H  N N 254 
GLU HXT    H  N N 255 
GLY N      N  N N 256 
GLY CA     C  N N 257 
GLY C      C  N N 258 
GLY O      O  N N 259 
GLY OXT    O  N N 260 
GLY H      H  N N 261 
GLY H2     H  N N 262 
GLY HA2    H  N N 263 
GLY HA3    H  N N 264 
GLY HXT    H  N N 265 
HIS N      N  N N 266 
HIS CA     C  N S 267 
HIS C      C  N N 268 
HIS O      O  N N 269 
HIS CB     C  N N 270 
HIS CG     C  Y N 271 
HIS ND1    N  Y N 272 
HIS CD2    C  Y N 273 
HIS CE1    C  Y N 274 
HIS NE2    N  Y N 275 
HIS OXT    O  N N 276 
HIS H      H  N N 277 
HIS H2     H  N N 278 
HIS HA     H  N N 279 
HIS HB2    H  N N 280 
HIS HB3    H  N N 281 
HIS HD1    H  N N 282 
HIS HD2    H  N N 283 
HIS HE1    H  N N 284 
HIS HE2    H  N N 285 
HIS HXT    H  N N 286 
HOH O      O  N N 287 
HOH H1     H  N N 288 
HOH H2     H  N N 289 
ILE N      N  N N 290 
ILE CA     C  N S 291 
ILE C      C  N N 292 
ILE O      O  N N 293 
ILE CB     C  N S 294 
ILE CG1    C  N N 295 
ILE CG2    C  N N 296 
ILE CD1    C  N N 297 
ILE OXT    O  N N 298 
ILE H      H  N N 299 
ILE H2     H  N N 300 
ILE HA     H  N N 301 
ILE HB     H  N N 302 
ILE HG12   H  N N 303 
ILE HG13   H  N N 304 
ILE HG21   H  N N 305 
ILE HG22   H  N N 306 
ILE HG23   H  N N 307 
ILE HD11   H  N N 308 
ILE HD12   H  N N 309 
ILE HD13   H  N N 310 
ILE HXT    H  N N 311 
LEU N      N  N N 312 
LEU CA     C  N S 313 
LEU C      C  N N 314 
LEU O      O  N N 315 
LEU CB     C  N N 316 
LEU CG     C  N N 317 
LEU CD1    C  N N 318 
LEU CD2    C  N N 319 
LEU OXT    O  N N 320 
LEU H      H  N N 321 
LEU H2     H  N N 322 
LEU HA     H  N N 323 
LEU HB2    H  N N 324 
LEU HB3    H  N N 325 
LEU HG     H  N N 326 
LEU HD11   H  N N 327 
LEU HD12   H  N N 328 
LEU HD13   H  N N 329 
LEU HD21   H  N N 330 
LEU HD22   H  N N 331 
LEU HD23   H  N N 332 
LEU HXT    H  N N 333 
LYS N      N  N N 334 
LYS CA     C  N S 335 
LYS C      C  N N 336 
LYS O      O  N N 337 
LYS CB     C  N N 338 
LYS CG     C  N N 339 
LYS CD     C  N N 340 
LYS CE     C  N N 341 
LYS NZ     N  N N 342 
LYS OXT    O  N N 343 
LYS H      H  N N 344 
LYS H2     H  N N 345 
LYS HA     H  N N 346 
LYS HB2    H  N N 347 
LYS HB3    H  N N 348 
LYS HG2    H  N N 349 
LYS HG3    H  N N 350 
LYS HD2    H  N N 351 
LYS HD3    H  N N 352 
LYS HE2    H  N N 353 
LYS HE3    H  N N 354 
LYS HZ1    H  N N 355 
LYS HZ2    H  N N 356 
LYS HZ3    H  N N 357 
LYS HXT    H  N N 358 
MET N      N  N N 359 
MET CA     C  N S 360 
MET C      C  N N 361 
MET O      O  N N 362 
MET CB     C  N N 363 
MET CG     C  N N 364 
MET SD     S  N N 365 
MET CE     C  N N 366 
MET OXT    O  N N 367 
MET H      H  N N 368 
MET H2     H  N N 369 
MET HA     H  N N 370 
MET HB2    H  N N 371 
MET HB3    H  N N 372 
MET HG2    H  N N 373 
MET HG3    H  N N 374 
MET HE1    H  N N 375 
MET HE2    H  N N 376 
MET HE3    H  N N 377 
MET HXT    H  N N 378 
PHE N      N  N N 379 
PHE CA     C  N S 380 
PHE C      C  N N 381 
PHE O      O  N N 382 
PHE CB     C  N N 383 
PHE CG     C  Y N 384 
PHE CD1    C  Y N 385 
PHE CD2    C  Y N 386 
PHE CE1    C  Y N 387 
PHE CE2    C  Y N 388 
PHE CZ     C  Y N 389 
PHE OXT    O  N N 390 
PHE H      H  N N 391 
PHE H2     H  N N 392 
PHE HA     H  N N 393 
PHE HB2    H  N N 394 
PHE HB3    H  N N 395 
PHE HD1    H  N N 396 
PHE HD2    H  N N 397 
PHE HE1    H  N N 398 
PHE HE2    H  N N 399 
PHE HZ     H  N N 400 
PHE HXT    H  N N 401 
PRO N      N  N N 402 
PRO CA     C  N S 403 
PRO C      C  N N 404 
PRO O      O  N N 405 
PRO CB     C  N N 406 
PRO CG     C  N N 407 
PRO CD     C  N N 408 
PRO OXT    O  N N 409 
PRO H      H  N N 410 
PRO HA     H  N N 411 
PRO HB2    H  N N 412 
PRO HB3    H  N N 413 
PRO HG2    H  N N 414 
PRO HG3    H  N N 415 
PRO HD2    H  N N 416 
PRO HD3    H  N N 417 
PRO HXT    H  N N 418 
SER N      N  N N 419 
SER CA     C  N S 420 
SER C      C  N N 421 
SER O      O  N N 422 
SER CB     C  N N 423 
SER OG     O  N N 424 
SER OXT    O  N N 425 
SER H      H  N N 426 
SER H2     H  N N 427 
SER HA     H  N N 428 
SER HB2    H  N N 429 
SER HB3    H  N N 430 
SER HG     H  N N 431 
SER HXT    H  N N 432 
THR N      N  N N 433 
THR CA     C  N S 434 
THR C      C  N N 435 
THR O      O  N N 436 
THR CB     C  N R 437 
THR OG1    O  N N 438 
THR CG2    C  N N 439 
THR OXT    O  N N 440 
THR H      H  N N 441 
THR H2     H  N N 442 
THR HA     H  N N 443 
THR HB     H  N N 444 
THR HG1    H  N N 445 
THR HG21   H  N N 446 
THR HG22   H  N N 447 
THR HG23   H  N N 448 
THR HXT    H  N N 449 
TRP N      N  N N 450 
TRP CA     C  N S 451 
TRP C      C  N N 452 
TRP O      O  N N 453 
TRP CB     C  N N 454 
TRP CG     C  Y N 455 
TRP CD1    C  Y N 456 
TRP CD2    C  Y N 457 
TRP NE1    N  Y N 458 
TRP CE2    C  Y N 459 
TRP CE3    C  Y N 460 
TRP CZ2    C  Y N 461 
TRP CZ3    C  Y N 462 
TRP CH2    C  Y N 463 
TRP OXT    O  N N 464 
TRP H      H  N N 465 
TRP H2     H  N N 466 
TRP HA     H  N N 467 
TRP HB2    H  N N 468 
TRP HB3    H  N N 469 
TRP HD1    H  N N 470 
TRP HE1    H  N N 471 
TRP HE3    H  N N 472 
TRP HZ2    H  N N 473 
TRP HZ3    H  N N 474 
TRP HH2    H  N N 475 
TRP HXT    H  N N 476 
TYR N      N  N N 477 
TYR CA     C  N S 478 
TYR C      C  N N 479 
TYR O      O  N N 480 
TYR CB     C  N N 481 
TYR CG     C  Y N 482 
TYR CD1    C  Y N 483 
TYR CD2    C  Y N 484 
TYR CE1    C  Y N 485 
TYR CE2    C  Y N 486 
TYR CZ     C  Y N 487 
TYR OH     O  N N 488 
TYR OXT    O  N N 489 
TYR H      H  N N 490 
TYR H2     H  N N 491 
TYR HA     H  N N 492 
TYR HB2    H  N N 493 
TYR HB3    H  N N 494 
TYR HD1    H  N N 495 
TYR HD2    H  N N 496 
TYR HE1    H  N N 497 
TYR HE2    H  N N 498 
TYR HH     H  N N 499 
TYR HXT    H  N N 500 
VAL N      N  N N 501 
VAL CA     C  N S 502 
VAL C      C  N N 503 
VAL O      O  N N 504 
VAL CB     C  N N 505 
VAL CG1    C  N N 506 
VAL CG2    C  N N 507 
VAL OXT    O  N N 508 
VAL H      H  N N 509 
VAL H2     H  N N 510 
VAL HA     H  N N 511 
VAL HB     H  N N 512 
VAL HG11   H  N N 513 
VAL HG12   H  N N 514 
VAL HG13   H  N N 515 
VAL HG21   H  N N 516 
VAL HG22   H  N N 517 
VAL HG23   H  N N 518 
VAL HXT    H  N N 519 
ZN  ZN     ZN N N 520 
# 
loop_
_chem_comp_bond.comp_id 
_chem_comp_bond.atom_id_1 
_chem_comp_bond.atom_id_2 
_chem_comp_bond.value_order 
_chem_comp_bond.pdbx_aromatic_flag 
_chem_comp_bond.pdbx_stereo_config 
_chem_comp_bond.pdbx_ordinal 
ALA N     CA     sing N N 1   
ALA N     H      sing N N 2   
ALA N     H2     sing N N 3   
ALA CA    C      sing N N 4   
ALA CA    CB     sing N N 5   
ALA CA    HA     sing N N 6   
ALA C     O      doub N N 7   
ALA C     OXT    sing N N 8   
ALA CB    HB1    sing N N 9   
ALA CB    HB2    sing N N 10  
ALA CB    HB3    sing N N 11  
ALA OXT   HXT    sing N N 12  
ARG N     CA     sing N N 13  
ARG N     H      sing N N 14  
ARG N     H2     sing N N 15  
ARG CA    C      sing N N 16  
ARG CA    CB     sing N N 17  
ARG CA    HA     sing N N 18  
ARG C     O      doub N N 19  
ARG C     OXT    sing N N 20  
ARG CB    CG     sing N N 21  
ARG CB    HB2    sing N N 22  
ARG CB    HB3    sing N N 23  
ARG CG    CD     sing N N 24  
ARG CG    HG2    sing N N 25  
ARG CG    HG3    sing N N 26  
ARG CD    NE     sing N N 27  
ARG CD    HD2    sing N N 28  
ARG CD    HD3    sing N N 29  
ARG NE    CZ     sing N N 30  
ARG NE    HE     sing N N 31  
ARG CZ    NH1    sing N N 32  
ARG CZ    NH2    doub N N 33  
ARG NH1   HH11   sing N N 34  
ARG NH1   HH12   sing N N 35  
ARG NH2   HH21   sing N N 36  
ARG NH2   HH22   sing N N 37  
ARG OXT   HXT    sing N N 38  
ASN N     CA     sing N N 39  
ASN N     H      sing N N 40  
ASN N     H2     sing N N 41  
ASN CA    C      sing N N 42  
ASN CA    CB     sing N N 43  
ASN CA    HA     sing N N 44  
ASN C     O      doub N N 45  
ASN C     OXT    sing N N 46  
ASN CB    CG     sing N N 47  
ASN CB    HB2    sing N N 48  
ASN CB    HB3    sing N N 49  
ASN CG    OD1    doub N N 50  
ASN CG    ND2    sing N N 51  
ASN ND2   HD21   sing N N 52  
ASN ND2   HD22   sing N N 53  
ASN OXT   HXT    sing N N 54  
ASP N     CA     sing N N 55  
ASP N     H      sing N N 56  
ASP N     H2     sing N N 57  
ASP CA    C      sing N N 58  
ASP CA    CB     sing N N 59  
ASP CA    HA     sing N N 60  
ASP C     O      doub N N 61  
ASP C     OXT    sing N N 62  
ASP CB    CG     sing N N 63  
ASP CB    HB2    sing N N 64  
ASP CB    HB3    sing N N 65  
ASP CG    OD1    doub N N 66  
ASP CG    OD2    sing N N 67  
ASP OD2   HD2    sing N N 68  
ASP OXT   HXT    sing N N 69  
DA  OP3   P      sing N N 70  
DA  OP3   HOP3   sing N N 71  
DA  P     OP1    doub N N 72  
DA  P     OP2    sing N N 73  
DA  P     "O5'"  sing N N 74  
DA  OP2   HOP2   sing N N 75  
DA  "O5'" "C5'"  sing N N 76  
DA  "C5'" "C4'"  sing N N 77  
DA  "C5'" "H5'"  sing N N 78  
DA  "C5'" "H5''" sing N N 79  
DA  "C4'" "O4'"  sing N N 80  
DA  "C4'" "C3'"  sing N N 81  
DA  "C4'" "H4'"  sing N N 82  
DA  "O4'" "C1'"  sing N N 83  
DA  "C3'" "O3'"  sing N N 84  
DA  "C3'" "C2'"  sing N N 85  
DA  "C3'" "H3'"  sing N N 86  
DA  "O3'" "HO3'" sing N N 87  
DA  "C2'" "C1'"  sing N N 88  
DA  "C2'" "H2'"  sing N N 89  
DA  "C2'" "H2''" sing N N 90  
DA  "C1'" N9     sing N N 91  
DA  "C1'" "H1'"  sing N N 92  
DA  N9    C8     sing Y N 93  
DA  N9    C4     sing Y N 94  
DA  C8    N7     doub Y N 95  
DA  C8    H8     sing N N 96  
DA  N7    C5     sing Y N 97  
DA  C5    C6     sing Y N 98  
DA  C5    C4     doub Y N 99  
DA  C6    N6     sing N N 100 
DA  C6    N1     doub Y N 101 
DA  N6    H61    sing N N 102 
DA  N6    H62    sing N N 103 
DA  N1    C2     sing Y N 104 
DA  C2    N3     doub Y N 105 
DA  C2    H2     sing N N 106 
DA  N3    C4     sing Y N 107 
DC  OP3   P      sing N N 108 
DC  OP3   HOP3   sing N N 109 
DC  P     OP1    doub N N 110 
DC  P     OP2    sing N N 111 
DC  P     "O5'"  sing N N 112 
DC  OP2   HOP2   sing N N 113 
DC  "O5'" "C5'"  sing N N 114 
DC  "C5'" "C4'"  sing N N 115 
DC  "C5'" "H5'"  sing N N 116 
DC  "C5'" "H5''" sing N N 117 
DC  "C4'" "O4'"  sing N N 118 
DC  "C4'" "C3'"  sing N N 119 
DC  "C4'" "H4'"  sing N N 120 
DC  "O4'" "C1'"  sing N N 121 
DC  "C3'" "O3'"  sing N N 122 
DC  "C3'" "C2'"  sing N N 123 
DC  "C3'" "H3'"  sing N N 124 
DC  "O3'" "HO3'" sing N N 125 
DC  "C2'" "C1'"  sing N N 126 
DC  "C2'" "H2'"  sing N N 127 
DC  "C2'" "H2''" sing N N 128 
DC  "C1'" N1     sing N N 129 
DC  "C1'" "H1'"  sing N N 130 
DC  N1    C2     sing N N 131 
DC  N1    C6     sing N N 132 
DC  C2    O2     doub N N 133 
DC  C2    N3     sing N N 134 
DC  N3    C4     doub N N 135 
DC  C4    N4     sing N N 136 
DC  C4    C5     sing N N 137 
DC  N4    H41    sing N N 138 
DC  N4    H42    sing N N 139 
DC  C5    C6     doub N N 140 
DC  C5    H5     sing N N 141 
DC  C6    H6     sing N N 142 
DG  OP3   P      sing N N 143 
DG  OP3   HOP3   sing N N 144 
DG  P     OP1    doub N N 145 
DG  P     OP2    sing N N 146 
DG  P     "O5'"  sing N N 147 
DG  OP2   HOP2   sing N N 148 
DG  "O5'" "C5'"  sing N N 149 
DG  "C5'" "C4'"  sing N N 150 
DG  "C5'" "H5'"  sing N N 151 
DG  "C5'" "H5''" sing N N 152 
DG  "C4'" "O4'"  sing N N 153 
DG  "C4'" "C3'"  sing N N 154 
DG  "C4'" "H4'"  sing N N 155 
DG  "O4'" "C1'"  sing N N 156 
DG  "C3'" "O3'"  sing N N 157 
DG  "C3'" "C2'"  sing N N 158 
DG  "C3'" "H3'"  sing N N 159 
DG  "O3'" "HO3'" sing N N 160 
DG  "C2'" "C1'"  sing N N 161 
DG  "C2'" "H2'"  sing N N 162 
DG  "C2'" "H2''" sing N N 163 
DG  "C1'" N9     sing N N 164 
DG  "C1'" "H1'"  sing N N 165 
DG  N9    C8     sing Y N 166 
DG  N9    C4     sing Y N 167 
DG  C8    N7     doub Y N 168 
DG  C8    H8     sing N N 169 
DG  N7    C5     sing Y N 170 
DG  C5    C6     sing N N 171 
DG  C5    C4     doub Y N 172 
DG  C6    O6     doub N N 173 
DG  C6    N1     sing N N 174 
DG  N1    C2     sing N N 175 
DG  N1    H1     sing N N 176 
DG  C2    N2     sing N N 177 
DG  C2    N3     doub N N 178 
DG  N2    H21    sing N N 179 
DG  N2    H22    sing N N 180 
DG  N3    C4     sing N N 181 
DT  OP3   P      sing N N 182 
DT  OP3   HOP3   sing N N 183 
DT  P     OP1    doub N N 184 
DT  P     OP2    sing N N 185 
DT  P     "O5'"  sing N N 186 
DT  OP2   HOP2   sing N N 187 
DT  "O5'" "C5'"  sing N N 188 
DT  "C5'" "C4'"  sing N N 189 
DT  "C5'" "H5'"  sing N N 190 
DT  "C5'" "H5''" sing N N 191 
DT  "C4'" "O4'"  sing N N 192 
DT  "C4'" "C3'"  sing N N 193 
DT  "C4'" "H4'"  sing N N 194 
DT  "O4'" "C1'"  sing N N 195 
DT  "C3'" "O3'"  sing N N 196 
DT  "C3'" "C2'"  sing N N 197 
DT  "C3'" "H3'"  sing N N 198 
DT  "O3'" "HO3'" sing N N 199 
DT  "C2'" "C1'"  sing N N 200 
DT  "C2'" "H2'"  sing N N 201 
DT  "C2'" "H2''" sing N N 202 
DT  "C1'" N1     sing N N 203 
DT  "C1'" "H1'"  sing N N 204 
DT  N1    C2     sing N N 205 
DT  N1    C6     sing N N 206 
DT  C2    O2     doub N N 207 
DT  C2    N3     sing N N 208 
DT  N3    C4     sing N N 209 
DT  N3    H3     sing N N 210 
DT  C4    O4     doub N N 211 
DT  C4    C5     sing N N 212 
DT  C5    C7     sing N N 213 
DT  C5    C6     doub N N 214 
DT  C7    H71    sing N N 215 
DT  C7    H72    sing N N 216 
DT  C7    H73    sing N N 217 
DT  C6    H6     sing N N 218 
GLN N     CA     sing N N 219 
GLN N     H      sing N N 220 
GLN N     H2     sing N N 221 
GLN CA    C      sing N N 222 
GLN CA    CB     sing N N 223 
GLN CA    HA     sing N N 224 
GLN C     O      doub N N 225 
GLN C     OXT    sing N N 226 
GLN CB    CG     sing N N 227 
GLN CB    HB2    sing N N 228 
GLN CB    HB3    sing N N 229 
GLN CG    CD     sing N N 230 
GLN CG    HG2    sing N N 231 
GLN CG    HG3    sing N N 232 
GLN CD    OE1    doub N N 233 
GLN CD    NE2    sing N N 234 
GLN NE2   HE21   sing N N 235 
GLN NE2   HE22   sing N N 236 
GLN OXT   HXT    sing N N 237 
GLU N     CA     sing N N 238 
GLU N     H      sing N N 239 
GLU N     H2     sing N N 240 
GLU CA    C      sing N N 241 
GLU CA    CB     sing N N 242 
GLU CA    HA     sing N N 243 
GLU C     O      doub N N 244 
GLU C     OXT    sing N N 245 
GLU CB    CG     sing N N 246 
GLU CB    HB2    sing N N 247 
GLU CB    HB3    sing N N 248 
GLU CG    CD     sing N N 249 
GLU CG    HG2    sing N N 250 
GLU CG    HG3    sing N N 251 
GLU CD    OE1    doub N N 252 
GLU CD    OE2    sing N N 253 
GLU OE2   HE2    sing N N 254 
GLU OXT   HXT    sing N N 255 
GLY N     CA     sing N N 256 
GLY N     H      sing N N 257 
GLY N     H2     sing N N 258 
GLY CA    C      sing N N 259 
GLY CA    HA2    sing N N 260 
GLY CA    HA3    sing N N 261 
GLY C     O      doub N N 262 
GLY C     OXT    sing N N 263 
GLY OXT   HXT    sing N N 264 
HIS N     CA     sing N N 265 
HIS N     H      sing N N 266 
HIS N     H2     sing N N 267 
HIS CA    C      sing N N 268 
HIS CA    CB     sing N N 269 
HIS CA    HA     sing N N 270 
HIS C     O      doub N N 271 
HIS C     OXT    sing N N 272 
HIS CB    CG     sing N N 273 
HIS CB    HB2    sing N N 274 
HIS CB    HB3    sing N N 275 
HIS CG    ND1    sing Y N 276 
HIS CG    CD2    doub Y N 277 
HIS ND1   CE1    doub Y N 278 
HIS ND1   HD1    sing N N 279 
HIS CD2   NE2    sing Y N 280 
HIS CD2   HD2    sing N N 281 
HIS CE1   NE2    sing Y N 282 
HIS CE1   HE1    sing N N 283 
HIS NE2   HE2    sing N N 284 
HIS OXT   HXT    sing N N 285 
HOH O     H1     sing N N 286 
HOH O     H2     sing N N 287 
ILE N     CA     sing N N 288 
ILE N     H      sing N N 289 
ILE N     H2     sing N N 290 
ILE CA    C      sing N N 291 
ILE CA    CB     sing N N 292 
ILE CA    HA     sing N N 293 
ILE C     O      doub N N 294 
ILE C     OXT    sing N N 295 
ILE CB    CG1    sing N N 296 
ILE CB    CG2    sing N N 297 
ILE CB    HB     sing N N 298 
ILE CG1   CD1    sing N N 299 
ILE CG1   HG12   sing N N 300 
ILE CG1   HG13   sing N N 301 
ILE CG2   HG21   sing N N 302 
ILE CG2   HG22   sing N N 303 
ILE CG2   HG23   sing N N 304 
ILE CD1   HD11   sing N N 305 
ILE CD1   HD12   sing N N 306 
ILE CD1   HD13   sing N N 307 
ILE OXT   HXT    sing N N 308 
LEU N     CA     sing N N 309 
LEU N     H      sing N N 310 
LEU N     H2     sing N N 311 
LEU CA    C      sing N N 312 
LEU CA    CB     sing N N 313 
LEU CA    HA     sing N N 314 
LEU C     O      doub N N 315 
LEU C     OXT    sing N N 316 
LEU CB    CG     sing N N 317 
LEU CB    HB2    sing N N 318 
LEU CB    HB3    sing N N 319 
LEU CG    CD1    sing N N 320 
LEU CG    CD2    sing N N 321 
LEU CG    HG     sing N N 322 
LEU CD1   HD11   sing N N 323 
LEU CD1   HD12   sing N N 324 
LEU CD1   HD13   sing N N 325 
LEU CD2   HD21   sing N N 326 
LEU CD2   HD22   sing N N 327 
LEU CD2   HD23   sing N N 328 
LEU OXT   HXT    sing N N 329 
LYS N     CA     sing N N 330 
LYS N     H      sing N N 331 
LYS N     H2     sing N N 332 
LYS CA    C      sing N N 333 
LYS CA    CB     sing N N 334 
LYS CA    HA     sing N N 335 
LYS C     O      doub N N 336 
LYS C     OXT    sing N N 337 
LYS CB    CG     sing N N 338 
LYS CB    HB2    sing N N 339 
LYS CB    HB3    sing N N 340 
LYS CG    CD     sing N N 341 
LYS CG    HG2    sing N N 342 
LYS CG    HG3    sing N N 343 
LYS CD    CE     sing N N 344 
LYS CD    HD2    sing N N 345 
LYS CD    HD3    sing N N 346 
LYS CE    NZ     sing N N 347 
LYS CE    HE2    sing N N 348 
LYS CE    HE3    sing N N 349 
LYS NZ    HZ1    sing N N 350 
LYS NZ    HZ2    sing N N 351 
LYS NZ    HZ3    sing N N 352 
LYS OXT   HXT    sing N N 353 
MET N     CA     sing N N 354 
MET N     H      sing N N 355 
MET N     H2     sing N N 356 
MET CA    C      sing N N 357 
MET CA    CB     sing N N 358 
MET CA    HA     sing N N 359 
MET C     O      doub N N 360 
MET C     OXT    sing N N 361 
MET CB    CG     sing N N 362 
MET CB    HB2    sing N N 363 
MET CB    HB3    sing N N 364 
MET CG    SD     sing N N 365 
MET CG    HG2    sing N N 366 
MET CG    HG3    sing N N 367 
MET SD    CE     sing N N 368 
MET CE    HE1    sing N N 369 
MET CE    HE2    sing N N 370 
MET CE    HE3    sing N N 371 
MET OXT   HXT    sing N N 372 
PHE N     CA     sing N N 373 
PHE N     H      sing N N 374 
PHE N     H2     sing N N 375 
PHE CA    C      sing N N 376 
PHE CA    CB     sing N N 377 
PHE CA    HA     sing N N 378 
PHE C     O      doub N N 379 
PHE C     OXT    sing N N 380 
PHE CB    CG     sing N N 381 
PHE CB    HB2    sing N N 382 
PHE CB    HB3    sing N N 383 
PHE CG    CD1    doub Y N 384 
PHE CG    CD2    sing Y N 385 
PHE CD1   CE1    sing Y N 386 
PHE CD1   HD1    sing N N 387 
PHE CD2   CE2    doub Y N 388 
PHE CD2   HD2    sing N N 389 
PHE CE1   CZ     doub Y N 390 
PHE CE1   HE1    sing N N 391 
PHE CE2   CZ     sing Y N 392 
PHE CE2   HE2    sing N N 393 
PHE CZ    HZ     sing N N 394 
PHE OXT   HXT    sing N N 395 
PRO N     CA     sing N N 396 
PRO N     CD     sing N N 397 
PRO N     H      sing N N 398 
PRO CA    C      sing N N 399 
PRO CA    CB     sing N N 400 
PRO CA    HA     sing N N 401 
PRO C     O      doub N N 402 
PRO C     OXT    sing N N 403 
PRO CB    CG     sing N N 404 
PRO CB    HB2    sing N N 405 
PRO CB    HB3    sing N N 406 
PRO CG    CD     sing N N 407 
PRO CG    HG2    sing N N 408 
PRO CG    HG3    sing N N 409 
PRO CD    HD2    sing N N 410 
PRO CD    HD3    sing N N 411 
PRO OXT   HXT    sing N N 412 
SER N     CA     sing N N 413 
SER N     H      sing N N 414 
SER N     H2     sing N N 415 
SER CA    C      sing N N 416 
SER CA    CB     sing N N 417 
SER CA    HA     sing N N 418 
SER C     O      doub N N 419 
SER C     OXT    sing N N 420 
SER CB    OG     sing N N 421 
SER CB    HB2    sing N N 422 
SER CB    HB3    sing N N 423 
SER OG    HG     sing N N 424 
SER OXT   HXT    sing N N 425 
THR N     CA     sing N N 426 
THR N     H      sing N N 427 
THR N     H2     sing N N 428 
THR CA    C      sing N N 429 
THR CA    CB     sing N N 430 
THR CA    HA     sing N N 431 
THR C     O      doub N N 432 
THR C     OXT    sing N N 433 
THR CB    OG1    sing N N 434 
THR CB    CG2    sing N N 435 
THR CB    HB     sing N N 436 
THR OG1   HG1    sing N N 437 
THR CG2   HG21   sing N N 438 
THR CG2   HG22   sing N N 439 
THR CG2   HG23   sing N N 440 
THR OXT   HXT    sing N N 441 
TRP N     CA     sing N N 442 
TRP N     H      sing N N 443 
TRP N     H2     sing N N 444 
TRP CA    C      sing N N 445 
TRP CA    CB     sing N N 446 
TRP CA    HA     sing N N 447 
TRP C     O      doub N N 448 
TRP C     OXT    sing N N 449 
TRP CB    CG     sing N N 450 
TRP CB    HB2    sing N N 451 
TRP CB    HB3    sing N N 452 
TRP CG    CD1    doub Y N 453 
TRP CG    CD2    sing Y N 454 
TRP CD1   NE1    sing Y N 455 
TRP CD1   HD1    sing N N 456 
TRP CD2   CE2    doub Y N 457 
TRP CD2   CE3    sing Y N 458 
TRP NE1   CE2    sing Y N 459 
TRP NE1   HE1    sing N N 460 
TRP CE2   CZ2    sing Y N 461 
TRP CE3   CZ3    doub Y N 462 
TRP CE3   HE3    sing N N 463 
TRP CZ2   CH2    doub Y N 464 
TRP CZ2   HZ2    sing N N 465 
TRP CZ3   CH2    sing Y N 466 
TRP CZ3   HZ3    sing N N 467 
TRP CH2   HH2    sing N N 468 
TRP OXT   HXT    sing N N 469 
TYR N     CA     sing N N 470 
TYR N     H      sing N N 471 
TYR N     H2     sing N N 472 
TYR CA    C      sing N N 473 
TYR CA    CB     sing N N 474 
TYR CA    HA     sing N N 475 
TYR C     O      doub N N 476 
TYR C     OXT    sing N N 477 
TYR CB    CG     sing N N 478 
TYR CB    HB2    sing N N 479 
TYR CB    HB3    sing N N 480 
TYR CG    CD1    doub Y N 481 
TYR CG    CD2    sing Y N 482 
TYR CD1   CE1    sing Y N 483 
TYR CD1   HD1    sing N N 484 
TYR CD2   CE2    doub Y N 485 
TYR CD2   HD2    sing N N 486 
TYR CE1   CZ     doub Y N 487 
TYR CE1   HE1    sing N N 488 
TYR CE2   CZ     sing Y N 489 
TYR CE2   HE2    sing N N 490 
TYR CZ    OH     sing N N 491 
TYR OH    HH     sing N N 492 
TYR OXT   HXT    sing N N 493 
VAL N     CA     sing N N 494 
VAL N     H      sing N N 495 
VAL N     H2     sing N N 496 
VAL CA    C      sing N N 497 
VAL CA    CB     sing N N 498 
VAL CA    HA     sing N N 499 
VAL C     O      doub N N 500 
VAL C     OXT    sing N N 501 
VAL CB    CG1    sing N N 502 
VAL CB    CG2    sing N N 503 
VAL CB    HB     sing N N 504 
VAL CG1   HG11   sing N N 505 
VAL CG1   HG12   sing N N 506 
VAL CG1   HG13   sing N N 507 
VAL CG2   HG21   sing N N 508 
VAL CG2   HG22   sing N N 509 
VAL CG2   HG23   sing N N 510 
VAL OXT   HXT    sing N N 511 
# 
_ndb_struct_conf_na.entry_id   1PP7 
_ndb_struct_conf_na.feature    'b-form double helix' 
# 
loop_
_ndb_struct_na_base_pair.model_number 
_ndb_struct_na_base_pair.i_label_asym_id 
_ndb_struct_na_base_pair.i_label_comp_id 
_ndb_struct_na_base_pair.i_label_seq_id 
_ndb_struct_na_base_pair.i_symmetry 
_ndb_struct_na_base_pair.j_label_asym_id 
_ndb_struct_na_base_pair.j_label_comp_id 
_ndb_struct_na_base_pair.j_label_seq_id 
_ndb_struct_na_base_pair.j_symmetry 
_ndb_struct_na_base_pair.shear 
_ndb_struct_na_base_pair.stretch 
_ndb_struct_na_base_pair.stagger 
_ndb_struct_na_base_pair.buckle 
_ndb_struct_na_base_pair.propeller 
_ndb_struct_na_base_pair.opening 
_ndb_struct_na_base_pair.pair_number 
_ndb_struct_na_base_pair.pair_name 
_ndb_struct_na_base_pair.i_auth_asym_id 
_ndb_struct_na_base_pair.i_auth_seq_id 
_ndb_struct_na_base_pair.i_PDB_ins_code 
_ndb_struct_na_base_pair.j_auth_asym_id 
_ndb_struct_na_base_pair.j_auth_seq_id 
_ndb_struct_na_base_pair.j_PDB_ins_code 
_ndb_struct_na_base_pair.hbond_type_28 
_ndb_struct_na_base_pair.hbond_type_12 
1 A DG 2  1_555 B DC 13 1_555 -0.281 -0.315 -0.344 -8.619  -7.702  -2.973 1  E_DG26:DC15_F E 26 ? F 15 ? 19 1 
1 A DT 3  1_555 B DA 12 1_555 -0.350 0.088  0.114  -10.312 -16.725 6.099  2  E_DT27:DA14_F E 27 ? F 14 ? 20 1 
1 A DT 4  1_555 B DA 11 1_555 -0.112 -0.356 -0.035 -16.584 -10.032 0.748  3  E_DT28:DA13_F E 28 ? F 13 ? 20 1 
1 A DA 5  1_555 B DT 10 1_555 0.280  0.064  -0.148 3.281   -8.116  -0.111 4  E_DA29:DT12_F E 29 ? F 12 ? 20 1 
1 A DC 6  1_555 B DG 9  1_555 0.145  -0.241 0.000  1.749   -10.207 -1.603 5  E_DC30:DG11_F E 30 ? F 11 ? 19 1 
1 A DT 7  1_555 B DA 8  1_555 -0.118 -0.216 0.040  4.997   -15.985 -2.973 6  E_DT31:DA10_F E 31 ? F 10 ? 20 1 
1 A DT 8  1_555 B DA 7  1_555 -0.186 0.057  -0.309 3.330   -15.920 0.527  7  E_DT32:DA9_F  E 32 ? F 9  ? 20 1 
1 A DC 9  1_555 B DG 6  1_555 -0.091 -0.168 -0.296 -0.667  -10.677 3.180  8  E_DC33:DG8_F  E 33 ? F 8  ? 19 1 
1 A DA 10 1_555 B DT 5  1_555 0.400  -0.050 0.016  14.487  -14.429 2.135  9  E_DA34:DT7_F  E 34 ? F 7  ? 20 1 
1 A DC 11 1_555 B DG 4  1_555 0.156  -0.146 0.177  2.703   -10.817 -1.070 10 E_DC35:DG6_F  E 35 ? F 6  ? 19 1 
1 A DT 12 1_555 B DA 3  1_555 0.259  -0.076 -0.262 9.145   -10.854 1.221  11 E_DT36:DA5_F  E 36 ? F 5  ? 20 1 
1 A DT 13 1_555 B DA 2  1_555 0.036  -0.130 -0.495 11.164  -21.265 8.532  12 E_DT37:DA4_F  E 37 ? F 4  ? 20 1 
# 
loop_
_ndb_struct_na_base_pair_step.model_number 
_ndb_struct_na_base_pair_step.i_label_asym_id_1 
_ndb_struct_na_base_pair_step.i_label_comp_id_1 
_ndb_struct_na_base_pair_step.i_label_seq_id_1 
_ndb_struct_na_base_pair_step.i_symmetry_1 
_ndb_struct_na_base_pair_step.j_label_asym_id_1 
_ndb_struct_na_base_pair_step.j_label_comp_id_1 
_ndb_struct_na_base_pair_step.j_label_seq_id_1 
_ndb_struct_na_base_pair_step.j_symmetry_1 
_ndb_struct_na_base_pair_step.i_label_asym_id_2 
_ndb_struct_na_base_pair_step.i_label_comp_id_2 
_ndb_struct_na_base_pair_step.i_label_seq_id_2 
_ndb_struct_na_base_pair_step.i_symmetry_2 
_ndb_struct_na_base_pair_step.j_label_asym_id_2 
_ndb_struct_na_base_pair_step.j_label_comp_id_2 
_ndb_struct_na_base_pair_step.j_label_seq_id_2 
_ndb_struct_na_base_pair_step.j_symmetry_2 
_ndb_struct_na_base_pair_step.shift 
_ndb_struct_na_base_pair_step.slide 
_ndb_struct_na_base_pair_step.rise 
_ndb_struct_na_base_pair_step.tilt 
_ndb_struct_na_base_pair_step.roll 
_ndb_struct_na_base_pair_step.twist 
_ndb_struct_na_base_pair_step.x_displacement 
_ndb_struct_na_base_pair_step.y_displacement 
_ndb_struct_na_base_pair_step.helical_rise 
_ndb_struct_na_base_pair_step.inclination 
_ndb_struct_na_base_pair_step.tip 
_ndb_struct_na_base_pair_step.helical_twist 
_ndb_struct_na_base_pair_step.step_number 
_ndb_struct_na_base_pair_step.step_name 
_ndb_struct_na_base_pair_step.i_auth_asym_id_1 
_ndb_struct_na_base_pair_step.i_auth_seq_id_1 
_ndb_struct_na_base_pair_step.i_PDB_ins_code_1 
_ndb_struct_na_base_pair_step.j_auth_asym_id_1 
_ndb_struct_na_base_pair_step.j_auth_seq_id_1 
_ndb_struct_na_base_pair_step.j_PDB_ins_code_1 
_ndb_struct_na_base_pair_step.i_auth_asym_id_2 
_ndb_struct_na_base_pair_step.i_auth_seq_id_2 
_ndb_struct_na_base_pair_step.i_PDB_ins_code_2 
_ndb_struct_na_base_pair_step.j_auth_asym_id_2 
_ndb_struct_na_base_pair_step.j_auth_seq_id_2 
_ndb_struct_na_base_pair_step.j_PDB_ins_code_2 
1 A DG 2  1_555 B DC 13 1_555 A DT 3  1_555 B DA 12 1_555 -0.296 -0.582 3.267 -1.260 -0.215 36.281 -0.905 0.299  3.278 -0.345 
2.022   36.302 1  EE_DG26DT27:DA14DC15_FF E 26 ? F 15 ? E 27 ? F 14 ? 
1 A DT 3  1_555 B DA 12 1_555 A DT 4  1_555 B DA 11 1_555 0.297  0.903  3.412 3.097  1.678  40.252 1.110  -0.064 3.457 2.433  
-4.491  40.399 2  EE_DT27DT28:DA13DA14_FF E 27 ? F 14 ? E 28 ? F 13 ? 
1 A DT 4  1_555 B DA 11 1_555 A DA 5  1_555 B DT 10 1_555 0.162  1.075  2.989 -1.115 4.883  30.369 1.129  -0.511 3.112 9.242  
2.111   30.770 3  EE_DT28DA29:DT12DA13_FF E 28 ? F 13 ? E 29 ? F 12 ? 
1 A DA 5  1_555 B DT 10 1_555 A DC 6  1_555 B DG 9  1_555 0.987  -0.799 3.347 -1.432 4.930  27.288 -2.847 -2.400 3.102 10.334 
3.002   27.758 4  EE_DA29DC30:DG11DT12_FF E 29 ? F 12 ? E 30 ? F 11 ? 
1 A DC 6  1_555 B DG 9  1_555 A DT 7  1_555 B DA 8  1_555 -0.379 -1.292 3.254 -1.187 1.236  33.810 -2.417 0.462  3.217 2.124  
2.040   33.852 5  EE_DC30DT31:DA10DG11_FF E 30 ? F 11 ? E 31 ? F 10 ? 
1 A DT 7  1_555 B DA 8  1_555 A DT 8  1_555 B DA 7  1_555 -0.073 -0.769 3.248 1.855  5.340  29.498 -2.552 0.511  3.054 10.367 
-3.601  30.022 6  EE_DT31DT32:DA9DA10_FF  E 31 ? F 10 ? E 32 ? F 9  ? 
1 A DT 8  1_555 B DA 7  1_555 A DC 9  1_555 B DG 6  1_555 -0.091 0.240  3.349 0.314  5.890  33.165 -0.575 0.210  3.340 10.217 
-0.545  33.671 7  EE_DT32DC33:DG8DA9_FF   E 32 ? F 9  ? E 33 ? F 8  ? 
1 A DC 9  1_555 B DG 6  1_555 A DA 10 1_555 B DT 5  1_555 -0.012 1.448  3.135 0.364  5.644  36.449 1.531  0.068  3.315 8.956  
-0.577  36.870 8  EE_DC33DA34:DT7DG8_FF   E 33 ? F 8  ? E 34 ? F 7  ? 
1 A DA 10 1_555 B DT 5  1_555 A DC 11 1_555 B DG 4  1_555 0.656  -0.711 3.557 -2.208 1.931  31.913 -1.661 -1.616 3.458 3.502  
4.005   32.044 9  EE_DA34DC35:DG6DT7_FF   E 34 ? F 7  ? E 35 ? F 6  ? 
1 A DC 11 1_555 B DG 4  1_555 A DT 12 1_555 B DA 3  1_555 0.233  -0.513 3.126 7.875  2.111  38.962 -0.989 0.534  3.083 3.123  
-11.651 39.773 10 EE_DC35DT36:DA5DG6_FF   E 35 ? F 6  ? E 36 ? F 5  ? 
1 A DT 12 1_555 B DA 3  1_555 A DT 13 1_555 B DA 2  1_555 0.092  0.000  3.105 4.055  3.889  29.588 -0.756 0.611  3.065 7.529  
-7.850  30.105 11 EE_DT36DT37:DA4DA5_FF   E 36 ? F 5  ? E 37 ? F 4  ? 
# 
_pdbx_initial_refinement_model.accession_code   1PP8 
_pdbx_initial_refinement_model.id               1 
_pdbx_initial_refinement_model.entity_id_list   ? 
_pdbx_initial_refinement_model.type             'experimental model' 
_pdbx_initial_refinement_model.source_name      PDB 
_pdbx_initial_refinement_model.details          
'one of the IBD-alphaSCS complexes    that is being deposited simultaneous   with this deposition' 
# 
_atom_sites.entry_id                    1PP7 
_atom_sites.fract_transf_matrix[1][1]   -0.00626864 
_atom_sites.fract_transf_matrix[1][2]   -0.00090877 
_atom_sites.fract_transf_matrix[1][3]   -0.01053664 
_atom_sites.fract_transf_matrix[2][1]   -0.01387324 
_atom_sites.fract_transf_matrix[2][2]   0.01859868 
_atom_sites.fract_transf_matrix[2][3]   0.00664960 
_atom_sites.fract_transf_matrix[3][1]   0.01096126 
_atom_sites.fract_transf_matrix[3][2]   0.01084218 
_atom_sites.fract_transf_matrix[3][3]   -0.00745639 
_atom_sites.fract_transf_vector[1]      0.186244 
_atom_sites.fract_transf_vector[2]      0.296792 
_atom_sites.fract_transf_vector[3]      0.329766 
# 
loop_
_atom_type.symbol 
C  
N  
O  
P  
S  
ZN 
# 
loop_
_atom_site.group_PDB 
_atom_site.id 
_atom_site.type_symbol 
_atom_site.label_atom_id 
_atom_site.label_alt_id 
_atom_site.label_comp_id 
_atom_site.label_asym_id 
_atom_site.label_entity_id 
_atom_site.label_seq_id 
_atom_site.pdbx_PDB_ins_code 
_atom_site.Cartn_x 
_atom_site.Cartn_y 
_atom_site.Cartn_z 
_atom_site.occupancy 
_atom_site.B_iso_or_equiv 
_atom_site.pdbx_formal_charge 
_atom_site.auth_seq_id 
_atom_site.auth_comp_id 
_atom_site.auth_asym_id 
_atom_site.auth_atom_id 
_atom_site.pdbx_PDB_model_num 
ATOM   1    O  "O5'" . DG  A 1 2   ? -25.759 -9.456  -20.788 1.00 34.39  ? 26  DG  E "O5'" 1 
ATOM   2    C  "C5'" . DG  A 1 2   ? -25.412 -8.367  -21.726 1.00 42.10  ? 26  DG  E "C5'" 1 
ATOM   3    C  "C4'" . DG  A 1 2   ? -24.377 -7.276  -21.480 1.00 43.76  ? 26  DG  E "C4'" 1 
ATOM   4    O  "O4'" . DG  A 1 2   ? -24.681 -6.500  -20.276 1.00 45.02  ? 26  DG  E "O4'" 1 
ATOM   5    C  "C3'" . DG  A 1 2   ? -22.904 -7.691  -21.338 1.00 42.82  ? 26  DG  E "C3'" 1 
ATOM   6    O  "O3'" . DG  A 1 2   ? -22.054 -6.681  -21.924 1.00 47.85  ? 26  DG  E "O3'" 1 
ATOM   7    C  "C2'" . DG  A 1 2   ? -22.707 -7.689  -19.832 1.00 44.35  ? 26  DG  E "C2'" 1 
ATOM   8    C  "C1'" . DG  A 1 2   ? -23.548 -6.494  -19.421 1.00 39.55  ? 26  DG  E "C1'" 1 
ATOM   9    N  N9    . DG  A 1 2   ? -24.020 -6.516  -18.048 1.00 39.62  ? 26  DG  E N9    1 
ATOM   10   C  C8    . DG  A 1 2   ? -24.831 -7.444  -17.443 1.00 38.61  ? 26  DG  E C8    1 
ATOM   11   N  N7    . DG  A 1 2   ? -25.103 -7.148  -16.190 1.00 39.34  ? 26  DG  E N7    1 
ATOM   12   C  C5    . DG  A 1 2   ? -24.427 -5.947  -15.959 1.00 40.12  ? 26  DG  E C5    1 
ATOM   13   C  C6    . DG  A 1 2   ? -24.364 -5.085  -14.789 1.00 39.52  ? 26  DG  E C6    1 
ATOM   14   O  O6    . DG  A 1 2   ? -24.900 -5.222  -13.670 1.00 39.13  ? 26  DG  E O6    1 
ATOM   15   N  N1    . DG  A 1 2   ? -23.571 -3.971  -15.026 1.00 40.55  ? 26  DG  E N1    1 
ATOM   16   C  C2    . DG  A 1 2   ? -22.916 -3.704  -16.197 1.00 39.47  ? 26  DG  E C2    1 
ATOM   17   N  N2    . DG  A 1 2   ? -22.169 -2.602  -16.212 1.00 40.77  ? 26  DG  E N2    1 
ATOM   18   N  N3    . DG  A 1 2   ? -22.973 -4.464  -17.273 1.00 39.18  ? 26  DG  E N3    1 
ATOM   19   C  C4    . DG  A 1 2   ? -23.739 -5.556  -17.090 1.00 41.69  ? 26  DG  E C4    1 
ATOM   20   P  P     . DT  A 1 3   ? -20.438 -6.906  -22.001 1.00 56.72  ? 27  DT  E P     1 
ATOM   21   O  OP1   . DT  A 1 3   ? -19.915 -6.458  -23.325 1.00 49.74  ? 27  DT  E OP1   1 
ATOM   22   O  OP2   . DT  A 1 3   ? -20.085 -8.246  -21.483 1.00 56.17  ? 27  DT  E OP2   1 
ATOM   23   O  "O5'" . DT  A 1 3   ? -19.847 -5.868  -20.943 1.00 57.15  ? 27  DT  E "O5'" 1 
ATOM   24   C  "C5'" . DT  A 1 3   ? -19.960 -4.473  -21.191 1.00 55.86  ? 27  DT  E "C5'" 1 
ATOM   25   C  "C4'" . DT  A 1 3   ? -19.195 -3.675  -20.159 1.00 57.73  ? 27  DT  E "C4'" 1 
ATOM   26   O  "O4'" . DT  A 1 3   ? -19.788 -3.778  -18.837 1.00 52.48  ? 27  DT  E "O4'" 1 
ATOM   27   C  "C3'" . DT  A 1 3   ? -17.724 -4.042  -20.007 1.00 56.25  ? 27  DT  E "C3'" 1 
ATOM   28   O  "O3'" . DT  A 1 3   ? -16.957 -2.838  -20.098 1.00 56.07  ? 27  DT  E "O3'" 1 
ATOM   29   C  "C2'" . DT  A 1 3   ? -17.658 -4.736  -18.647 1.00 52.11  ? 27  DT  E "C2'" 1 
ATOM   30   C  "C1'" . DT  A 1 3   ? -18.824 -4.138  -17.873 1.00 45.84  ? 27  DT  E "C1'" 1 
ATOM   31   N  N1    . DT  A 1 3   ? -19.501 -5.021  -16.890 1.00 37.03  ? 27  DT  E N1    1 
ATOM   32   C  C2    . DT  A 1 3   ? -19.698 -4.550  -15.593 1.00 35.14  ? 27  DT  E C2    1 
ATOM   33   O  O2    . DT  A 1 3   ? -19.344 -3.438  -15.200 1.00 42.02  ? 27  DT  E O2    1 
ATOM   34   N  N3    . DT  A 1 3   ? -20.348 -5.413  -14.769 1.00 33.44  ? 27  DT  E N3    1 
ATOM   35   C  C4    . DT  A 1 3   ? -20.843 -6.654  -15.087 1.00 31.84  ? 27  DT  E C4    1 
ATOM   36   O  O4    . DT  A 1 3   ? -21.461 -7.295  -14.235 1.00 32.81  ? 27  DT  E O4    1 
ATOM   37   C  C5    . DT  A 1 3   ? -20.590 -7.093  -16.442 1.00 32.80  ? 27  DT  E C5    1 
ATOM   38   C  C7    . DT  A 1 3   ? -21.054 -8.452  -16.859 1.00 21.18  ? 27  DT  E C7    1 
ATOM   39   C  C6    . DT  A 1 3   ? -19.936 -6.259  -17.266 1.00 33.34  ? 27  DT  E C6    1 
ATOM   40   P  P     . DT  A 1 4   ? -15.360 -2.905  -20.043 1.00 65.22  ? 28  DT  E P     1 
ATOM   41   O  OP1   . DT  A 1 4   ? -14.798 -1.747  -20.807 1.00 60.46  ? 28  DT  E OP1   1 
ATOM   42   O  OP2   . DT  A 1 4   ? -14.924 -4.296  -20.373 1.00 64.26  ? 28  DT  E OP2   1 
ATOM   43   O  "O5'" . DT  A 1 4   ? -15.106 -2.669  -18.483 1.00 62.19  ? 28  DT  E "O5'" 1 
ATOM   44   C  "C5'" . DT  A 1 4   ? -15.784 -1.613  -17.817 1.00 51.06  ? 28  DT  E "C5'" 1 
ATOM   45   C  "C4'" . DT  A 1 4   ? -15.362 -1.586  -16.380 1.00 49.55  ? 28  DT  E "C4'" 1 
ATOM   46   O  "O4'" . DT  A 1 4   ? -16.099 -2.534  -15.576 1.00 48.69  ? 28  DT  E "O4'" 1 
ATOM   47   C  "C3'" . DT  A 1 4   ? -13.892 -1.944  -16.229 1.00 46.35  ? 28  DT  E "C3'" 1 
ATOM   48   O  "O3'" . DT  A 1 4   ? -13.400 -1.061  -15.243 1.00 47.11  ? 28  DT  E "O3'" 1 
ATOM   49   C  "C2'" . DT  A 1 4   ? -13.932 -3.381  -15.741 1.00 43.18  ? 28  DT  E "C2'" 1 
ATOM   50   C  "C1'" . DT  A 1 4   ? -15.197 -3.383  -14.898 1.00 42.54  ? 28  DT  E "C1'" 1 
ATOM   51   N  N1    . DT  A 1 4   ? -15.863 -4.690  -14.747 1.00 37.29  ? 28  DT  E N1    1 
ATOM   52   C  C2    . DT  A 1 4   ? -16.512 -4.971  -13.551 1.00 36.66  ? 28  DT  E C2    1 
ATOM   53   O  O2    . DT  A 1 4   ? -16.538 -4.190  -12.605 1.00 30.70  ? 28  DT  E O2    1 
ATOM   54   N  N3    . DT  A 1 4   ? -17.125 -6.210  -13.506 1.00 32.37  ? 28  DT  E N3    1 
ATOM   55   C  C4    . DT  A 1 4   ? -17.143 -7.157  -14.522 1.00 36.87  ? 28  DT  E C4    1 
ATOM   56   O  O4    . DT  A 1 4   ? -17.710 -8.242  -14.351 1.00 43.39  ? 28  DT  E O4    1 
ATOM   57   C  C5    . DT  A 1 4   ? -16.458 -6.773  -15.744 1.00 33.84  ? 28  DT  E C5    1 
ATOM   58   C  C7    . DT  A 1 4   ? -16.488 -7.704  -16.918 1.00 27.24  ? 28  DT  E C7    1 
ATOM   59   C  C6    . DT  A 1 4   ? -15.844 -5.589  -15.777 1.00 31.69  ? 28  DT  E C6    1 
ATOM   60   P  P     . DA  A 1 5   ? -11.864 -0.650  -15.218 1.00 43.99  ? 29  DA  E P     1 
ATOM   61   O  OP1   . DA  A 1 5   ? -11.874 0.822   -15.261 1.00 45.15  ? 29  DA  E OP1   1 
ATOM   62   O  OP2   . DA  A 1 5   ? -11.030 -1.435  -16.172 1.00 44.76  ? 29  DA  E OP2   1 
ATOM   63   O  "O5'" . DA  A 1 5   ? -11.454 -1.088  -13.752 1.00 40.83  ? 29  DA  E "O5'" 1 
ATOM   64   C  "C5'" . DA  A 1 5   ? -12.257 -0.712  -12.637 1.00 31.73  ? 29  DA  E "C5'" 1 
ATOM   65   C  "C4'" . DA  A 1 5   ? -11.913 -1.607  -11.470 1.00 38.23  ? 29  DA  E "C4'" 1 
ATOM   66   O  "O4'" . DA  A 1 5   ? -12.633 -2.849  -11.605 1.00 39.31  ? 29  DA  E "O4'" 1 
ATOM   67   C  "C3'" . DA  A 1 5   ? -10.434 -2.003  -11.372 1.00 35.01  ? 29  DA  E "C3'" 1 
ATOM   68   O  "O3'" . DA  A 1 5   ? -10.041 -2.117  -9.988  1.00 32.88  ? 29  DA  E "O3'" 1 
ATOM   69   C  "C2'" . DA  A 1 5   ? -10.419 -3.360  -12.042 1.00 31.87  ? 29  DA  E "C2'" 1 
ATOM   70   C  "C1'" . DA  A 1 5   ? -11.738 -3.911  -11.540 1.00 33.39  ? 29  DA  E "C1'" 1 
ATOM   71   N  N9    . DA  A 1 5   ? -12.330 -5.042  -12.263 1.00 39.34  ? 29  DA  E N9    1 
ATOM   72   C  C8    . DA  A 1 5   ? -11.993 -5.557  -13.498 1.00 36.88  ? 29  DA  E C8    1 
ATOM   73   N  N7    . DA  A 1 5   ? -12.659 -6.643  -13.823 1.00 37.36  ? 29  DA  E N7    1 
ATOM   74   C  C5    . DA  A 1 5   ? -13.507 -6.848  -12.744 1.00 35.77  ? 29  DA  E C5    1 
ATOM   75   C  C6    . DA  A 1 5   ? -14.438 -7.871  -12.465 1.00 32.90  ? 29  DA  E C6    1 
ATOM   76   N  N6    . DA  A 1 5   ? -14.732 -8.857  -13.347 1.00 28.98  ? 29  DA  E N6    1 
ATOM   77   N  N1    . DA  A 1 5   ? -15.069 -7.838  -11.258 1.00 27.57  ? 29  DA  E N1    1 
ATOM   78   C  C2    . DA  A 1 5   ? -14.798 -6.810  -10.411 1.00 34.64  ? 29  DA  E C2    1 
ATOM   79   N  N3    . DA  A 1 5   ? -13.961 -5.769  -10.580 1.00 37.90  ? 29  DA  E N3    1 
ATOM   80   C  C4    . DA  A 1 5   ? -13.332 -5.859  -11.778 1.00 38.65  ? 29  DA  E C4    1 
ATOM   81   P  P     . DC  A 1 6   ? -8.468  -2.115  -9.595  1.00 33.90  ? 30  DC  E P     1 
ATOM   82   O  OP1   . DC  A 1 6   ? -8.364  -1.712  -8.149  1.00 29.61  ? 30  DC  E OP1   1 
ATOM   83   O  OP2   . DC  A 1 6   ? -7.844  -1.269  -10.674 1.00 26.73  ? 30  DC  E OP2   1 
ATOM   84   O  "O5'" . DC  A 1 6   ? -7.974  -3.638  -9.762  1.00 25.68  ? 30  DC  E "O5'" 1 
ATOM   85   C  "C5'" . DC  A 1 6   ? -7.912  -4.561  -8.651  1.00 28.67  ? 30  DC  E "C5'" 1 
ATOM   86   C  "C4'" . DC  A 1 6   ? -9.295  -4.967  -8.191  1.00 30.92  ? 30  DC  E "C4'" 1 
ATOM   87   O  "O4'" . DC  A 1 6   ? -9.995  -5.590  -9.288  1.00 34.26  ? 30  DC  E "O4'" 1 
ATOM   88   C  "C3'" . DC  A 1 6   ? -9.358  -5.979  -7.038  1.00 35.16  ? 30  DC  E "C3'" 1 
ATOM   89   O  "O3'" . DC  A 1 6   ? -10.137 -5.505  -5.958  1.00 37.06  ? 30  DC  E "O3'" 1 
ATOM   90   C  "C2'" . DC  A 1 6   ? -10.046 -7.209  -7.606  1.00 34.41  ? 30  DC  E "C2'" 1 
ATOM   91   C  "C1'" . DC  A 1 6   ? -10.791 -6.667  -8.806  1.00 34.31  ? 30  DC  E "C1'" 1 
ATOM   92   N  N1    . DC  A 1 6   ? -10.930 -7.629  -9.908  1.00 34.67  ? 30  DC  E N1    1 
ATOM   93   C  C2    . DC  A 1 6   ? -11.818 -8.697  -9.767  1.00 33.17  ? 30  DC  E C2    1 
ATOM   94   O  O2    . DC  A 1 6   ? -12.415 -8.846  -8.696  1.00 38.47  ? 30  DC  E O2    1 
ATOM   95   N  N3    . DC  A 1 6   ? -11.996 -9.538  -10.797 1.00 31.66  ? 30  DC  E N3    1 
ATOM   96   C  C4    . DC  A 1 6   ? -11.307 -9.359  -11.937 1.00 30.70  ? 30  DC  E C4    1 
ATOM   97   N  N4    . DC  A 1 6   ? -11.522 -10.215 -12.924 1.00 23.19  ? 30  DC  E N4    1 
ATOM   98   C  C5    . DC  A 1 6   ? -10.372 -8.302  -12.100 1.00 26.54  ? 30  DC  E C5    1 
ATOM   99   C  C6    . DC  A 1 6   ? -10.214 -7.470  -11.067 1.00 32.92  ? 30  DC  E C6    1 
ATOM   100  P  P     . DT  A 1 7   ? -9.764  -5.985  -4.480  1.00 39.25  ? 31  DT  E P     1 
ATOM   101  O  OP1   . DT  A 1 7   ? -10.686 -5.290  -3.519  1.00 38.50  ? 31  DT  E OP1   1 
ATOM   102  O  OP2   . DT  A 1 7   ? -8.279  -5.921  -4.295  1.00 32.40  ? 31  DT  E OP2   1 
ATOM   103  O  "O5'" . DT  A 1 7   ? -10.142 -7.522  -4.489  1.00 40.06  ? 31  DT  E "O5'" 1 
ATOM   104  C  "C5'" . DT  A 1 7   ? -11.488 -7.901  -4.244  1.00 37.72  ? 31  DT  E "C5'" 1 
ATOM   105  C  "C4'" . DT  A 1 7   ? -11.605 -9.401  -4.180  1.00 35.25  ? 31  DT  E "C4'" 1 
ATOM   106  O  "O4'" . DT  A 1 7   ? -11.661 -9.961  -5.513  1.00 29.66  ? 31  DT  E "O4'" 1 
ATOM   107  C  "C3'" . DT  A 1 7   ? -10.474 -10.111 -3.438  1.00 32.69  ? 31  DT  E "C3'" 1 
ATOM   108  O  "O3'" . DT  A 1 7   ? -11.038 -10.899 -2.387  1.00 37.04  ? 31  DT  E "O3'" 1 
ATOM   109  C  "C2'" . DT  A 1 7   ? -9.840  -10.974 -4.511  1.00 34.95  ? 31  DT  E "C2'" 1 
ATOM   110  C  "C1'" . DT  A 1 7   ? -10.971 -11.173 -5.503  1.00 30.69  ? 31  DT  E "C1'" 1 
ATOM   111  N  N1    . DT  A 1 7   ? -10.565 -11.472 -6.884  1.00 29.93  ? 31  DT  E N1    1 
ATOM   112  C  C2    . DT  A 1 7   ? -11.214 -12.513 -7.506  1.00 32.10  ? 31  DT  E C2    1 
ATOM   113  O  O2    . DT  A 1 7   ? -12.073 -13.169 -6.931  1.00 33.62  ? 31  DT  E O2    1 
ATOM   114  N  N3    . DT  A 1 7   ? -10.809 -12.771 -8.813  1.00 29.90  ? 31  DT  E N3    1 
ATOM   115  C  C4    . DT  A 1 7   ? -9.820  -12.086 -9.527  1.00 36.11  ? 31  DT  E C4    1 
ATOM   116  O  O4    . DT  A 1 7   ? -9.545  -12.415 -10.705 1.00 34.04  ? 31  DT  E O4    1 
ATOM   117  C  C5    . DT  A 1 7   ? -9.170  -10.990 -8.786  1.00 33.65  ? 31  DT  E C5    1 
ATOM   118  C  C7    . DT  A 1 7   ? -8.102  -10.183 -9.459  1.00 27.02  ? 31  DT  E C7    1 
ATOM   119  C  C6    . DT  A 1 7   ? -9.573  -10.753 -7.525  1.00 32.90  ? 31  DT  E C6    1 
ATOM   120  P  P     . DT  A 1 8   ? -10.098 -11.545 -1.240  1.00 35.74  ? 32  DT  E P     1 
ATOM   121  O  OP1   . DT  A 1 8   ? -10.892 -11.312 -0.008  1.00 37.14  ? 32  DT  E OP1   1 
ATOM   122  O  OP2   . DT  A 1 8   ? -8.680  -11.158 -1.253  1.00 38.19  ? 32  DT  E OP2   1 
ATOM   123  O  "O5'" . DT  A 1 8   ? -10.185 -13.038 -1.720  1.00 33.71  ? 32  DT  E "O5'" 1 
ATOM   124  C  "C5'" . DT  A 1 8   ? -11.466 -13.514 -2.096  1.00 37.02  ? 32  DT  E "C5'" 1 
ATOM   125  C  "C4'" . DT  A 1 8   ? -11.391 -14.931 -2.582  1.00 35.77  ? 32  DT  E "C4'" 1 
ATOM   126  O  "O4'" . DT  A 1 8   ? -11.154 -14.883 -3.986  1.00 35.16  ? 32  DT  E "O4'" 1 
ATOM   127  C  "C3'" . DT  A 1 8   ? -10.286 -15.782 -1.984  1.00 38.32  ? 32  DT  E "C3'" 1 
ATOM   128  O  "O3'" . DT  A 1 8   ? -10.850 -16.964 -1.432  1.00 53.47  ? 32  DT  E "O3'" 1 
ATOM   129  C  "C2'" . DT  A 1 8   ? -9.416  -16.137 -3.166  1.00 35.17  ? 32  DT  E "C2'" 1 
ATOM   130  C  "C1'" . DT  A 1 8   ? -10.296 -15.915 -4.353  1.00 35.56  ? 32  DT  E "C1'" 1 
ATOM   131  N  N1    . DT  A 1 8   ? -9.607  -15.489 -5.594  1.00 39.28  ? 32  DT  E N1    1 
ATOM   132  C  C2    . DT  A 1 8   ? -9.902  -16.174 -6.773  1.00 37.68  ? 32  DT  E C2    1 
ATOM   133  O  O2    . DT  A 1 8   ? -10.739 -17.026 -6.842  1.00 30.40  ? 32  DT  E O2    1 
ATOM   134  N  N3    . DT  A 1 8   ? -9.196  -15.773 -7.876  1.00 39.18  ? 32  DT  E N3    1 
ATOM   135  C  C4    . DT  A 1 8   ? -8.298  -14.727 -7.948  1.00 40.57  ? 32  DT  E C4    1 
ATOM   136  O  O4    . DT  A 1 8   ? -7.788  -14.443 -9.038  1.00 44.06  ? 32  DT  E O4    1 
ATOM   137  C  C5    . DT  A 1 8   ? -8.059  -14.024 -6.683  1.00 39.54  ? 32  DT  E C5    1 
ATOM   138  C  C7    . DT  A 1 8   ? -7.119  -12.861 -6.657  1.00 44.18  ? 32  DT  E C7    1 
ATOM   139  C  C6    . DT  A 1 8   ? -8.710  -14.450 -5.587  1.00 35.92  ? 32  DT  E C6    1 
ATOM   140  P  P     . DC  A 1 9   ? -9.996  -17.867 -0.395  1.00 61.65  ? 33  DC  E P     1 
ATOM   141  O  OP1   . DC  A 1 9   ? -10.848 -18.055 0.809   1.00 58.57  ? 33  DC  E OP1   1 
ATOM   142  O  OP2   . DC  A 1 9   ? -8.597  -17.354 -0.218  1.00 60.57  ? 33  DC  E OP2   1 
ATOM   143  O  "O5'" . DC  A 1 9   ? -9.938  -19.227 -1.222  1.00 58.69  ? 33  DC  E "O5'" 1 
ATOM   144  C  "C5'" . DC  A 1 9   ? -11.039 -19.612 -2.052  1.00 53.30  ? 33  DC  E "C5'" 1 
ATOM   145  C  "C4'" . DC  A 1 9   ? -10.618 -20.695 -3.018  1.00 54.47  ? 33  DC  E "C4'" 1 
ATOM   146  O  "O4'" . DC  A 1 9   ? -10.128 -20.130 -4.261  1.00 50.37  ? 33  DC  E "O4'" 1 
ATOM   147  C  "C3'" . DC  A 1 9   ? -9.530  -21.650 -2.507  1.00 57.34  ? 33  DC  E "C3'" 1 
ATOM   148  O  "O3'" . DC  A 1 9   ? -9.857  -23.015 -2.859  1.00 65.46  ? 33  DC  E "O3'" 1 
ATOM   149  C  "C2'" . DC  A 1 9   ? -8.285  -21.172 -3.249  1.00 54.03  ? 33  DC  E "C2'" 1 
ATOM   150  C  "C1'" . DC  A 1 9   ? -8.848  -20.668 -4.574  1.00 49.05  ? 33  DC  E "C1'" 1 
ATOM   151  N  N1    . DC  A 1 9   ? -8.055  -19.608 -5.243  1.00 45.93  ? 33  DC  E N1    1 
ATOM   152  C  C2    . DC  A 1 9   ? -7.860  -19.678 -6.640  1.00 43.21  ? 33  DC  E C2    1 
ATOM   153  O  O2    . DC  A 1 9   ? -8.360  -20.603 -7.266  1.00 49.00  ? 33  DC  E O2    1 
ATOM   154  N  N3    . DC  A 1 9   ? -7.132  -18.722 -7.267  1.00 41.90  ? 33  DC  E N3    1 
ATOM   155  C  C4    . DC  A 1 9   ? -6.619  -17.713 -6.562  1.00 42.50  ? 33  DC  E C4    1 
ATOM   156  N  N4    . DC  A 1 9   ? -5.903  -16.809 -7.223  1.00 40.11  ? 33  DC  E N4    1 
ATOM   157  C  C5    . DC  A 1 9   ? -6.815  -17.599 -5.143  1.00 39.89  ? 33  DC  E C5    1 
ATOM   158  C  C6    . DC  A 1 9   ? -7.523  -18.566 -4.528  1.00 41.69  ? 33  DC  E C6    1 
ATOM   159  P  P     . DA  A 1 10  ? -9.441  -24.254 -1.888  1.00 69.33  ? 34  DA  E P     1 
ATOM   160  O  OP1   . DA  A 1 10  ? -10.741 -24.845 -1.459  1.00 65.73  ? 34  DA  E OP1   1 
ATOM   161  O  OP2   . DA  A 1 10  ? -8.408  -23.890 -0.867  1.00 65.64  ? 34  DA  E OP2   1 
ATOM   162  O  "O5'" . DA  A 1 10  ? -8.700  -25.275 -2.862  1.00 67.17  ? 34  DA  E "O5'" 1 
ATOM   163  C  "C5'" . DA  A 1 10  ? -9.239  -25.572 -4.158  1.00 69.31  ? 34  DA  E "C5'" 1 
ATOM   164  C  "C4'" . DA  A 1 10  ? -8.125  -25.956 -5.106  1.00 68.30  ? 34  DA  E "C4'" 1 
ATOM   165  O  "O4'" . DA  A 1 10  ? -7.378  -24.806 -5.598  1.00 66.30  ? 34  DA  E "O4'" 1 
ATOM   166  C  "C3'" . DA  A 1 10  ? -7.088  -26.869 -4.464  1.00 70.07  ? 34  DA  E "C3'" 1 
ATOM   167  O  "O3'" . DA  A 1 10  ? -6.668  -27.830 -5.444  1.00 73.96  ? 34  DA  E "O3'" 1 
ATOM   168  C  "C2'" . DA  A 1 10  ? -5.983  -25.897 -4.070  1.00 64.82  ? 34  DA  E "C2'" 1 
ATOM   169  C  "C1'" . DA  A 1 10  ? -6.001  -24.940 -5.254  1.00 60.53  ? 34  DA  E "C1'" 1 
ATOM   170  N  N9    . DA  A 1 10  ? -5.447  -23.595 -5.036  1.00 53.03  ? 34  DA  E N9    1 
ATOM   171  C  C8    . DA  A 1 10  ? -5.202  -22.956 -3.845  1.00 49.94  ? 34  DA  E C8    1 
ATOM   172  N  N7    . DA  A 1 10  ? -4.717  -21.738 -3.980  1.00 47.23  ? 34  DA  E N7    1 
ATOM   173  C  C5    . DA  A 1 10  ? -4.629  -21.563 -5.355  1.00 44.38  ? 34  DA  E C5    1 
ATOM   174  C  C6    . DA  A 1 10  ? -4.179  -20.481 -6.157  1.00 41.25  ? 34  DA  E C6    1 
ATOM   175  N  N6    . DA  A 1 10  ? -3.714  -19.301 -5.666  1.00 33.16  ? 34  DA  E N6    1 
ATOM   176  N  N1    . DA  A 1 10  ? -4.218  -20.654 -7.499  1.00 36.89  ? 34  DA  E N1    1 
ATOM   177  C  C2    . DA  A 1 10  ? -4.684  -21.808 -7.994  1.00 38.11  ? 34  DA  E C2    1 
ATOM   178  N  N3    . DA  A 1 10  ? -5.135  -22.884 -7.356  1.00 42.64  ? 34  DA  E N3    1 
ATOM   179  C  C4    . DA  A 1 10  ? -5.075  -22.702 -6.022  1.00 47.71  ? 34  DA  E C4    1 
ATOM   180  P  P     . DC  A 1 11  ? -5.640  -28.989 -5.032  1.00 75.33  ? 35  DC  E P     1 
ATOM   181  O  OP1   . DC  A 1 11  ? -5.437  -29.742 -6.317  1.00 78.56  ? 35  DC  E OP1   1 
ATOM   182  O  OP2   . DC  A 1 11  ? -6.122  -29.698 -3.812  1.00 75.49  ? 35  DC  E OP2   1 
ATOM   183  O  "O5'" . DC  A 1 11  ? -4.334  -28.181 -4.607  1.00 71.89  ? 35  DC  E "O5'" 1 
ATOM   184  C  "C5'" . DC  A 1 11  ? -3.079  -28.435 -5.218  1.00 68.13  ? 35  DC  E "C5'" 1 
ATOM   185  C  "C4'" . DC  A 1 11  ? -3.099  -28.044 -6.680  1.00 65.77  ? 35  DC  E "C4'" 1 
ATOM   186  O  "O4'" . DC  A 1 11  ? -3.465  -26.646 -6.844  1.00 61.84  ? 35  DC  E "O4'" 1 
ATOM   187  C  "C3'" . DC  A 1 11  ? -1.686  -28.180 -7.227  1.00 67.00  ? 35  DC  E "C3'" 1 
ATOM   188  O  "O3'" . DC  A 1 11  ? -1.563  -28.836 -8.479  1.00 69.65  ? 35  DC  E "O3'" 1 
ATOM   189  C  "C2'" . DC  A 1 11  ? -1.148  -26.771 -7.303  1.00 63.58  ? 35  DC  E "C2'" 1 
ATOM   190  C  "C1'" . DC  A 1 11  ? -2.373  -25.885 -7.372  1.00 58.88  ? 35  DC  E "C1'" 1 
ATOM   191  N  N1    . DC  A 1 11  ? -2.120  -24.729 -6.495  1.00 50.13  ? 35  DC  E N1    1 
ATOM   192  C  C2    . DC  A 1 11  ? -1.573  -23.584 -7.060  1.00 46.47  ? 35  DC  E C2    1 
ATOM   193  O  O2    . DC  A 1 11  ? -1.409  -23.558 -8.296  1.00 43.08  ? 35  DC  E O2    1 
ATOM   194  N  N3    . DC  A 1 11  ? -1.248  -22.534 -6.248  1.00 44.15  ? 35  DC  E N3    1 
ATOM   195  C  C4    . DC  A 1 11  ? -1.493  -22.609 -4.924  1.00 44.31  ? 35  DC  E C4    1 
ATOM   196  N  N4    . DC  A 1 11  ? -1.203  -21.555 -4.148  1.00 36.22  ? 35  DC  E N4    1 
ATOM   197  C  C5    . DC  A 1 11  ? -2.064  -23.768 -4.336  1.00 44.22  ? 35  DC  E C5    1 
ATOM   198  C  C6    . DC  A 1 11  ? -2.367  -24.789 -5.152  1.00 49.55  ? 35  DC  E C6    1 
ATOM   199  P  P     . DT  A 1 12  ? -0.142  -29.505 -8.839  1.00 70.92  ? 36  DT  E P     1 
ATOM   200  O  OP1   . DT  A 1 12  ? -0.425  -30.521 -9.879  1.00 73.78  ? 36  DT  E OP1   1 
ATOM   201  O  OP2   . DT  A 1 12  ? 0.519   -29.909 -7.556  1.00 68.32  ? 36  DT  E OP2   1 
ATOM   202  O  "O5'" . DT  A 1 12  ? 0.731   -28.295 -9.421  1.00 67.42  ? 36  DT  E "O5'" 1 
ATOM   203  C  "C5'" . DT  A 1 12  ? 0.310   -27.568 -10.576 1.00 61.26  ? 36  DT  E "C5'" 1 
ATOM   204  C  "C4'" . DT  A 1 12  ? 1.333   -26.520 -10.951 1.00 56.76  ? 36  DT  E "C4'" 1 
ATOM   205  O  "O4'" . DT  A 1 12  ? 1.294   -25.429 -10.010 1.00 55.68  ? 36  DT  E "O4'" 1 
ATOM   206  C  "C3'" . DT  A 1 12  ? 2.793   -26.971 -11.017 1.00 57.14  ? 36  DT  E "C3'" 1 
ATOM   207  O  "O3'" . DT  A 1 12  ? 3.404   -26.458 -12.224 1.00 57.82  ? 36  DT  E "O3'" 1 
ATOM   208  C  "C2'" . DT  A 1 12  ? 3.398   -26.398 -9.740  1.00 53.97  ? 36  DT  E "C2'" 1 
ATOM   209  C  "C1'" . DT  A 1 12  ? 2.592   -25.129 -9.535  1.00 54.39  ? 36  DT  E "C1'" 1 
ATOM   210  N  N1    . DT  A 1 12  ? 2.442   -24.686 -8.137  1.00 52.87  ? 36  DT  E N1    1 
ATOM   211  C  C2    . DT  A 1 12  ? 2.605   -23.336 -7.826  1.00 49.21  ? 36  DT  E C2    1 
ATOM   212  O  O2    . DT  A 1 12  ? 3.001   -22.502 -8.620  1.00 43.10  ? 36  DT  E O2    1 
ATOM   213  N  N3    . DT  A 1 12  ? 2.320   -23.015 -6.523  1.00 46.14  ? 36  DT  E N3    1 
ATOM   214  C  C4    . DT  A 1 12  ? 1.965   -23.884 -5.518  1.00 47.21  ? 36  DT  E C4    1 
ATOM   215  O  O4    . DT  A 1 12  ? 1.755   -23.464 -4.407  1.00 40.78  ? 36  DT  E O4    1 
ATOM   216  C  C5    . DT  A 1 12  ? 1.881   -25.278 -5.895  1.00 52.93  ? 36  DT  E C5    1 
ATOM   217  C  C7    . DT  A 1 12  ? 1.548   -26.286 -4.841  1.00 55.54  ? 36  DT  E C7    1 
ATOM   218  C  C6    . DT  A 1 12  ? 2.114   -25.607 -7.171  1.00 51.59  ? 36  DT  E C6    1 
ATOM   219  P  P     . DT  A 1 13  ? 4.924   -26.865 -12.603 1.00 61.72  ? 37  DT  E P     1 
ATOM   220  O  OP1   . DT  A 1 13  ? 5.059   -26.935 -14.097 1.00 60.06  ? 37  DT  E OP1   1 
ATOM   221  O  OP2   . DT  A 1 13  ? 5.319   -28.037 -11.755 1.00 51.66  ? 37  DT  E OP2   1 
ATOM   222  O  "O5'" . DT  A 1 13  ? 5.732   -25.571 -12.165 1.00 58.37  ? 37  DT  E "O5'" 1 
ATOM   223  C  "C5'" . DT  A 1 13  ? 5.314   -24.291 -12.638 1.00 58.41  ? 37  DT  E "C5'" 1 
ATOM   224  C  "C4'" . DT  A 1 13  ? 6.232   -23.224 -12.099 1.00 54.44  ? 37  DT  E "C4'" 1 
ATOM   225  O  "O4'" . DT  A 1 13  ? 5.838   -22.903 -10.741 1.00 54.73  ? 37  DT  E "O4'" 1 
ATOM   226  C  "C3'" . DT  A 1 13  ? 7.682   -23.708 -12.027 1.00 54.49  ? 37  DT  E "C3'" 1 
ATOM   227  O  "O3'" . DT  A 1 13  ? 8.653   -22.704 -12.258 1.00 58.66  ? 37  DT  E "O3'" 1 
ATOM   228  C  "C2'" . DT  A 1 13  ? 7.844   -24.082 -10.566 1.00 54.72  ? 37  DT  E "C2'" 1 
ATOM   229  C  "C1'" . DT  A 1 13  ? 6.957   -23.061 -9.882  1.00 49.73  ? 37  DT  E "C1'" 1 
ATOM   230  N  N1    . DT  A 1 13  ? 6.477   -23.452 -8.547  1.00 43.74  ? 37  DT  E N1    1 
ATOM   231  C  C2    . DT  A 1 13  ? 6.196   -22.432 -7.654  1.00 42.71  ? 37  DT  E C2    1 
ATOM   232  O  O2    . DT  A 1 13  ? 6.354   -21.252 -7.948  1.00 34.20  ? 37  DT  E O2    1 
ATOM   233  N  N3    . DT  A 1 13  ? 5.751   -22.851 -6.404  1.00 38.17  ? 37  DT  E N3    1 
ATOM   234  C  C4    . DT  A 1 13  ? 5.587   -24.162 -5.985  1.00 40.54  ? 37  DT  E C4    1 
ATOM   235  O  O4    . DT  A 1 13  ? 5.183   -24.390 -4.856  1.00 39.40  ? 37  DT  E O4    1 
ATOM   236  C  C5    . DT  A 1 13  ? 5.928   -25.187 -6.989  1.00 41.48  ? 37  DT  E C5    1 
ATOM   237  C  C7    . DT  A 1 13  ? 5.820   -26.632 -6.631  1.00 37.64  ? 37  DT  E C7    1 
ATOM   238  C  C6    . DT  A 1 13  ? 6.333   -24.779 -8.198  1.00 41.55  ? 37  DT  E C6    1 
ATOM   239  O  "O5'" . DC  B 2 1   ? 9.638   -20.805 3.960   1.00 61.21  ? 3   DC  F "O5'" 1 
ATOM   240  C  "C5'" . DC  B 2 1   ? 9.719   -21.587 2.753   1.00 52.33  ? 3   DC  F "C5'" 1 
ATOM   241  C  "C4'" . DC  B 2 1   ? 9.384   -20.571 1.698   1.00 52.41  ? 3   DC  F "C4'" 1 
ATOM   242  O  "O4'" . DC  B 2 1   ? 9.627   -21.114 0.381   1.00 52.55  ? 3   DC  F "O4'" 1 
ATOM   243  C  "C3'" . DC  B 2 1   ? 7.925   -20.099 1.724   1.00 50.81  ? 3   DC  F "C3'" 1 
ATOM   244  O  "O3'" . DC  B 2 1   ? 7.900   -18.699 1.384   1.00 57.20  ? 3   DC  F "O3'" 1 
ATOM   245  C  "C2'" . DC  B 2 1   ? 7.307   -20.885 0.575   1.00 46.10  ? 3   DC  F "C2'" 1 
ATOM   246  C  "C1'" . DC  B 2 1   ? 8.474   -20.871 -0.418  1.00 44.57  ? 3   DC  F "C1'" 1 
ATOM   247  N  N1    . DC  B 2 1   ? 8.456   -21.830 -1.559  1.00 36.85  ? 3   DC  F N1    1 
ATOM   248  C  C2    . DC  B 2 1   ? 9.062   -21.443 -2.794  1.00 35.28  ? 3   DC  F C2    1 
ATOM   249  O  O2    . DC  B 2 1   ? 9.714   -20.406 -2.844  1.00 46.13  ? 3   DC  F O2    1 
ATOM   250  N  N3    . DC  B 2 1   ? 8.958   -22.221 -3.875  1.00 28.34  ? 3   DC  F N3    1 
ATOM   251  C  C4    . DC  B 2 1   ? 8.367   -23.401 -3.770  1.00 33.08  ? 3   DC  F C4    1 
ATOM   252  N  N4    . DC  B 2 1   ? 8.353   -24.178 -4.853  1.00 30.98  ? 3   DC  F N4    1 
ATOM   253  C  C5    . DC  B 2 1   ? 7.780   -23.859 -2.523  1.00 36.73  ? 3   DC  F C5    1 
ATOM   254  C  C6    . DC  B 2 1   ? 7.848   -23.047 -1.453  1.00 32.33  ? 3   DC  F C6    1 
ATOM   255  P  P     . DA  B 2 2   ? 7.417   -17.570 2.454   1.00 52.56  ? 4   DA  F P     1 
ATOM   256  O  OP1   . DA  B 2 2   ? 8.406   -17.592 3.563   1.00 55.98  ? 4   DA  F OP1   1 
ATOM   257  O  OP2   . DA  B 2 2   ? 5.962   -17.599 2.756   1.00 51.76  ? 4   DA  F OP2   1 
ATOM   258  O  "O5'" . DA  B 2 2   ? 7.633   -16.244 1.598   1.00 55.18  ? 4   DA  F "O5'" 1 
ATOM   259  C  "C5'" . DA  B 2 2   ? 8.897   -15.972 1.006   1.00 47.99  ? 4   DA  F "C5'" 1 
ATOM   260  C  "C4'" . DA  B 2 2   ? 8.768   -15.758 -0.483  1.00 43.05  ? 4   DA  F "C4'" 1 
ATOM   261  O  "O4'" . DA  B 2 2   ? 8.356   -16.962 -1.194  1.00 42.62  ? 4   DA  F "O4'" 1 
ATOM   262  C  "C3'" . DA  B 2 2   ? 7.798   -14.657 -0.905  1.00 44.59  ? 4   DA  F "C3'" 1 
ATOM   263  O  "O3'" . DA  B 2 2   ? 8.412   -13.910 -1.979  1.00 42.82  ? 4   DA  F "O3'" 1 
ATOM   264  C  "C2'" . DA  B 2 2   ? 6.579   -15.442 -1.372  1.00 43.90  ? 4   DA  F "C2'" 1 
ATOM   265  C  "C1'" . DA  B 2 2   ? 7.212   -16.680 -1.989  1.00 39.14  ? 4   DA  F "C1'" 1 
ATOM   266  N  N9    . DA  B 2 2   ? 6.364   -17.853 -1.934  1.00 33.36  ? 4   DA  F N9    1 
ATOM   267  C  C8    . DA  B 2 2   ? 5.558   -18.299 -0.917  1.00 31.98  ? 4   DA  F C8    1 
ATOM   268  N  N7    . DA  B 2 2   ? 5.035   -19.478 -1.146  1.00 29.60  ? 4   DA  F N7    1 
ATOM   269  C  C5    . DA  B 2 2   ? 5.530   -19.813 -2.403  1.00 31.39  ? 4   DA  F C5    1 
ATOM   270  C  C6    . DA  B 2 2   ? 5.425   -20.960 -3.185  1.00 34.60  ? 4   DA  F C6    1 
ATOM   271  N  N6    . DA  B 2 2   ? 4.821   -22.070 -2.784  1.00 39.61  ? 4   DA  F N6    1 
ATOM   272  N  N1    . DA  B 2 2   ? 5.994   -20.946 -4.405  1.00 41.39  ? 4   DA  F N1    1 
ATOM   273  C  C2    . DA  B 2 2   ? 6.663   -19.859 -4.785  1.00 34.65  ? 4   DA  F C2    1 
ATOM   274  N  N3    . DA  B 2 2   ? 6.879   -18.744 -4.115  1.00 34.61  ? 4   DA  F N3    1 
ATOM   275  C  C4    . DA  B 2 2   ? 6.284   -18.791 -2.918  1.00 30.68  ? 4   DA  F C4    1 
ATOM   276  P  P     . DA  B 2 3   ? 7.676   -12.623 -2.597  1.00 42.62  ? 5   DA  F P     1 
ATOM   277  O  OP1   . DA  B 2 3   ? 8.785   -11.742 -3.085  1.00 36.25  ? 5   DA  F OP1   1 
ATOM   278  O  OP2   . DA  B 2 3   ? 6.639   -12.097 -1.679  1.00 39.70  ? 5   DA  F OP2   1 
ATOM   279  O  "O5'" . DA  B 2 3   ? 6.914   -13.201 -3.858  1.00 40.74  ? 5   DA  F "O5'" 1 
ATOM   280  C  "C5'" . DA  B 2 3   ? 7.627   -13.457 -5.060  1.00 34.58  ? 5   DA  F "C5'" 1 
ATOM   281  C  "C4'" . DA  B 2 3   ? 6.696   -14.088 -6.066  1.00 40.17  ? 5   DA  F "C4'" 1 
ATOM   282  O  "O4'" . DA  B 2 3   ? 6.203   -15.372 -5.600  1.00 38.71  ? 5   DA  F "O4'" 1 
ATOM   283  C  "C3'" . DA  B 2 3   ? 5.445   -13.283 -6.445  1.00 36.38  ? 5   DA  F "C3'" 1 
ATOM   284  O  "O3'" . DA  B 2 3   ? 5.310   -13.549 -7.818  1.00 38.91  ? 5   DA  F "O3'" 1 
ATOM   285  C  "C2'" . DA  B 2 3   ? 4.337   -14.028 -5.730  1.00 34.19  ? 5   DA  F "C2'" 1 
ATOM   286  C  "C1'" . DA  B 2 3   ? 4.833   -15.442 -5.918  1.00 34.15  ? 5   DA  F "C1'" 1 
ATOM   287  N  N9    . DA  B 2 3   ? 4.194   -16.496 -5.123  1.00 31.05  ? 5   DA  F N9    1 
ATOM   288  C  C8    . DA  B 2 3   ? 3.718   -16.462 -3.827  1.00 32.30  ? 5   DA  F C8    1 
ATOM   289  N  N7    . DA  B 2 3   ? 3.153   -17.594 -3.438  1.00 27.49  ? 5   DA  F N7    1 
ATOM   290  C  C5    . DA  B 2 3   ? 3.266   -18.417 -4.545  1.00 28.91  ? 5   DA  F C5    1 
ATOM   291  C  C6    . DA  B 2 3   ? 2.836   -19.748 -4.790  1.00 30.73  ? 5   DA  F C6    1 
ATOM   292  N  N6    . DA  B 2 3   ? 2.196   -20.502 -3.883  1.00 26.28  ? 5   DA  F N6    1 
ATOM   293  N  N1    . DA  B 2 3   ? 3.087   -20.274 -6.020  1.00 30.07  ? 5   DA  F N1    1 
ATOM   294  C  C2    . DA  B 2 3   ? 3.734   -19.512 -6.931  1.00 28.07  ? 5   DA  F C2    1 
ATOM   295  N  N3    . DA  B 2 3   ? 4.192   -18.252 -6.814  1.00 30.48  ? 5   DA  F N3    1 
ATOM   296  C  C4    . DA  B 2 3   ? 3.919   -17.759 -5.587  1.00 27.65  ? 5   DA  F C4    1 
ATOM   297  P  P     . DG  B 2 4   ? 4.446   -12.609 -8.759  1.00 40.10  ? 6   DG  F P     1 
ATOM   298  O  OP1   . DG  B 2 4   ? 5.408   -11.659 -9.409  1.00 40.29  ? 6   DG  F OP1   1 
ATOM   299  O  OP2   . DG  B 2 4   ? 3.230   -12.102 -8.094  1.00 36.70  ? 6   DG  F OP2   1 
ATOM   300  O  "O5'" . DG  B 2 4   ? 4.008   -13.663 -9.859  1.00 35.78  ? 6   DG  F "O5'" 1 
ATOM   301  C  "C5'" . DG  B 2 4   ? 4.982   -14.560 -10.381 1.00 33.89  ? 6   DG  F "C5'" 1 
ATOM   302  C  "C4'" . DG  B 2 4   ? 4.309   -15.713 -11.083 1.00 38.37  ? 6   DG  F "C4'" 1 
ATOM   303  O  "O4'" . DG  B 2 4   ? 3.765   -16.640 -10.107 1.00 41.33  ? 6   DG  F "O4'" 1 
ATOM   304  C  "C3'" . DG  B 2 4   ? 3.140   -15.289 -11.963 1.00 39.06  ? 6   DG  F "C3'" 1 
ATOM   305  O  "O3'" . DG  B 2 4   ? 3.194   -16.076 -13.156 1.00 42.35  ? 6   DG  F "O3'" 1 
ATOM   306  C  "C2'" . DG  B 2 4   ? 1.929   -15.570 -11.074 1.00 40.02  ? 6   DG  F "C2'" 1 
ATOM   307  C  "C1'" . DG  B 2 4   ? 2.379   -16.798 -10.288 1.00 37.35  ? 6   DG  F "C1'" 1 
ATOM   308  N  N9    . DG  B 2 4   ? 1.772   -17.044 -8.979  1.00 35.39  ? 6   DG  F N9    1 
ATOM   309  C  C8    . DG  B 2 4   ? 1.688   -16.195 -7.878  1.00 39.70  ? 6   DG  F C8    1 
ATOM   310  N  N7    . DG  B 2 4   ? 1.073   -16.737 -6.844  1.00 32.34  ? 6   DG  F N7    1 
ATOM   311  C  C5    . DG  B 2 4   ? 0.738   -18.016 -7.289  1.00 35.68  ? 6   DG  F C5    1 
ATOM   312  C  C6    . DG  B 2 4   ? 0.053   -19.077 -6.627  1.00 35.88  ? 6   DG  F C6    1 
ATOM   313  O  O6    . DG  B 2 4   ? -0.375  -19.107 -5.473  1.00 40.49  ? 6   DG  F O6    1 
ATOM   314  N  N1    . DG  B 2 4   ? -0.103  -20.194 -7.464  1.00 35.88  ? 6   DG  F N1    1 
ATOM   315  C  C2    . DG  B 2 4   ? 0.357   -20.275 -8.776  1.00 33.76  ? 6   DG  F C2    1 
ATOM   316  N  N2    . DG  B 2 4   ? 0.125   -21.423 -9.448  1.00 28.29  ? 6   DG  F N2    1 
ATOM   317  N  N3    . DG  B 2 4   ? 1.004   -19.293 -9.391  1.00 30.32  ? 6   DG  F N3    1 
ATOM   318  C  C4    . DG  B 2 4   ? 1.157   -18.210 -8.607  1.00 32.46  ? 6   DG  F C4    1 
ATOM   319  P  P     . DT  B 2 5   ? 2.185   -15.777 -14.383 1.00 38.85  ? 7   DT  F P     1 
ATOM   320  O  OP1   . DT  B 2 5   ? 2.954   -15.892 -15.660 1.00 39.40  ? 7   DT  F OP1   1 
ATOM   321  O  OP2   . DT  B 2 5   ? 1.391   -14.550 -14.097 1.00 38.62  ? 7   DT  F OP2   1 
ATOM   322  O  "O5'" . DT  B 2 5   ? 1.196   -17.012 -14.298 1.00 44.80  ? 7   DT  F "O5'" 1 
ATOM   323  C  "C5'" . DT  B 2 5   ? 1.708   -18.330 -14.186 1.00 44.17  ? 7   DT  F "C5'" 1 
ATOM   324  C  "C4'" . DT  B 2 5   ? 0.573   -19.329 -14.175 1.00 48.61  ? 7   DT  F "C4'" 1 
ATOM   325  O  "O4'" . DT  B 2 5   ? 0.048   -19.509 -12.830 1.00 38.34  ? 7   DT  F "O4'" 1 
ATOM   326  C  "C3'" . DT  B 2 5   ? -0.619  -19.016 -15.106 1.00 49.13  ? 7   DT  F "C3'" 1 
ATOM   327  O  "O3'" . DT  B 2 5   ? -0.939  -20.178 -15.894 1.00 58.39  ? 7   DT  F "O3'" 1 
ATOM   328  C  "C2'" . DT  B 2 5   ? -1.764  -18.679 -14.153 1.00 43.07  ? 7   DT  F "C2'" 1 
ATOM   329  C  "C1'" . DT  B 2 5   ? -1.384  -19.454 -12.877 1.00 45.03  ? 7   DT  F "C1'" 1 
ATOM   330  N  N1    . DT  B 2 5   ? -1.842  -18.884 -11.591 1.00 40.41  ? 7   DT  F N1    1 
ATOM   331  C  C2    . DT  B 2 5   ? -2.540  -19.713 -10.764 1.00 41.50  ? 7   DT  F C2    1 
ATOM   332  O  O2    . DT  B 2 5   ? -2.848  -20.850 -11.093 1.00 38.72  ? 7   DT  F O2    1 
ATOM   333  N  N3    . DT  B 2 5   ? -2.851  -19.171 -9.533  1.00 39.87  ? 7   DT  F N3    1 
ATOM   334  C  C4    . DT  B 2 5   ? -2.515  -17.907 -9.070  1.00 36.37  ? 7   DT  F C4    1 
ATOM   335  O  O4    . DT  B 2 5   ? -2.780  -17.587 -7.915  1.00 36.70  ? 7   DT  F O4    1 
ATOM   336  C  C5    . DT  B 2 5   ? -1.826  -17.067 -10.031 1.00 36.79  ? 7   DT  F C5    1 
ATOM   337  C  C7    . DT  B 2 5   ? -1.468  -15.657 -9.657  1.00 31.50  ? 7   DT  F C7    1 
ATOM   338  C  C6    . DT  B 2 5   ? -1.540  -17.592 -11.227 1.00 35.81  ? 7   DT  F C6    1 
ATOM   339  P  P     . DG  B 2 6   ? -1.749  -20.027 -17.288 1.00 67.42  ? 8   DG  F P     1 
ATOM   340  O  OP1   . DG  B 2 6   ? -1.131  -21.006 -18.247 1.00 64.11  ? 8   DG  F OP1   1 
ATOM   341  O  OP2   . DG  B 2 6   ? -1.965  -18.603 -17.700 1.00 59.77  ? 8   DG  F OP2   1 
ATOM   342  O  "O5'" . DG  B 2 6   ? -3.203  -20.563 -16.941 1.00 66.70  ? 8   DG  F "O5'" 1 
ATOM   343  C  "C5'" . DG  B 2 6   ? -3.383  -21.882 -16.467 1.00 64.37  ? 8   DG  F "C5'" 1 
ATOM   344  C  "C4'" . DG  B 2 6   ? -4.808  -22.061 -16.005 1.00 63.71  ? 8   DG  F "C4'" 1 
ATOM   345  O  "O4'" . DG  B 2 6   ? -4.999  -21.454 -14.701 1.00 58.75  ? 8   DG  F "O4'" 1 
ATOM   346  C  "C3'" . DG  B 2 6   ? -5.864  -21.455 -16.939 1.00 63.74  ? 8   DG  F "C3'" 1 
ATOM   347  O  "O3'" . DG  B 2 6   ? -6.946  -22.412 -17.049 1.00 71.92  ? 8   DG  F "O3'" 1 
ATOM   348  C  "C2'" . DG  B 2 6   ? -6.258  -20.177 -16.217 1.00 54.32  ? 8   DG  F "C2'" 1 
ATOM   349  C  "C1'" . DG  B 2 6   ? -6.100  -20.571 -14.753 1.00 52.96  ? 8   DG  F "C1'" 1 
ATOM   350  N  N9    . DG  B 2 6   ? -5.826  -19.470 -13.835 1.00 45.17  ? 8   DG  F N9    1 
ATOM   351  C  C8    . DG  B 2 6   ? -5.301  -18.244 -14.150 1.00 43.88  ? 8   DG  F C8    1 
ATOM   352  N  N7    . DG  B 2 6   ? -5.187  -17.459 -13.115 1.00 45.90  ? 8   DG  F N7    1 
ATOM   353  C  C5    . DG  B 2 6   ? -5.649  -18.221 -12.048 1.00 44.30  ? 8   DG  F C5    1 
ATOM   354  C  C6    . DG  B 2 6   ? -5.754  -17.900 -10.652 1.00 47.13  ? 8   DG  F C6    1 
ATOM   355  O  O6    . DG  B 2 6   ? -5.411  -16.835 -10.058 1.00 44.30  ? 8   DG  F O6    1 
ATOM   356  N  N1    . DG  B 2 6   ? -6.319  -18.962 -9.934  1.00 46.81  ? 8   DG  F N1    1 
ATOM   357  C  C2    . DG  B 2 6   ? -6.713  -20.176 -10.488 1.00 43.60  ? 8   DG  F C2    1 
ATOM   358  N  N2    . DG  B 2 6   ? -7.268  -21.090 -9.645  1.00 36.29  ? 8   DG  F N2    1 
ATOM   359  N  N3    . DG  B 2 6   ? -6.587  -20.473 -11.768 1.00 38.93  ? 8   DG  F N3    1 
ATOM   360  C  C4    . DG  B 2 6   ? -6.060  -19.461 -12.480 1.00 41.28  ? 8   DG  F C4    1 
ATOM   361  P  P     . DA  B 2 7   ? -8.179  -22.192 -18.087 1.00 75.43  ? 9   DA  F P     1 
ATOM   362  O  OP1   . DA  B 2 7   ? -8.119  -23.295 -19.091 1.00 77.14  ? 9   DA  F OP1   1 
ATOM   363  O  OP2   . DA  B 2 7   ? -8.313  -20.776 -18.570 1.00 71.28  ? 9   DA  F OP2   1 
ATOM   364  O  "O5'" . DA  B 2 7   ? -9.396  -22.501 -17.101 1.00 70.56  ? 9   DA  F "O5'" 1 
ATOM   365  C  "C5'" . DA  B 2 7   ? -9.198  -23.356 -15.964 1.00 63.59  ? 9   DA  F "C5'" 1 
ATOM   366  C  "C4'" . DA  B 2 7   ? -10.220 -23.040 -14.893 1.00 64.15  ? 9   DA  F "C4'" 1 
ATOM   367  O  "O4'" . DA  B 2 7   ? -9.730  -22.075 -13.917 1.00 55.19  ? 9   DA  F "O4'" 1 
ATOM   368  C  "C3'" . DA  B 2 7   ? -11.513 -22.460 -15.484 1.00 65.19  ? 9   DA  F "C3'" 1 
ATOM   369  O  "O3'" . DA  B 2 7   ? -12.680 -23.059 -14.872 1.00 68.24  ? 9   DA  F "O3'" 1 
ATOM   370  C  "C2'" . DA  B 2 7   ? -11.371 -20.975 -15.200 1.00 61.08  ? 9   DA  F "C2'" 1 
ATOM   371  C  "C1'" . DA  B 2 7   ? -10.625 -20.982 -13.862 1.00 56.52  ? 9   DA  F "C1'" 1 
ATOM   372  N  N9    . DA  B 2 7   ? -9.878  -19.743 -13.622 1.00 47.35  ? 9   DA  F N9    1 
ATOM   373  C  C8    . DA  B 2 7   ? -9.297  -18.919 -14.567 1.00 45.39  ? 9   DA  F C8    1 
ATOM   374  N  N7    . DA  B 2 7   ? -8.832  -17.798 -14.073 1.00 42.18  ? 9   DA  F N7    1 
ATOM   375  C  C5    . DA  B 2 7   ? -9.097  -17.901 -12.699 1.00 44.16  ? 9   DA  F C5    1 
ATOM   376  C  C6    . DA  B 2 7   ? -8.888  -16.998 -11.590 1.00 44.38  ? 9   DA  F C6    1 
ATOM   377  N  N6    . DA  B 2 7   ? -8.317  -15.794 -11.701 1.00 43.35  ? 9   DA  F N6    1 
ATOM   378  N  N1    . DA  B 2 7   ? -9.295  -17.400 -10.358 1.00 42.73  ? 9   DA  F N1    1 
ATOM   379  C  C2    . DA  B 2 7   ? -9.842  -18.617 -10.242 1.00 45.95  ? 9   DA  F C2    1 
ATOM   380  N  N3    . DA  B 2 7   ? -10.083 -19.548 -11.194 1.00 45.25  ? 9   DA  F N3    1 
ATOM   381  C  C4    . DA  B 2 7   ? -9.699  -19.112 -12.410 1.00 43.24  ? 9   DA  F C4    1 
ATOM   382  P  P     . DA  B 2 8   ? -14.163 -22.660 -15.382 1.00 70.68  ? 10  DA  F P     1 
ATOM   383  O  OP1   . DA  B 2 8   ? -14.976 -23.919 -15.498 1.00 72.39  ? 10  DA  F OP1   1 
ATOM   384  O  OP2   . DA  B 2 8   ? -14.078 -21.721 -16.536 1.00 71.43  ? 10  DA  F OP2   1 
ATOM   385  O  "O5'" . DA  B 2 8   ? -14.729 -21.866 -14.131 1.00 69.04  ? 10  DA  F "O5'" 1 
ATOM   386  C  "C5'" . DA  B 2 8   ? -14.563 -22.429 -12.839 1.00 69.68  ? 10  DA  F "C5'" 1 
ATOM   387  C  "C4'" . DA  B 2 8   ? -14.899 -21.406 -11.792 1.00 71.45  ? 10  DA  F "C4'" 1 
ATOM   388  O  "O4'" . DA  B 2 8   ? -13.819 -20.443 -11.618 1.00 71.28  ? 10  DA  F "O4'" 1 
ATOM   389  C  "C3'" . DA  B 2 8   ? -16.141 -20.601 -12.159 1.00 72.03  ? 10  DA  F "C3'" 1 
ATOM   390  O  "O3'" . DA  B 2 8   ? -17.005 -20.515 -11.033 1.00 78.06  ? 10  DA  F "O3'" 1 
ATOM   391  C  "C2'" . DA  B 2 8   ? -15.588 -19.228 -12.478 1.00 69.31  ? 10  DA  F "C2'" 1 
ATOM   392  C  "C1'" . DA  B 2 8   ? -14.403 -19.164 -11.528 1.00 64.76  ? 10  DA  F "C1'" 1 
ATOM   393  N  N9    . DA  B 2 8   ? -13.429 -18.155 -11.924 1.00 56.50  ? 10  DA  F N9    1 
ATOM   394  C  C8    . DA  B 2 8   ? -12.939 -17.922 -13.184 1.00 53.92  ? 10  DA  F C8    1 
ATOM   395  N  N7    . DA  B 2 8   ? -12.277 -16.797 -13.290 1.00 49.03  ? 10  DA  F N7    1 
ATOM   396  C  C5    . DA  B 2 8   ? -12.278 -16.288 -11.996 1.00 47.54  ? 10  DA  F C5    1 
ATOM   397  C  C6    . DA  B 2 8   ? -11.780 -15.107 -11.454 1.00 40.75  ? 10  DA  F C6    1 
ATOM   398  N  N6    . DA  B 2 8   ? -11.177 -14.175 -12.178 1.00 38.96  ? 10  DA  F N6    1 
ATOM   399  N  N1    . DA  B 2 8   ? -11.933 -14.902 -10.134 1.00 40.85  ? 10  DA  F N1    1 
ATOM   400  C  C2    . DA  B 2 8   ? -12.546 -15.840 -9.409  1.00 41.60  ? 10  DA  F C2    1 
ATOM   401  N  N3    . DA  B 2 8   ? -13.075 -16.987 -9.801  1.00 49.14  ? 10  DA  F N3    1 
ATOM   402  C  C4    . DA  B 2 8   ? -12.922 -17.150 -11.131 1.00 51.89  ? 10  DA  F C4    1 
ATOM   403  P  P     . DG  B 2 9   ? -18.438 -19.801 -11.188 1.00 85.01  ? 11  DG  F P     1 
ATOM   404  O  OP1   . DG  B 2 9   ? -19.447 -20.799 -10.687 1.00 84.30  ? 11  DG  F OP1   1 
ATOM   405  O  OP2   . DG  B 2 9   ? -18.558 -19.237 -12.569 1.00 79.97  ? 11  DG  F OP2   1 
ATOM   406  O  "O5'" . DG  B 2 9   ? -18.340 -18.587 -10.159 1.00 80.54  ? 11  DG  F "O5'" 1 
ATOM   407  C  "C5'" . DG  B 2 9   ? -17.652 -18.770 -8.920  1.00 76.26  ? 11  DG  F "C5'" 1 
ATOM   408  C  "C4'" . DG  B 2 9   ? -17.553 -17.468 -8.161  1.00 73.06  ? 11  DG  F "C4'" 1 
ATOM   409  O  "O4'" . DG  B 2 9   ? -16.453 -16.667 -8.656  1.00 67.69  ? 11  DG  F "O4'" 1 
ATOM   410  C  "C3'" . DG  B 2 9   ? -18.802 -16.591 -8.217  1.00 72.37  ? 11  DG  F "C3'" 1 
ATOM   411  O  "O3'" . DG  B 2 9   ? -19.153 -16.177 -6.898  1.00 75.26  ? 11  DG  F "O3'" 1 
ATOM   412  C  "C2'" . DG  B 2 9   ? -18.389 -15.426 -9.105  1.00 65.96  ? 11  DG  F "C2'" 1 
ATOM   413  C  "C1'" . DG  B 2 9   ? -16.881 -15.348 -8.912  1.00 59.72  ? 11  DG  F "C1'" 1 
ATOM   414  N  N9    . DG  B 2 9   ? -16.112 -14.836 -10.052 1.00 49.43  ? 11  DG  F N9    1 
ATOM   415  C  C8    . DG  B 2 9   ? -16.090 -15.293 -11.356 1.00 46.19  ? 11  DG  F C8    1 
ATOM   416  N  N7    . DG  B 2 9   ? -15.349 -14.560 -12.144 1.00 39.00  ? 11  DG  F N7    1 
ATOM   417  C  C5    . DG  B 2 9   ? -14.845 -13.566 -11.308 1.00 37.58  ? 11  DG  F C5    1 
ATOM   418  C  C6    . DG  B 2 9   ? -13.984 -12.452 -11.581 1.00 31.87  ? 11  DG  F C6    1 
ATOM   419  O  O6    . DG  B 2 9   ? -13.519 -12.085 -12.648 1.00 27.57  ? 11  DG  F O6    1 
ATOM   420  N  N1    . DG  B 2 9   ? -13.706 -11.731 -10.430 1.00 30.82  ? 11  DG  F N1    1 
ATOM   421  C  C2    . DG  B 2 9   ? -14.213 -12.004 -9.188  1.00 30.89  ? 11  DG  F C2    1 
ATOM   422  N  N2    . DG  B 2 9   ? -13.928 -11.145 -8.234  1.00 35.69  ? 11  DG  F N2    1 
ATOM   423  N  N3    . DG  B 2 9   ? -14.980 -13.023 -8.913  1.00 37.59  ? 11  DG  F N3    1 
ATOM   424  C  C4    . DG  B 2 9   ? -15.273 -13.750 -10.013 1.00 41.58  ? 11  DG  F C4    1 
ATOM   425  P  P     . DT  B 2 10  ? -20.557 -15.425 -6.639  1.00 81.61  ? 12  DT  F P     1 
ATOM   426  O  OP1   . DT  B 2 10  ? -21.171 -15.964 -5.380  1.00 80.08  ? 12  DT  F OP1   1 
ATOM   427  O  OP2   . DT  B 2 10  ? -21.365 -15.353 -7.903  1.00 71.61  ? 12  DT  F OP2   1 
ATOM   428  O  "O5'" . DT  B 2 10  ? -20.060 -13.965 -6.283  1.00 77.44  ? 12  DT  F "O5'" 1 
ATOM   429  C  "C5'" . DT  B 2 10  ? -19.023 -13.776 -5.327  1.00 72.05  ? 12  DT  F "C5'" 1 
ATOM   430  C  "C4'" . DT  B 2 10  ? -18.792 -12.302 -5.162  1.00 66.09  ? 12  DT  F "C4'" 1 
ATOM   431  O  "O4'" . DT  B 2 10  ? -17.994 -11.822 -6.265  1.00 63.57  ? 12  DT  F "O4'" 1 
ATOM   432  C  "C3'" . DT  B 2 10  ? -20.118 -11.557 -5.244  1.00 63.16  ? 12  DT  F "C3'" 1 
ATOM   433  O  "O3'" . DT  B 2 10  ? -20.109 -10.528 -4.284  1.00 71.88  ? 12  DT  F "O3'" 1 
ATOM   434  C  "C2'" . DT  B 2 10  ? -20.148 -11.010 -6.660  1.00 60.11  ? 12  DT  F "C2'" 1 
ATOM   435  C  "C1'" . DT  B 2 10  ? -18.675 -10.771 -6.938  1.00 56.90  ? 12  DT  F "C1'" 1 
ATOM   436  N  N1    . DT  B 2 10  ? -18.225 -10.768 -8.366  1.00 47.02  ? 12  DT  F N1    1 
ATOM   437  C  C2    . DT  B 2 10  ? -17.336 -9.775  -8.769  1.00 47.31  ? 12  DT  F C2    1 
ATOM   438  O  O2    . DT  B 2 10  ? -16.971 -8.846  -8.025  1.00 47.45  ? 12  DT  F O2    1 
ATOM   439  N  N3    . DT  B 2 10  ? -16.901 -9.890  -10.082 1.00 34.00  ? 12  DT  F N3    1 
ATOM   440  C  C4    . DT  B 2 10  ? -17.290 -10.845 -11.006 1.00 36.35  ? 12  DT  F C4    1 
ATOM   441  O  O4    . DT  B 2 10  ? -16.824 -10.845 -12.165 1.00 36.10  ? 12  DT  F O4    1 
ATOM   442  C  C5    . DT  B 2 10  ? -18.253 -11.803 -10.528 1.00 36.86  ? 12  DT  F C5    1 
ATOM   443  C  C7    . DT  B 2 10  ? -18.768 -12.825 -11.493 1.00 25.28  ? 12  DT  F C7    1 
ATOM   444  C  C6    . DT  B 2 10  ? -18.653 -11.726 -9.247  1.00 38.02  ? 12  DT  F C6    1 
ATOM   445  P  P     . DA  B 2 11  ? -21.495 -10.036 -3.636  1.00 80.76  ? 13  DA  F P     1 
ATOM   446  O  OP1   . DA  B 2 11  ? -21.306 -10.062 -2.152  1.00 76.49  ? 13  DA  F OP1   1 
ATOM   447  O  OP2   . DA  B 2 11  ? -22.626 -10.790 -4.264  1.00 79.47  ? 13  DA  F OP2   1 
ATOM   448  O  "O5'" . DA  B 2 11  ? -21.592 -8.527  -4.142  1.00 76.79  ? 13  DA  F "O5'" 1 
ATOM   449  C  "C5'" . DA  B 2 11  ? -20.535 -7.616  -3.843  1.00 75.28  ? 13  DA  F "C5'" 1 
ATOM   450  C  "C4'" . DA  B 2 11  ? -20.587 -6.420  -4.758  1.00 72.27  ? 13  DA  F "C4'" 1 
ATOM   451  O  "O4'" . DA  B 2 11  ? -20.101 -6.741  -6.081  1.00 70.73  ? 13  DA  F "O4'" 1 
ATOM   452  C  "C3'" . DA  B 2 11  ? -21.985 -5.843  -4.961  1.00 72.95  ? 13  DA  F "C3'" 1 
ATOM   453  O  "O3'" . DA  B 2 11  ? -21.840 -4.440  -5.092  1.00 77.67  ? 13  DA  F "O3'" 1 
ATOM   454  C  "C2'" . DA  B 2 11  ? -22.374 -6.381  -6.321  1.00 68.84  ? 13  DA  F "C2'" 1 
ATOM   455  C  "C1'" . DA  B 2 11  ? -21.039 -6.244  -7.012  1.00 63.88  ? 13  DA  F "C1'" 1 
ATOM   456  N  N9    . DA  B 2 11  ? -20.897 -7.000  -8.240  1.00 57.62  ? 13  DA  F N9    1 
ATOM   457  C  C8    . DA  B 2 11  ? -21.645 -8.064  -8.677  1.00 56.87  ? 13  DA  F C8    1 
ATOM   458  N  N7    . DA  B 2 11  ? -21.241 -8.553  -9.830  1.00 55.39  ? 13  DA  F N7    1 
ATOM   459  C  C5    . DA  B 2 11  ? -20.161 -7.749  -10.173 1.00 49.03  ? 13  DA  F C5    1 
ATOM   460  C  C6    . DA  B 2 11  ? -19.297 -7.768  -11.257 1.00 46.74  ? 13  DA  F C6    1 
ATOM   461  N  N6    . DA  B 2 11  ? -19.384 -8.658  -12.241 1.00 43.57  ? 13  DA  F N6    1 
ATOM   462  N  N1    . DA  B 2 11  ? -18.318 -6.840  -11.300 1.00 45.06  ? 13  DA  F N1    1 
ATOM   463  C  C2    . DA  B 2 11  ? -18.230 -5.949  -10.294 1.00 45.03  ? 13  DA  F C2    1 
ATOM   464  N  N3    . DA  B 2 11  ? -18.987 -5.833  -9.211  1.00 48.50  ? 13  DA  F N3    1 
ATOM   465  C  C4    . DA  B 2 11  ? -19.945 -6.780  -9.208  1.00 52.12  ? 13  DA  F C4    1 
ATOM   466  P  P     . DA  B 2 12  ? -22.697 -3.462  -4.163  1.00 81.16  ? 14  DA  F P     1 
ATOM   467  O  OP1   . DA  B 2 12  ? -22.240 -3.658  -2.753  1.00 76.07  ? 14  DA  F OP1   1 
ATOM   468  O  OP2   . DA  B 2 12  ? -24.143 -3.681  -4.532  1.00 78.07  ? 14  DA  F OP2   1 
ATOM   469  O  "O5'" . DA  B 2 12  ? -22.211 -2.021  -4.638  1.00 74.17  ? 14  DA  F "O5'" 1 
ATOM   470  C  "C5'" . DA  B 2 12  ? -20.859 -1.618  -4.448  1.00 66.16  ? 14  DA  F "C5'" 1 
ATOM   471  C  "C4'" . DA  B 2 12  ? -20.330 -0.958  -5.701  1.00 59.04  ? 14  DA  F "C4'" 1 
ATOM   472  O  "O4'" . DA  B 2 12  ? -20.289 -1.914  -6.790  1.00 52.89  ? 14  DA  F "O4'" 1 
ATOM   473  C  "C3'" . DA  B 2 12  ? -21.178 0.207   -6.191  1.00 56.84  ? 14  DA  F "C3'" 1 
ATOM   474  O  "O3'" . DA  B 2 12  ? -20.340 1.312   -6.584  1.00 57.78  ? 14  DA  F "O3'" 1 
ATOM   475  C  "C2'" . DA  B 2 12  ? -21.964 -0.404  -7.343  1.00 55.46  ? 14  DA  F "C2'" 1 
ATOM   476  C  "C1'" . DA  B 2 12  ? -21.009 -1.437  -7.904  1.00 48.96  ? 14  DA  F "C1'" 1 
ATOM   477  N  N9    . DA  B 2 12  ? -21.643 -2.591  -8.557  1.00 43.40  ? 14  DA  F N9    1 
ATOM   478  C  C8    . DA  B 2 12  ? -22.686 -3.363  -8.077  1.00 36.32  ? 14  DA  F C8    1 
ATOM   479  N  N7    . DA  B 2 12  ? -23.008 -4.362  -8.865  1.00 34.23  ? 14  DA  F N7    1 
ATOM   480  C  C5    . DA  B 2 12  ? -22.134 -4.238  -9.948  1.00 36.85  ? 14  DA  F C5    1 
ATOM   481  C  C6    . DA  B 2 12  ? -21.944 -5.026  -11.132 1.00 39.11  ? 14  DA  F C6    1 
ATOM   482  N  N6    . DA  B 2 12  ? -22.682 -6.091  -11.432 1.00 39.89  ? 14  DA  F N6    1 
ATOM   483  N  N1    . DA  B 2 12  ? -20.954 -4.660  -11.993 1.00 38.25  ? 14  DA  F N1    1 
ATOM   484  C  C2    . DA  B 2 12  ? -20.223 -3.562  -11.686 1.00 38.17  ? 14  DA  F C2    1 
ATOM   485  N  N3    . DA  B 2 12  ? -20.323 -2.734  -10.613 1.00 39.21  ? 14  DA  F N3    1 
ATOM   486  C  C4    . DA  B 2 12  ? -21.296 -3.141  -9.775  1.00 36.05  ? 14  DA  F C4    1 
ATOM   487  P  P     . DC  B 2 13  ? -20.978 2.788   -6.701  1.00 57.56  ? 15  DC  F P     1 
ATOM   488  O  OP1   . DC  B 2 13  ? -19.994 3.874   -6.392  1.00 61.84  ? 15  DC  F OP1   1 
ATOM   489  O  OP2   . DC  B 2 13  ? -22.279 2.740   -5.980  1.00 56.36  ? 15  DC  F OP2   1 
ATOM   490  O  "O5'" . DC  B 2 13  ? -21.268 2.900   -8.254  1.00 55.25  ? 15  DC  F "O5'" 1 
ATOM   491  C  "C5'" . DC  B 2 13  ? -21.255 1.747   -9.046  1.00 47.97  ? 15  DC  F "C5'" 1 
ATOM   492  C  "C4'" . DC  B 2 13  ? -20.694 2.056   -10.403 1.00 48.01  ? 15  DC  F "C4'" 1 
ATOM   493  O  "O4'" . DC  B 2 13  ? -20.826 0.811   -11.107 1.00 49.66  ? 15  DC  F "O4'" 1 
ATOM   494  C  "C3'" . DC  B 2 13  ? -21.538 3.066   -11.180 1.00 48.72  ? 15  DC  F "C3'" 1 
ATOM   495  O  "O3'" . DC  B 2 13  ? -20.692 3.863   -12.046 1.00 50.50  ? 15  DC  F "O3'" 1 
ATOM   496  C  "C2'" . DC  B 2 13  ? -22.586 2.197   -11.868 1.00 39.73  ? 15  DC  F "C2'" 1 
ATOM   497  C  "C1'" . DC  B 2 13  ? -21.882 0.873   -12.055 1.00 40.09  ? 15  DC  F "C1'" 1 
ATOM   498  N  N1    . DC  B 2 13  ? -22.703 -0.333  -11.866 1.00 39.35  ? 15  DC  F N1    1 
ATOM   499  C  C2    . DC  B 2 13  ? -22.631 -1.325  -12.847 1.00 35.54  ? 15  DC  F C2    1 
ATOM   500  O  O2    . DC  B 2 13  ? -21.840 -1.167  -13.779 1.00 33.40  ? 15  DC  F O2    1 
ATOM   501  N  N3    . DC  B 2 13  ? -23.409 -2.422  -12.743 1.00 32.80  ? 15  DC  F N3    1 
ATOM   502  C  C4    . DC  B 2 13  ? -24.214 -2.569  -11.690 1.00 33.14  ? 15  DC  F C4    1 
ATOM   503  N  N4    . DC  B 2 13  ? -24.959 -3.669  -11.633 1.00 35.65  ? 15  DC  F N4    1 
ATOM   504  C  C5    . DC  B 2 13  ? -24.288 -1.596  -10.655 1.00 31.11  ? 15  DC  F C5    1 
ATOM   505  C  C6    . DC  B 2 13  ? -23.520 -0.495  -10.782 1.00 35.47  ? 15  DC  F C6    1 
ATOM   506  N  N     . ASP C 3 5   ? -6.522  -9.235  15.988  1.00 103.78 ? 5   ASP U N     1 
ATOM   507  C  CA    . ASP C 3 5   ? -5.852  -8.430  17.054  1.00 102.92 ? 5   ASP U CA    1 
ATOM   508  C  C     . ASP C 3 5   ? -4.800  -7.498  16.442  1.00 101.04 ? 5   ASP U C     1 
ATOM   509  O  O     . ASP C 3 5   ? -4.539  -6.407  16.970  1.00 101.06 ? 5   ASP U O     1 
ATOM   510  C  CB    . ASP C 3 5   ? -5.165  -9.348  18.086  1.00 104.80 ? 5   ASP U CB    1 
ATOM   511  C  CG    . ASP C 3 5   ? -6.132  -10.328 18.770  1.00 106.52 ? 5   ASP U CG    1 
ATOM   512  O  OD1   . ASP C 3 5   ? -5.691  -11.003 19.734  1.00 105.36 ? 5   ASP U OD1   1 
ATOM   513  O  OD2   . ASP C 3 5   ? -7.312  -10.432 18.351  1.00 107.04 ? 5   ASP U OD2   1 
ATOM   514  N  N     . LEU C 3 6   ? -4.192  -7.938  15.336  1.00 97.58  ? 6   LEU U N     1 
ATOM   515  C  CA    . LEU C 3 6   ? -3.159  -7.146  14.667  1.00 93.47  ? 6   LEU U CA    1 
ATOM   516  C  C     . LEU C 3 6   ? -3.826  -6.194  13.697  1.00 90.89  ? 6   LEU U C     1 
ATOM   517  O  O     . LEU C 3 6   ? -3.537  -4.999  13.724  1.00 89.10  ? 6   LEU U O     1 
ATOM   518  C  CB    . LEU C 3 6   ? -2.154  -8.048  13.927  1.00 92.46  ? 6   LEU U CB    1 
ATOM   519  C  CG    . LEU C 3 6   ? -0.780  -7.446  13.563  1.00 91.89  ? 6   LEU U CG    1 
ATOM   520  C  CD1   . LEU C 3 6   ? -0.059  -6.964  14.828  1.00 89.68  ? 6   LEU U CD1   1 
ATOM   521  C  CD2   . LEU C 3 6   ? 0.068   -8.483  12.824  1.00 88.92  ? 6   LEU U CD2   1 
ATOM   522  N  N     . GLU C 3 7   ? -4.717  -6.713  12.847  1.00 88.99  ? 7   GLU U N     1 
ATOM   523  C  CA    . GLU C 3 7   ? -5.426  -5.848  11.911  1.00 86.80  ? 7   GLU U CA    1 
ATOM   524  C  C     . GLU C 3 7   ? -6.229  -4.862  12.728  1.00 85.29  ? 7   GLU U C     1 
ATOM   525  O  O     . GLU C 3 7   ? -6.403  -3.715  12.325  1.00 84.87  ? 7   GLU U O     1 
ATOM   526  C  CB    . GLU C 3 7   ? -6.388  -6.617  11.014  1.00 87.48  ? 7   GLU U CB    1 
ATOM   527  C  CG    . GLU C 3 7   ? -7.309  -5.668  10.248  1.00 90.43  ? 7   GLU U CG    1 
ATOM   528  C  CD    . GLU C 3 7   ? -8.124  -6.349  9.164   1.00 94.99  ? 7   GLU U CD    1 
ATOM   529  O  OE1   . GLU C 3 7   ? -8.906  -5.650  8.476   1.00 98.54  ? 7   GLU U OE1   1 
ATOM   530  O  OE2   . GLU C 3 7   ? -7.984  -7.580  8.984   1.00 97.62  ? 7   GLU U OE2   1 
ATOM   531  N  N     . ALA C 3 8   ? -6.718  -5.328  13.877  1.00 84.90  ? 8   ALA U N     1 
ATOM   532  C  CA    . ALA C 3 8   ? -7.497  -4.510  14.803  1.00 82.48  ? 8   ALA U CA    1 
ATOM   533  C  C     . ALA C 3 8   ? -6.647  -3.365  15.326  1.00 81.95  ? 8   ALA U C     1 
ATOM   534  O  O     . ALA C 3 8   ? -7.154  -2.265  15.512  1.00 82.99  ? 8   ALA U O     1 
ATOM   535  C  CB    . ALA C 3 8   ? -7.990  -5.348  15.974  1.00 82.59  ? 8   ALA U CB    1 
ATOM   536  N  N     . SER C 3 9   ? -5.360  -3.626  15.570  1.00 80.42  ? 9   SER U N     1 
ATOM   537  C  CA    . SER C 3 9   ? -4.456  -2.591  16.075  1.00 78.72  ? 9   SER U CA    1 
ATOM   538  C  C     . SER C 3 9   ? -4.033  -1.660  14.937  1.00 75.89  ? 9   SER U C     1 
ATOM   539  O  O     . SER C 3 9   ? -3.814  -0.459  15.167  1.00 75.55  ? 9   SER U O     1 
ATOM   540  C  CB    . SER C 3 9   ? -3.212  -3.214  16.752  1.00 79.39  ? 9   SER U CB    1 
ATOM   541  O  OG    . SER C 3 9   ? -2.153  -3.466  15.834  1.00 80.95  ? 9   SER U OG    1 
ATOM   542  N  N     . PHE C 3 10  ? -3.918  -2.220  13.724  1.00 72.94  ? 10  PHE U N     1 
ATOM   543  C  CA    . PHE C 3 10  ? -3.553  -1.457  12.518  1.00 68.51  ? 10  PHE U CA    1 
ATOM   544  C  C     . PHE C 3 10  ? -4.673  -0.493  12.127  1.00 66.60  ? 10  PHE U C     1 
ATOM   545  O  O     . PHE C 3 10  ? -4.494  0.735   12.115  1.00 63.09  ? 10  PHE U O     1 
ATOM   546  C  CB    . PHE C 3 10  ? -3.341  -2.350  11.283  1.00 67.45  ? 10  PHE U CB    1 
ATOM   547  C  CG    . PHE C 3 10  ? -2.130  -3.216  11.325  1.00 64.76  ? 10  PHE U CG    1 
ATOM   548  C  CD1   . PHE C 3 10  ? -1.078  -2.951  12.192  1.00 65.12  ? 10  PHE U CD1   1 
ATOM   549  C  CD2   . PHE C 3 10  ? -2.052  -4.325  10.480  1.00 63.25  ? 10  PHE U CD2   1 
ATOM   550  C  CE1   . PHE C 3 10  ? 0.047   -3.790  12.223  1.00 62.24  ? 10  PHE U CE1   1 
ATOM   551  C  CE2   . PHE C 3 10  ? -0.937  -5.168  10.500  1.00 62.05  ? 10  PHE U CE2   1 
ATOM   552  C  CZ    . PHE C 3 10  ? 0.113   -4.900  11.373  1.00 62.30  ? 10  PHE U CZ    1 
ATOM   553  N  N     . THR C 3 11  ? -5.830  -1.053  11.785  1.00 67.09  ? 11  THR U N     1 
ATOM   554  C  CA    . THR C 3 11  ? -6.921  -0.195  11.343  1.00 71.53  ? 11  THR U CA    1 
ATOM   555  C  C     . THR C 3 11  ? -7.372  0.721   12.465  1.00 72.68  ? 11  THR U C     1 
ATOM   556  O  O     . THR C 3 11  ? -7.634  1.906   12.217  1.00 75.34  ? 11  THR U O     1 
ATOM   557  C  CB    . THR C 3 11  ? -8.142  -0.984  10.778  1.00 70.36  ? 11  THR U CB    1 
ATOM   558  O  OG1   . THR C 3 11  ? -9.138  -1.122  11.790  1.00 67.26  ? 11  THR U OG1   1 
ATOM   559  C  CG2   . THR C 3 11  ? -7.715  -2.355  10.280  1.00 70.03  ? 11  THR U CG2   1 
ATOM   560  N  N     . SER C 3 12  ? -7.431  0.197   13.692  1.00 70.35  ? 12  SER U N     1 
ATOM   561  C  CA    . SER C 3 12  ? -7.838  1.015   14.826  1.00 68.33  ? 12  SER U CA    1 
ATOM   562  C  C     . SER C 3 12  ? -6.915  2.227   14.994  1.00 65.53  ? 12  SER U C     1 
ATOM   563  O  O     . SER C 3 12  ? -7.296  3.212   15.623  1.00 68.59  ? 12  SER U O     1 
ATOM   564  C  CB    . SER C 3 12  ? -7.814  0.210   16.120  1.00 70.90  ? 12  SER U CB    1 
ATOM   565  O  OG    . SER C 3 12  ? -6.487  0.159   16.648  1.00 78.10  ? 12  SER U OG    1 
ATOM   566  N  N     . ARG C 3 13  ? -5.711  2.169   14.436  1.00 60.22  ? 13  ARG U N     1 
ATOM   567  C  CA    . ARG C 3 13  ? -4.796  3.280   14.581  1.00 56.07  ? 13  ARG U CA    1 
ATOM   568  C  C     . ARG C 3 13  ? -4.730  4.216   13.402  1.00 52.38  ? 13  ARG U C     1 
ATOM   569  O  O     . ARG C 3 13  ? -4.135  5.283   13.461  1.00 54.92  ? 13  ARG U O     1 
ATOM   570  C  CB    . ARG C 3 13  ? -3.416  2.756   14.956  1.00 57.00  ? 13  ARG U CB    1 
ATOM   571  C  CG    . ARG C 3 13  ? -3.438  2.311   16.408  1.00 63.31  ? 13  ARG U CG    1 
ATOM   572  C  CD    . ARG C 3 13  ? -2.063  2.137   16.938  1.00 69.17  ? 13  ARG U CD    1 
ATOM   573  N  NE    . ARG C 3 13  ? -1.437  0.970   16.336  1.00 73.59  ? 13  ARG U NE    1 
ATOM   574  C  CZ    . ARG C 3 13  ? -0.137  0.877   16.078  1.00 76.11  ? 13  ARG U CZ    1 
ATOM   575  N  NH1   . ARG C 3 13  ? 0.673   1.900   16.376  1.00 72.89  ? 13  ARG U NH1   1 
ATOM   576  N  NH2   . ARG C 3 13  ? 0.347   -0.230  15.507  1.00 75.79  ? 13  ARG U NH2   1 
ATOM   577  N  N     . LEU C 3 14  ? -5.351  3.842   12.310  1.00 49.00  ? 14  LEU U N     1 
ATOM   578  C  CA    . LEU C 3 14  ? -5.309  4.746   11.183  1.00 46.86  ? 14  LEU U CA    1 
ATOM   579  C  C     . LEU C 3 14  ? -6.680  5.460   11.099  1.00 44.40  ? 14  LEU U C     1 
ATOM   580  O  O     . LEU C 3 14  ? -7.699  4.948   11.567  1.00 43.55  ? 14  LEU U O     1 
ATOM   581  C  CB    . LEU C 3 14  ? -4.856  3.976   9.909   1.00 44.85  ? 14  LEU U CB    1 
ATOM   582  C  CG    . LEU C 3 14  ? -5.659  2.813   9.364   1.00 41.36  ? 14  LEU U CG    1 
ATOM   583  C  CD1   . LEU C 3 14  ? -6.681  3.459   8.507   1.00 48.13  ? 14  LEU U CD1   1 
ATOM   584  C  CD2   . LEU C 3 14  ? -4.867  1.826   8.547   1.00 31.22  ? 14  LEU U CD2   1 
ATOM   585  N  N     . PRO C 3 15  ? -6.699  6.679   10.570  1.00 43.63  ? 15  PRO U N     1 
ATOM   586  C  CA    . PRO C 3 15  ? -7.898  7.518   10.425  1.00 46.52  ? 15  PRO U CA    1 
ATOM   587  C  C     . PRO C 3 15  ? -9.139  6.834   9.769   1.00 49.08  ? 15  PRO U C     1 
ATOM   588  O  O     . PRO C 3 15  ? -8.999  6.070   8.804   1.00 44.64  ? 15  PRO U O     1 
ATOM   589  C  CB    . PRO C 3 15  ? -7.396  8.688   9.569   1.00 48.62  ? 15  PRO U CB    1 
ATOM   590  C  CG    . PRO C 3 15  ? -5.875  8.676   9.772   1.00 46.23  ? 15  PRO U CG    1 
ATOM   591  C  CD    . PRO C 3 15  ? -5.591  7.210   9.763   1.00 44.88  ? 15  PRO U CD    1 
ATOM   592  N  N     . PRO C 3 16  ? -10.367 7.128   10.282  1.00 49.60  ? 16  PRO U N     1 
ATOM   593  C  CA    . PRO C 3 16  ? -11.624 6.563   9.763   1.00 47.16  ? 16  PRO U CA    1 
ATOM   594  C  C     . PRO C 3 16  ? -11.704 6.729   8.237   1.00 48.80  ? 16  PRO U C     1 
ATOM   595  O  O     . PRO C 3 16  ? -12.253 5.881   7.534   1.00 48.69  ? 16  PRO U O     1 
ATOM   596  C  CB    . PRO C 3 16  ? -12.701 7.393   10.467  1.00 44.87  ? 16  PRO U CB    1 
ATOM   597  C  CG    . PRO C 3 16  ? -12.050 7.756   11.755  1.00 49.67  ? 16  PRO U CG    1 
ATOM   598  C  CD    . PRO C 3 16  ? -10.645 8.127   11.338  1.00 48.09  ? 16  PRO U CD    1 
ATOM   599  N  N     . GLU C 3 17  ? -11.170 7.838   7.736   1.00 47.74  ? 17  GLU U N     1 
ATOM   600  C  CA    . GLU C 3 17  ? -11.192 8.121   6.311   1.00 49.80  ? 17  GLU U CA    1 
ATOM   601  C  C     . GLU C 3 17  ? -10.429 7.061   5.484   1.00 50.52  ? 17  GLU U C     1 
ATOM   602  O  O     . GLU C 3 17  ? -10.918 6.564   4.441   1.00 46.81  ? 17  GLU U O     1 
ATOM   603  C  CB    . GLU C 3 17  ? -10.565 9.481   6.106   1.00 56.13  ? 17  GLU U CB    1 
ATOM   604  C  CG    . GLU C 3 17  ? -10.536 9.979   4.707   1.00 65.45  ? 17  GLU U CG    1 
ATOM   605  C  CD    . GLU C 3 17  ? -9.760  11.285  4.611   1.00 75.96  ? 17  GLU U CD    1 
ATOM   606  O  OE1   . GLU C 3 17  ? -9.727  11.867  3.491   1.00 76.91  ? 17  GLU U OE1   1 
ATOM   607  O  OE2   . GLU C 3 17  ? -9.179  11.724  5.661   1.00 81.18  ? 17  GLU U OE2   1 
ATOM   608  N  N     . ILE C 3 18  ? -9.222  6.736   5.949   1.00 46.56  ? 18  ILE U N     1 
ATOM   609  C  CA    . ILE C 3 18  ? -8.381  5.755   5.287   1.00 41.84  ? 18  ILE U CA    1 
ATOM   610  C  C     . ILE C 3 18  ? -9.020  4.343   5.433   1.00 38.53  ? 18  ILE U C     1 
ATOM   611  O  O     . ILE C 3 18  ? -9.049  3.550   4.492   1.00 38.10  ? 18  ILE U O     1 
ATOM   612  C  CB    . ILE C 3 18  ? -6.955  5.762   5.909   1.00 42.98  ? 18  ILE U CB    1 
ATOM   613  C  CG1   . ILE C 3 18  ? -6.401  7.194   5.998   1.00 44.11  ? 18  ILE U CG1   1 
ATOM   614  C  CG2   . ILE C 3 18  ? -6.058  4.842   5.129   1.00 37.68  ? 18  ILE U CG2   1 
ATOM   615  C  CD1   . ILE C 3 18  ? -5.869  7.780   4.700   1.00 40.32  ? 18  ILE U CD1   1 
ATOM   616  N  N     . VAL C 3 19  ? -9.541  4.031   6.609   1.00 35.91  ? 19  VAL U N     1 
ATOM   617  C  CA    . VAL C 3 19  ? -10.153 2.717   6.815   1.00 38.76  ? 19  VAL U CA    1 
ATOM   618  C  C     . VAL C 3 19  ? -11.271 2.547   5.827   1.00 37.69  ? 19  VAL U C     1 
ATOM   619  O  O     . VAL C 3 19  ? -11.398 1.503   5.202   1.00 38.21  ? 19  VAL U O     1 
ATOM   620  C  CB    . VAL C 3 19  ? -10.762 2.529   8.224   1.00 37.62  ? 19  VAL U CB    1 
ATOM   621  C  CG1   . VAL C 3 19  ? -11.438 1.190   8.298   1.00 42.91  ? 19  VAL U CG1   1 
ATOM   622  C  CG2   . VAL C 3 19  ? -9.705  2.616   9.260   1.00 35.57  ? 19  VAL U CG2   1 
ATOM   623  N  N     . ALA C 3 20  ? -12.079 3.591   5.702   1.00 38.55  ? 20  ALA U N     1 
ATOM   624  C  CA    . ALA C 3 20  ? -13.188 3.594   4.772   1.00 38.36  ? 20  ALA U CA    1 
ATOM   625  C  C     . ALA C 3 20  ? -12.746 3.537   3.312   1.00 38.16  ? 20  ALA U C     1 
ATOM   626  O  O     . ALA C 3 20  ? -13.337 2.785   2.543   1.00 40.03  ? 20  ALA U O     1 
ATOM   627  C  CB    . ALA C 3 20  ? -14.069 4.818   4.993   1.00 39.45  ? 20  ALA U CB    1 
ATOM   628  N  N     . ALA C 3 21  ? -11.732 4.317   2.913   1.00 35.60  ? 21  ALA U N     1 
ATOM   629  C  CA    . ALA C 3 21  ? -11.297 4.297   1.514   1.00 31.96  ? 21  ALA U CA    1 
ATOM   630  C  C     . ALA C 3 21  ? -10.704 2.931   1.159   1.00 37.09  ? 21  ALA U C     1 
ATOM   631  O  O     . ALA C 3 21  ? -10.708 2.502   -0.018  1.00 37.71  ? 21  ALA U O     1 
ATOM   632  C  CB    . ALA C 3 21  ? -10.286 5.347   1.289   1.00 30.31  ? 21  ALA U CB    1 
ATOM   633  N  N     . LEU C 3 22  ? -10.173 2.250   2.178   1.00 37.21  ? 22  LEU U N     1 
ATOM   634  C  CA    . LEU C 3 22  ? -9.581  0.951   1.979   1.00 35.62  ? 22  LEU U CA    1 
ATOM   635  C  C     . LEU C 3 22  ? -10.659 -0.087  1.841   1.00 37.07  ? 22  LEU U C     1 
ATOM   636  O  O     . LEU C 3 22  ? -10.542 -1.037  1.085   1.00 39.98  ? 22  LEU U O     1 
ATOM   637  C  CB    . LEU C 3 22  ? -8.674  0.633   3.142   1.00 34.72  ? 22  LEU U CB    1 
ATOM   638  C  CG    . LEU C 3 22  ? -7.331  1.347   2.948   1.00 35.86  ? 22  LEU U CG    1 
ATOM   639  C  CD1   . LEU C 3 22  ? -6.464  1.323   4.241   1.00 30.89  ? 22  LEU U CD1   1 
ATOM   640  C  CD2   . LEU C 3 22  ? -6.646  0.701   1.746   1.00 27.31  ? 22  LEU U CD2   1 
ATOM   641  N  N     . LYS C 3 23  ? -11.745 0.126   2.548   1.00 42.64  ? 23  LYS U N     1 
ATOM   642  C  CA    . LYS C 3 23  ? -12.860 -0.813  2.529   1.00 44.88  ? 23  LYS U CA    1 
ATOM   643  C  C     . LYS C 3 23  ? -13.711 -0.650  1.257   1.00 40.99  ? 23  LYS U C     1 
ATOM   644  O  O     . LYS C 3 23  ? -14.348 -1.588  0.779   1.00 41.58  ? 23  LYS U O     1 
ATOM   645  C  CB    . LYS C 3 23  ? -13.712 -0.599  3.801   1.00 46.89  ? 23  LYS U CB    1 
ATOM   646  C  CG    . LYS C 3 23  ? -14.406 -1.845  4.350   1.00 53.06  ? 23  LYS U CG    1 
ATOM   647  C  CD    . LYS C 3 23  ? -15.046 -1.563  5.721   1.00 59.03  ? 23  LYS U CD    1 
ATOM   648  C  CE    . LYS C 3 23  ? -14.001 -1.248  6.805   1.00 60.84  ? 23  LYS U CE    1 
ATOM   649  N  NZ    . LYS C 3 23  ? -14.612 -1.083  8.171   1.00 61.52  ? 23  LYS U NZ    1 
ATOM   650  N  N     . ARG C 3 24  ? -13.663 0.527   0.674   1.00 38.92  ? 24  ARG U N     1 
ATOM   651  C  CA    . ARG C 3 24  ? -14.490 0.797   -0.481  1.00 41.44  ? 24  ARG U CA    1 
ATOM   652  C  C     . ARG C 3 24  ? -14.221 -0.075  -1.691  1.00 43.39  ? 24  ARG U C     1 
ATOM   653  O  O     . ARG C 3 24  ? -13.066 -0.252  -2.083  1.00 40.32  ? 24  ARG U O     1 
ATOM   654  C  CB    . ARG C 3 24  ? -14.361 2.264   -0.831  1.00 38.89  ? 24  ARG U CB    1 
ATOM   655  C  CG    . ARG C 3 24  ? -15.075 2.686   -2.045  1.00 36.13  ? 24  ARG U CG    1 
ATOM   656  C  CD    . ARG C 3 24  ? -14.694 4.117   -2.374  1.00 42.25  ? 24  ARG U CD    1 
ATOM   657  N  NE    . ARG C 3 24  ? -15.444 4.524   -3.554  1.00 48.82  ? 24  ARG U NE    1 
ATOM   658  C  CZ    . ARG C 3 24  ? -15.338 5.682   -4.195  1.00 46.66  ? 24  ARG U CZ    1 
ATOM   659  N  NH1   . ARG C 3 24  ? -14.492 6.630   -3.802  1.00 46.48  ? 24  ARG U NH1   1 
ATOM   660  N  NH2   . ARG C 3 24  ? -16.106 5.866   -5.245  1.00 48.89  ? 24  ARG U NH2   1 
ATOM   661  N  N     . LYS C 3 25  ? -15.304 -0.606  -2.279  1.00 46.63  ? 25  LYS U N     1 
ATOM   662  C  CA    . LYS C 3 25  ? -15.233 -1.464  -3.472  1.00 50.72  ? 25  LYS U CA    1 
ATOM   663  C  C     . LYS C 3 25  ? -14.536 -0.720  -4.612  1.00 51.05  ? 25  LYS U C     1 
ATOM   664  O  O     . LYS C 3 25  ? -14.663 0.493   -4.725  1.00 54.62  ? 25  LYS U O     1 
ATOM   665  C  CB    . LYS C 3 25  ? -16.663 -1.905  -3.905  1.00 57.98  ? 25  LYS U CB    1 
ATOM   666  C  CG    . LYS C 3 25  ? -16.875 -2.169  -5.452  1.00 63.19  ? 25  LYS U CG    1 
ATOM   667  C  CD    . LYS C 3 25  ? -17.569 -3.540  -5.850  1.00 63.40  ? 25  LYS U CD    1 
ATOM   668  C  CE    . LYS C 3 25  ? -16.762 -4.825  -5.456  1.00 62.93  ? 25  LYS U CE    1 
ATOM   669  N  NZ    . LYS C 3 25  ? -17.225 -6.058  -6.191  1.00 55.94  ? 25  LYS U NZ    1 
ATOM   670  N  N     . SER C 3 26  ? -13.787 -1.452  -5.436  1.00 49.47  ? 26  SER U N     1 
ATOM   671  C  CA    . SER C 3 26  ? -13.063 -0.908  -6.598  1.00 48.30  ? 26  SER U CA    1 
ATOM   672  C  C     . SER C 3 26  ? -13.987 -0.796  -7.808  1.00 48.70  ? 26  SER U C     1 
ATOM   673  O  O     . SER C 3 26  ? -14.428 -1.821  -8.344  1.00 49.35  ? 26  SER U O     1 
ATOM   674  C  CB    . SER C 3 26  ? -11.911 -1.836  -6.963  1.00 44.93  ? 26  SER U CB    1 
ATOM   675  O  OG    . SER C 3 26  ? -11.337 -2.363  -5.791  1.00 44.65  ? 26  SER U OG    1 
ATOM   676  N  N     . SER C 3 27  ? -14.262 0.431   -8.244  1.00 50.72  ? 27  SER U N     1 
ATOM   677  C  CA    . SER C 3 27  ? -15.154 0.669   -9.385  1.00 52.73  ? 27  SER U CA    1 
ATOM   678  C  C     . SER C 3 27  ? -14.408 1.469   -10.444 1.00 52.71  ? 27  SER U C     1 
ATOM   679  O  O     . SER C 3 27  ? -13.200 1.355   -10.566 1.00 53.51  ? 27  SER U O     1 
ATOM   680  C  CB    . SER C 3 27  ? -16.421 1.439   -8.937  1.00 53.49  ? 27  SER U CB    1 
ATOM   681  O  OG    . SER C 3 27  ? -16.182 2.841   -8.704  1.00 55.04  ? 27  SER U OG    1 
ATOM   682  N  N     . ARG C 3 28  ? -15.129 2.268   -11.224 1.00 54.01  ? 28  ARG U N     1 
ATOM   683  C  CA    . ARG C 3 28  ? -14.472 3.107   -12.211 1.00 54.63  ? 28  ARG U CA    1 
ATOM   684  C  C     . ARG C 3 28  ? -13.949 4.402   -11.502 1.00 52.32  ? 28  ARG U C     1 
ATOM   685  O  O     . ARG C 3 28  ? -13.122 5.119   -12.065 1.00 51.86  ? 28  ARG U O     1 
ATOM   686  C  CB    . ARG C 3 28  ? -15.435 3.454   -13.349 1.00 60.98  ? 28  ARG U CB    1 
ATOM   687  C  CG    . ARG C 3 28  ? -16.127 2.256   -14.002 1.00 72.15  ? 28  ARG U CG    1 
ATOM   688  C  CD    . ARG C 3 28  ? -17.412 1.886   -13.251 1.00 78.45  ? 28  ARG U CD    1 
ATOM   689  N  NE    . ARG C 3 28  ? -17.562 0.440   -13.039 1.00 85.64  ? 28  ARG U NE    1 
ATOM   690  C  CZ    . ARG C 3 28  ? -18.024 -0.429  -13.944 1.00 90.64  ? 28  ARG U CZ    1 
ATOM   691  N  NH1   . ARG C 3 28  ? -18.397 -0.023  -15.161 1.00 91.09  ? 28  ARG U NH1   1 
ATOM   692  N  NH2   . ARG C 3 28  ? -18.130 -1.718  -13.625 1.00 91.70  ? 28  ARG U NH2   1 
ATOM   693  N  N     . ASP C 3 29  ? -14.420 4.704   -10.284 1.00 46.94  ? 29  ASP U N     1 
ATOM   694  C  CA    . ASP C 3 29  ? -13.909 5.884   -9.556  1.00 48.82  ? 29  ASP U CA    1 
ATOM   695  C  C     . ASP C 3 29  ? -12.389 5.578   -9.288  1.00 47.90  ? 29  ASP U C     1 
ATOM   696  O  O     . ASP C 3 29  ? -12.056 4.570   -8.660  1.00 41.29  ? 29  ASP U O     1 
ATOM   697  C  CB    . ASP C 3 29  ? -14.682 6.120   -8.226  1.00 51.32  ? 29  ASP U CB    1 
ATOM   698  C  CG    . ASP C 3 29  ? -14.163 7.357   -7.457  1.00 56.87  ? 29  ASP U CG    1 
ATOM   699  O  OD1   . ASP C 3 29  ? -14.671 7.765   -6.334  1.00 53.67  ? 29  ASP U OD1   1 
ATOM   700  O  OD2   . ASP C 3 29  ? -13.191 7.953   -8.013  1.00 60.46  ? 29  ASP U OD2   1 
ATOM   701  N  N     . PRO C 3 30  ? -11.470 6.438   -9.780  1.00 44.59  ? 30  PRO U N     1 
ATOM   702  C  CA    . PRO C 3 30  ? -10.041 6.251   -9.614  1.00 44.62  ? 30  PRO U CA    1 
ATOM   703  C  C     . PRO C 3 30  ? -9.590  6.244   -8.184  1.00 43.42  ? 30  PRO U C     1 
ATOM   704  O  O     . PRO C 3 30  ? -8.521  5.687   -7.910  1.00 46.15  ? 30  PRO U O     1 
ATOM   705  C  CB    . PRO C 3 30  ? -9.442  7.417   -10.396 1.00 47.24  ? 30  PRO U CB    1 
ATOM   706  C  CG    . PRO C 3 30  ? -10.483 7.761   -11.352 1.00 44.57  ? 30  PRO U CG    1 
ATOM   707  C  CD    . PRO C 3 30  ? -11.700 7.694   -10.500 1.00 47.82  ? 30  PRO U CD    1 
ATOM   708  N  N     . ASN C 3 31  ? -10.352 6.864   -7.274  1.00 38.31  ? 31  ASN U N     1 
ATOM   709  C  CA    . ASN C 3 31  ? -9.920  6.832   -5.871  1.00 38.48  ? 31  ASN U CA    1 
ATOM   710  C  C     . ASN C 3 31  ? -10.253 5.523   -5.209  1.00 37.23  ? 31  ASN U C     1 
ATOM   711  O  O     . ASN C 3 31  ? -9.696  5.161   -4.149  1.00 40.55  ? 31  ASN U O     1 
ATOM   712  C  CB    . ASN C 3 31  ? -10.492 7.995   -5.066  1.00 38.28  ? 31  ASN U CB    1 
ATOM   713  C  CG    . ASN C 3 31  ? -9.803  9.311   -5.408  1.00 45.42  ? 31  ASN U CG    1 
ATOM   714  O  OD1   . ASN C 3 31  ? -10.398 10.218  -6.041  1.00 46.69  ? 31  ASN U OD1   1 
ATOM   715  N  ND2   . ASN C 3 31  ? -8.518  9.419   -5.015  1.00 37.03  ? 31  ASN U ND2   1 
ATOM   716  N  N     . SER C 3 32  ? -11.144 4.791   -5.846  1.00 34.11  ? 32  SER U N     1 
ATOM   717  C  CA    . SER C 3 32  ? -11.536 3.515   -5.328  1.00 35.39  ? 32  SER U CA    1 
ATOM   718  C  C     . SER C 3 32  ? -10.553 2.430   -5.860  1.00 36.54  ? 32  SER U C     1 
ATOM   719  O  O     . SER C 3 32  ? -10.596 1.295   -5.372  1.00 37.66  ? 32  SER U O     1 
ATOM   720  C  CB    . SER C 3 32  ? -12.996 3.201   -5.730  1.00 37.43  ? 32  SER U CB    1 
ATOM   721  O  OG    . SER C 3 32  ? -13.107 2.696   -7.070  1.00 37.23  ? 32  SER U OG    1 
ATOM   722  N  N     . ARG C 3 33  ? -9.675  2.768   -6.823  1.00 29.51  ? 33  ARG U N     1 
ATOM   723  C  CA    . ARG C 3 33  ? -8.738  1.767   -7.336  1.00 32.84  ? 33  ARG U CA    1 
ATOM   724  C  C     . ARG C 3 33  ? -7.473  1.489   -6.486  1.00 31.56  ? 33  ARG U C     1 
ATOM   725  O  O     . ARG C 3 33  ? -7.006  2.339   -5.721  1.00 31.15  ? 33  ARG U O     1 
ATOM   726  C  CB    . ARG C 3 33  ? -8.380  2.082   -8.778  1.00 31.46  ? 33  ARG U CB    1 
ATOM   727  C  CG    . ARG C 3 33  ? -9.618  1.981   -9.599  1.00 35.37  ? 33  ARG U CG    1 
ATOM   728  C  CD    . ARG C 3 33  ? -9.407  2.211   -11.024 1.00 40.21  ? 33  ARG U CD    1 
ATOM   729  N  NE    . ARG C 3 33  ? -8.618  1.113   -11.555 1.00 51.44  ? 33  ARG U NE    1 
ATOM   730  C  CZ    . ARG C 3 33  ? -8.497  0.868   -12.859 1.00 56.06  ? 33  ARG U CZ    1 
ATOM   731  N  NH1   . ARG C 3 33  ? -9.109  1.652   -13.751 1.00 55.62  ? 33  ARG U NH1   1 
ATOM   732  N  NH2   . ARG C 3 33  ? -7.790  -0.177  -13.271 1.00 60.80  ? 33  ARG U NH2   1 
ATOM   733  N  N     . PHE C 3 34  ? -6.953  0.276   -6.614  1.00 27.92  ? 34  PHE U N     1 
ATOM   734  C  CA    . PHE C 3 34  ? -5.780  -0.189  -5.840  1.00 29.03  ? 34  PHE U CA    1 
ATOM   735  C  C     . PHE C 3 34  ? -4.548  0.760   -5.803  1.00 25.41  ? 34  PHE U C     1 
ATOM   736  O  O     . PHE C 3 34  ? -3.992  1.013   -4.749  1.00 23.51  ? 34  PHE U O     1 
ATOM   737  C  CB    . PHE C 3 34  ? -5.373  -1.591  -6.355  1.00 31.24  ? 34  PHE U CB    1 
ATOM   738  C  CG    . PHE C 3 34  ? -4.162  -2.135  -5.693  1.00 31.38  ? 34  PHE U CG    1 
ATOM   739  C  CD1   . PHE C 3 34  ? -2.893  -1.950  -6.266  1.00 31.23  ? 34  PHE U CD1   1 
ATOM   740  C  CD2   . PHE C 3 34  ? -4.261  -2.769  -4.463  1.00 28.94  ? 34  PHE U CD2   1 
ATOM   741  C  CE1   . PHE C 3 34  ? -1.741  -2.392  -5.617  1.00 29.07  ? 34  PHE U CE1   1 
ATOM   742  C  CE2   . PHE C 3 34  ? -3.092  -3.204  -3.817  1.00 35.69  ? 34  PHE U CE2   1 
ATOM   743  C  CZ    . PHE C 3 34  ? -1.828  -3.007  -4.415  1.00 25.26  ? 34  PHE U CZ    1 
ATOM   744  N  N     . PRO C 3 35  ? -4.128  1.301   -6.969  1.00 25.67  ? 35  PRO U N     1 
ATOM   745  C  CA    . PRO C 3 35  ? -2.979  2.218   -7.006  1.00 23.03  ? 35  PRO U CA    1 
ATOM   746  C  C     . PRO C 3 35  ? -3.158  3.377   -6.042  1.00 25.82  ? 35  PRO U C     1 
ATOM   747  O  O     . PRO C 3 35  ? -2.227  3.654   -5.264  1.00 24.97  ? 35  PRO U O     1 
ATOM   748  C  CB    . PRO C 3 35  ? -2.953  2.730   -8.460  1.00 17.66  ? 35  PRO U CB    1 
ATOM   749  C  CG    . PRO C 3 35  ? -3.584  1.626   -9.213  1.00 22.82  ? 35  PRO U CG    1 
ATOM   750  C  CD    . PRO C 3 35  ? -4.736  1.175   -8.311  1.00 20.81  ? 35  PRO U CD    1 
ATOM   751  N  N     . ARG C 3 36  ? -4.339  4.044   -6.091  1.00 21.46  ? 36  ARG U N     1 
ATOM   752  C  CA    . ARG C 3 36  ? -4.582  5.199   -5.239  1.00 22.17  ? 36  ARG U CA    1 
ATOM   753  C  C     . ARG C 3 36  ? -4.833  4.804   -3.810  1.00 27.54  ? 36  ARG U C     1 
ATOM   754  O  O     . ARG C 3 36  ? -4.623  5.614   -2.890  1.00 33.20  ? 36  ARG U O     1 
ATOM   755  C  CB    . ARG C 3 36  ? -5.708  6.062   -5.763  1.00 23.69  ? 36  ARG U CB    1 
ATOM   756  C  CG    . ARG C 3 36  ? -5.346  6.783   -7.033  1.00 23.63  ? 36  ARG U CG    1 
ATOM   757  C  CD    . ARG C 3 36  ? -6.293  7.901   -7.228  1.00 22.11  ? 36  ARG U CD    1 
ATOM   758  N  NE    . ARG C 3 36  ? -6.218  8.533   -8.531  1.00 20.83  ? 36  ARG U NE    1 
ATOM   759  C  CZ    . ARG C 3 36  ? -6.991  9.567   -8.824  1.00 29.24  ? 36  ARG U CZ    1 
ATOM   760  N  NH1   . ARG C 3 36  ? -7.855  9.983   -7.876  1.00 24.80  ? 36  ARG U NH1   1 
ATOM   761  N  NH2   . ARG C 3 36  ? -6.879  10.220  -10.000 1.00 22.63  ? 36  ARG U NH2   1 
ATOM   762  N  N     . LYS C 3 37  ? -5.286  3.574   -3.600  1.00 23.89  ? 37  LYS U N     1 
ATOM   763  C  CA    . LYS C 3 37  ? -5.406  3.112   -2.231  1.00 27.01  ? 37  LYS U CA    1 
ATOM   764  C  C     . LYS C 3 37  ? -3.949  2.923   -1.724  1.00 26.21  ? 37  LYS U C     1 
ATOM   765  O  O     . LYS C 3 37  ? -3.612  3.384   -0.632  1.00 29.11  ? 37  LYS U O     1 
ATOM   766  C  CB    . LYS C 3 37  ? -6.182  1.799   -2.142  1.00 22.94  ? 37  LYS U CB    1 
ATOM   767  C  CG    . LYS C 3 37  ? -7.636  2.009   -2.523  1.00 25.66  ? 37  LYS U CG    1 
ATOM   768  C  CD    . LYS C 3 37  ? -8.348  0.703   -2.791  1.00 27.28  ? 37  LYS U CD    1 
ATOM   769  C  CE    . LYS C 3 37  ? -9.776  0.781   -2.300  1.00 29.63  ? 37  LYS U CE    1 
ATOM   770  N  NZ    . LYS C 3 37  ? -10.662 -0.345  -2.814  1.00 36.00  ? 37  LYS U NZ    1 
ATOM   771  N  N     . LEU C 3 38  ? -3.081  2.289   -2.514  1.00 21.99  ? 38  LEU U N     1 
ATOM   772  C  CA    . LEU C 3 38  ? -1.705  2.106   -2.061  1.00 22.07  ? 38  LEU U CA    1 
ATOM   773  C  C     . LEU C 3 38  ? -1.119  3.468   -1.816  1.00 24.76  ? 38  LEU U C     1 
ATOM   774  O  O     . LEU C 3 38  ? -0.471  3.688   -0.794  1.00 28.08  ? 38  LEU U O     1 
ATOM   775  C  CB    . LEU C 3 38  ? -0.825  1.416   -3.109  1.00 25.15  ? 38  LEU U CB    1 
ATOM   776  C  CG    . LEU C 3 38  ? -0.109  0.135   -2.680  1.00 32.48  ? 38  LEU U CG    1 
ATOM   777  C  CD1   . LEU C 3 38  ? 1.008   -0.205  -3.664  1.00 28.34  ? 38  LEU U CD1   1 
ATOM   778  C  CD2   . LEU C 3 38  ? 0.391   0.279   -1.235  1.00 32.13  ? 38  LEU U CD2   1 
ATOM   779  N  N     . HIS C 3 39  ? -1.389  4.384   -2.744  1.00 21.64  ? 39  HIS U N     1 
ATOM   780  C  CA    . HIS C 3 39  ? -0.828  5.706   -2.676  1.00 24.83  ? 39  HIS U CA    1 
ATOM   781  C  C     . HIS C 3 39  ? -1.307  6.490   -1.484  1.00 26.99  ? 39  HIS U C     1 
ATOM   782  O  O     . HIS C 3 39  ? -0.490  7.153   -0.808  1.00 27.71  ? 39  HIS U O     1 
ATOM   783  C  CB    . HIS C 3 39  ? -1.051  6.484   -3.995  1.00 28.98  ? 39  HIS U CB    1 
ATOM   784  C  CG    . HIS C 3 39  ? -0.023  7.541   -4.245  1.00 27.02  ? 39  HIS U CG    1 
ATOM   785  N  ND1   . HIS C 3 39  ? -0.187  8.855   -3.844  1.00 26.29  ? 39  HIS U ND1   1 
ATOM   786  C  CD2   . HIS C 3 39  ? 1.246   7.450   -4.725  1.00 26.79  ? 39  HIS U CD2   1 
ATOM   787  C  CE1   . HIS C 3 39  ? 0.934   9.527   -4.063  1.00 29.46  ? 39  HIS U CE1   1 
ATOM   788  N  NE2   . HIS C 3 39  ? 1.822   8.698   -4.596  1.00 26.98  ? 39  HIS U NE2   1 
ATOM   789  N  N     . MET C 3 40  ? -2.604  6.451   -1.197  1.00 28.03  ? 40  MET U N     1 
ATOM   790  C  CA    . MET C 3 40  ? -3.061  7.196   -0.009  1.00 27.87  ? 40  MET U CA    1 
ATOM   791  C  C     . MET C 3 40  ? -2.464  6.584   1.241   1.00 23.58  ? 40  MET U C     1 
ATOM   792  O  O     . MET C 3 40  ? -2.248  7.278   2.183   1.00 23.98  ? 40  MET U O     1 
ATOM   793  C  CB    . MET C 3 40  ? -4.561  7.133   0.159   1.00 29.36  ? 40  MET U CB    1 
ATOM   794  C  CG    . MET C 3 40  ? -5.286  7.797   -0.948  1.00 53.83  ? 40  MET U CG    1 
ATOM   795  S  SD    . MET C 3 40  ? -7.089  7.602   -0.752  1.00 72.21  ? 40  MET U SD    1 
ATOM   796  C  CE    . MET C 3 40  ? -7.599  6.620   -2.272  1.00 65.30  ? 40  MET U CE    1 
ATOM   797  N  N     . LEU C 3 41  ? -2.224  5.277   1.232   1.00 21.15  ? 41  LEU U N     1 
ATOM   798  C  CA    . LEU C 3 41  ? -1.718  4.578   2.393   1.00 26.45  ? 41  LEU U CA    1 
ATOM   799  C  C     . LEU C 3 41  ? -0.296  5.023   2.663   1.00 26.20  ? 41  LEU U C     1 
ATOM   800  O  O     . LEU C 3 41  ? 0.049   5.408   3.742   1.00 26.78  ? 41  LEU U O     1 
ATOM   801  C  CB    . LEU C 3 41  ? -1.724  3.074   2.136   1.00 28.78  ? 41  LEU U CB    1 
ATOM   802  C  CG    . LEU C 3 41  ? -2.355  2.238   3.227   1.00 30.82  ? 41  LEU U CG    1 
ATOM   803  C  CD1   . LEU C 3 41  ? -1.585  0.947   3.432   1.00 34.17  ? 41  LEU U CD1   1 
ATOM   804  C  CD2   . LEU C 3 41  ? -2.366  3.048   4.509   1.00 36.65  ? 41  LEU U CD2   1 
ATOM   805  N  N     . LEU C 3 42  ? 0.496   4.962   1.608   1.00 27.80  ? 42  LEU U N     1 
ATOM   806  C  CA    . LEU C 3 42  ? 1.883   5.341   1.555   1.00 24.59  ? 42  LEU U CA    1 
ATOM   807  C  C     . LEU C 3 42  ? 1.997   6.806   2.009   1.00 29.41  ? 42  LEU U C     1 
ATOM   808  O  O     . LEU C 3 42  ? 2.797   7.151   2.907   1.00 32.16  ? 42  LEU U O     1 
ATOM   809  C  CB    . LEU C 3 42  ? 2.294   5.179   0.113   1.00 21.63  ? 42  LEU U CB    1 
ATOM   810  C  CG    . LEU C 3 42  ? 3.578   4.548   -0.381  1.00 25.43  ? 42  LEU U CG    1 
ATOM   811  C  CD1   . LEU C 3 42  ? 4.372   3.859   0.679   1.00 24.05  ? 42  LEU U CD1   1 
ATOM   812  C  CD2   . LEU C 3 42  ? 3.197   3.648   -1.509  1.00 21.74  ? 42  LEU U CD2   1 
ATOM   813  N  N     . THR C 3 43  ? 1.172   7.660   1.414   1.00 29.96  ? 43  THR U N     1 
ATOM   814  C  CA    . THR C 3 43  ? 1.160   9.062   1.737   1.00 28.43  ? 43  THR U CA    1 
ATOM   815  C  C     . THR C 3 43  ? 0.898   9.254   3.225   1.00 32.49  ? 43  THR U C     1 
ATOM   816  O  O     . THR C 3 43  ? 1.616   10.011  3.924   1.00 33.60  ? 43  THR U O     1 
ATOM   817  C  CB    . THR C 3 43  ? 0.086   9.802   0.934   1.00 31.91  ? 43  THR U CB    1 
ATOM   818  O  OG1   . THR C 3 43  ? 0.436   9.788   -0.462  1.00 36.68  ? 43  THR U OG1   1 
ATOM   819  C  CG2   . THR C 3 43  ? -0.009  11.271  1.393   1.00 32.35  ? 43  THR U CG2   1 
ATOM   820  N  N     . TYR C 3 44  ? -0.093  8.553   3.748   1.00 29.32  ? 44  TYR U N     1 
ATOM   821  C  CA    . TYR C 3 44  ? -0.367  8.758   5.147   1.00 33.90  ? 44  TYR U CA    1 
ATOM   822  C  C     . TYR C 3 44  ? 0.665   8.141   6.096   1.00 35.90  ? 44  TYR U C     1 
ATOM   823  O  O     . TYR C 3 44  ? 0.987   8.710   7.130   1.00 35.55  ? 44  TYR U O     1 
ATOM   824  C  CB    . TYR C 3 44  ? -1.778  8.274   5.507   1.00 34.59  ? 44  TYR U CB    1 
ATOM   825  C  CG    . TYR C 3 44  ? -1.973  8.142   6.999   1.00 37.01  ? 44  TYR U CG    1 
ATOM   826  C  CD1   . TYR C 3 44  ? -1.704  6.928   7.639   1.00 32.52  ? 44  TYR U CD1   1 
ATOM   827  C  CD2   . TYR C 3 44  ? -2.398  9.244   7.788   1.00 37.87  ? 44  TYR U CD2   1 
ATOM   828  C  CE1   . TYR C 3 44  ? -1.854  6.792   9.022   1.00 37.05  ? 44  TYR U CE1   1 
ATOM   829  C  CE2   . TYR C 3 44  ? -2.550  9.118   9.192   1.00 35.79  ? 44  TYR U CE2   1 
ATOM   830  C  CZ    . TYR C 3 44  ? -2.278  7.885   9.805   1.00 37.87  ? 44  TYR U CZ    1 
ATOM   831  O  OH    . TYR C 3 44  ? -2.430  7.695   11.169  1.00 38.18  ? 44  TYR U OH    1 
ATOM   832  N  N     . LEU C 3 45  ? 1.195   6.982   5.773   1.00 35.65  ? 45  LEU U N     1 
ATOM   833  C  CA    . LEU C 3 45  ? 2.122   6.429   6.707   1.00 35.35  ? 45  LEU U CA    1 
ATOM   834  C  C     . LEU C 3 45  ? 3.325   7.353   6.825   1.00 38.56  ? 45  LEU U C     1 
ATOM   835  O  O     . LEU C 3 45  ? 3.968   7.396   7.864   1.00 38.55  ? 45  LEU U O     1 
ATOM   836  C  CB    . LEU C 3 45  ? 2.492   5.011   6.290   1.00 33.50  ? 45  LEU U CB    1 
ATOM   837  C  CG    . LEU C 3 45  ? 1.368   4.006   6.504   1.00 30.65  ? 45  LEU U CG    1 
ATOM   838  C  CD1   . LEU C 3 45  ? 1.811   2.688   5.917   1.00 32.51  ? 45  LEU U CD1   1 
ATOM   839  C  CD2   . LEU C 3 45  ? 1.041   3.839   8.011   1.00 32.82  ? 45  LEU U CD2   1 
ATOM   840  N  N     . ALA C 3 46  ? 3.577   8.147   5.786   1.00 42.77  ? 46  ALA U N     1 
ATOM   841  C  CA    . ALA C 3 46  ? 4.715   9.070   5.756   1.00 44.24  ? 46  ALA U CA    1 
ATOM   842  C  C     . ALA C 3 46  ? 4.730   9.996   6.942   1.00 48.59  ? 46  ALA U C     1 
ATOM   843  O  O     . ALA C 3 46  ? 5.787   10.492  7.334   1.00 51.56  ? 46  ALA U O     1 
ATOM   844  C  CB    . ALA C 3 46  ? 4.690   9.895   4.476   1.00 47.83  ? 46  ALA U CB    1 
ATOM   845  N  N     . SER C 3 47  ? 3.552   10.233  7.504   1.00 49.23  ? 47  SER U N     1 
ATOM   846  C  CA    . SER C 3 47  ? 3.402   11.099  8.665   1.00 49.66  ? 47  SER U CA    1 
ATOM   847  C  C     . SER C 3 47  ? 3.183   10.327  9.988   1.00 49.79  ? 47  SER U C     1 
ATOM   848  O  O     . SER C 3 47  ? 3.127   10.936  11.065  1.00 50.54  ? 47  SER U O     1 
ATOM   849  C  CB    . SER C 3 47  ? 2.214   12.029  8.453   1.00 51.76  ? 47  SER U CB    1 
ATOM   850  O  OG    . SER C 3 47  ? 1.004   11.298  8.621   1.00 54.34  ? 47  SER U OG    1 
ATOM   851  N  N     . ASN C 3 48  ? 3.011   9.009   9.919   1.00 46.35  ? 48  ASN U N     1 
ATOM   852  C  CA    . ASN C 3 48  ? 2.814   8.219   11.139  1.00 42.90  ? 48  ASN U CA    1 
ATOM   853  C  C     . ASN C 3 48  ? 3.932   7.181   11.124  1.00 42.73  ? 48  ASN U C     1 
ATOM   854  O  O     . ASN C 3 48  ? 3.708   6.069   10.648  1.00 45.53  ? 48  ASN U O     1 
ATOM   855  C  CB    . ASN C 3 48  ? 1.457   7.521   11.100  1.00 39.32  ? 48  ASN U CB    1 
ATOM   856  C  CG    . ASN C 3 48  ? 1.043   6.905   12.453  1.00 39.80  ? 48  ASN U CG    1 
ATOM   857  O  OD1   . ASN C 3 48  ? 1.890   6.493   13.261  1.00 40.01  ? 48  ASN U OD1   1 
ATOM   858  N  ND2   . ASN C 3 48  ? -0.286  6.814   12.680  1.00 32.82  ? 48  ASN U ND2   1 
ATOM   859  N  N     . PRO C 3 49  ? 5.158   7.549   11.596  1.00 42.43  ? 49  PRO U N     1 
ATOM   860  C  CA    . PRO C 3 49  ? 6.387   6.734   11.685  1.00 41.55  ? 49  PRO U CA    1 
ATOM   861  C  C     . PRO C 3 49  ? 6.210   5.427   12.426  1.00 42.46  ? 49  PRO U C     1 
ATOM   862  O  O     . PRO C 3 49  ? 6.771   4.405   12.030  1.00 46.03  ? 49  PRO U O     1 
ATOM   863  C  CB    . PRO C 3 49  ? 7.363   7.613   12.455  1.00 37.12  ? 49  PRO U CB    1 
ATOM   864  C  CG    . PRO C 3 49  ? 6.911   8.951   12.209  1.00 37.16  ? 49  PRO U CG    1 
ATOM   865  C  CD    . PRO C 3 49  ? 5.425   8.924   12.053  1.00 38.57  ? 49  PRO U CD    1 
ATOM   866  N  N     . GLN C 3 50  ? 5.445   5.470   13.508  1.00 44.77  ? 50  GLN U N     1 
ATOM   867  C  CA    . GLN C 3 50  ? 5.205   4.297   14.343  1.00 47.66  ? 50  GLN U CA    1 
ATOM   868  C  C     . GLN C 3 50  ? 4.397   3.304   13.537  1.00 44.86  ? 50  GLN U C     1 
ATOM   869  O  O     . GLN C 3 50  ? 4.810   2.178   13.346  1.00 43.99  ? 50  GLN U O     1 
ATOM   870  C  CB    . GLN C 3 50  ? 4.486   4.712   15.660  1.00 52.52  ? 50  GLN U CB    1 
ATOM   871  C  CG    . GLN C 3 50  ? 3.780   3.585   16.461  1.00 59.55  ? 50  GLN U CG    1 
ATOM   872  C  CD    . GLN C 3 50  ? 3.063   4.088   17.762  1.00 67.20  ? 50  GLN U CD    1 
ATOM   873  O  OE1   . GLN C 3 50  ? 2.090   4.884   17.703  1.00 70.26  ? 50  GLN U OE1   1 
ATOM   874  N  NE2   . GLN C 3 50  ? 3.545   3.618   18.934  1.00 62.20  ? 50  GLN U NE2   1 
ATOM   875  N  N     . LEU C 3 51  ? 3.262   3.727   13.017  1.00 45.51  ? 51  LEU U N     1 
ATOM   876  C  CA    . LEU C 3 51  ? 2.444   2.814   12.244  1.00 46.78  ? 51  LEU U CA    1 
ATOM   877  C  C     . LEU C 3 51  ? 3.172   2.346   10.974  1.00 47.96  ? 51  LEU U C     1 
ATOM   878  O  O     . LEU C 3 51  ? 3.084   1.188   10.580  1.00 49.51  ? 51  LEU U O     1 
ATOM   879  C  CB    . LEU C 3 51  ? 1.137   3.497   11.869  1.00 52.45  ? 51  LEU U CB    1 
ATOM   880  C  CG    . LEU C 3 51  ? -0.110  2.705   12.246  1.00 55.76  ? 51  LEU U CG    1 
ATOM   881  C  CD1   . LEU C 3 51  ? -1.279  3.267   11.473  1.00 56.41  ? 51  LEU U CD1   1 
ATOM   882  C  CD2   . LEU C 3 51  ? 0.083   1.235   11.928  1.00 57.43  ? 51  LEU U CD2   1 
ATOM   883  N  N     . GLU C 3 52  ? 3.873   3.263   10.325  1.00 47.64  ? 52  GLU U N     1 
ATOM   884  C  CA    . GLU C 3 52  ? 4.624   2.962   9.119   1.00 49.61  ? 52  GLU U CA    1 
ATOM   885  C  C     . GLU C 3 52  ? 5.587   1.822   9.405   1.00 50.91  ? 52  GLU U C     1 
ATOM   886  O  O     . GLU C 3 52  ? 5.816   1.020   8.519   1.00 49.93  ? 52  GLU U O     1 
ATOM   887  C  CB    . GLU C 3 52  ? 5.338   4.228   8.679   1.00 51.15  ? 52  GLU U CB    1 
ATOM   888  C  CG    . GLU C 3 52  ? 6.388   4.110   7.629   1.00 60.83  ? 52  GLU U CG    1 
ATOM   889  C  CD    . GLU C 3 52  ? 7.020   5.497   7.296   1.00 69.72  ? 52  GLU U CD    1 
ATOM   890  O  OE1   . GLU C 3 52  ? 7.515   6.233   8.221   1.00 66.26  ? 52  GLU U OE1   1 
ATOM   891  O  OE2   . GLU C 3 52  ? 7.013   5.846   6.086   1.00 72.00  ? 52  GLU U OE2   1 
ATOM   892  N  N     . GLU C 3 53  ? 6.118   1.759   10.643  1.00 53.75  ? 53  GLU U N     1 
ATOM   893  C  CA    . GLU C 3 53  ? 7.046   0.693   11.139  1.00 58.97  ? 53  GLU U CA    1 
ATOM   894  C  C     . GLU C 3 53  ? 6.265   -0.636  11.203  1.00 58.11  ? 53  GLU U C     1 
ATOM   895  O  O     . GLU C 3 53  ? 6.571   -1.609  10.506  1.00 57.80  ? 53  GLU U O     1 
ATOM   896  C  CB    . GLU C 3 53  ? 7.528   0.922   12.617  1.00 61.65  ? 53  GLU U CB    1 
ATOM   897  C  CG    . GLU C 3 53  ? 8.721   1.884   12.995  1.00 67.22  ? 53  GLU U CG    1 
ATOM   898  C  CD    . GLU C 3 53  ? 8.889   2.090   14.563  1.00 70.33  ? 53  GLU U CD    1 
ATOM   899  O  OE1   . GLU C 3 53  ? 9.838   2.792   15.030  1.00 73.20  ? 53  GLU U OE1   1 
ATOM   900  O  OE2   . GLU C 3 53  ? 8.058   1.550   15.337  1.00 69.19  ? 53  GLU U OE2   1 
ATOM   901  N  N     . GLU C 3 54  ? 5.283   -0.655  12.106  1.00 56.61  ? 54  GLU U N     1 
ATOM   902  C  CA    . GLU C 3 54  ? 4.449   -1.819  12.344  1.00 56.57  ? 54  GLU U CA    1 
ATOM   903  C  C     . GLU C 3 54  ? 3.913   -2.411  11.018  1.00 52.44  ? 54  GLU U C     1 
ATOM   904  O  O     . GLU C 3 54  ? 4.019   -3.620  10.793  1.00 49.05  ? 54  GLU U O     1 
ATOM   905  C  CB    . GLU C 3 54  ? 3.289   -1.451  13.289  1.00 59.11  ? 54  GLU U CB    1 
ATOM   906  C  CG    . GLU C 3 54  ? 3.694   -0.595  14.502  1.00 72.55  ? 54  GLU U CG    1 
ATOM   907  C  CD    . GLU C 3 54  ? 4.026   -1.399  15.792  1.00 79.63  ? 54  GLU U CD    1 
ATOM   908  O  OE1   . GLU C 3 54  ? 3.077   -1.862  16.491  1.00 82.76  ? 54  GLU U OE1   1 
ATOM   909  O  OE2   . GLU C 3 54  ? 5.236   -1.562  16.116  1.00 81.69  ? 54  GLU U OE2   1 
ATOM   910  N  N     . ILE C 3 55  ? 3.346   -1.577  10.144  1.00 46.51  ? 55  ILE U N     1 
ATOM   911  C  CA    . ILE C 3 55  ? 2.831   -2.108  8.894   1.00 44.45  ? 55  ILE U CA    1 
ATOM   912  C  C     . ILE C 3 55  ? 3.961   -2.418  7.897   1.00 43.71  ? 55  ILE U C     1 
ATOM   913  O  O     . ILE C 3 55  ? 4.103   -3.551  7.399   1.00 44.42  ? 55  ILE U O     1 
ATOM   914  C  CB    . ILE C 3 55  ? 1.814   -1.171  8.254   1.00 42.37  ? 55  ILE U CB    1 
ATOM   915  C  CG1   . ILE C 3 55  ? 0.674   -0.911  9.229   1.00 42.98  ? 55  ILE U CG1   1 
ATOM   916  C  CG2   . ILE C 3 55  ? 1.261   -1.814  6.989   1.00 39.57  ? 55  ILE U CG2   1 
ATOM   917  C  CD1   . ILE C 3 55  ? -0.389  0.048   8.688   1.00 44.68  ? 55  ILE U CD1   1 
ATOM   918  N  N     . GLY C 3 56  ? 4.787   -1.440  7.607   1.00 39.94  ? 56  GLY U N     1 
ATOM   919  C  CA    . GLY C 3 56  ? 5.861   -1.747  6.692   1.00 40.32  ? 56  GLY U CA    1 
ATOM   920  C  C     . GLY C 3 56  ? 5.379   -1.400  5.297   1.00 38.13  ? 56  GLY U C     1 
ATOM   921  O  O     . GLY C 3 56  ? 4.972   -2.273  4.527   1.00 37.67  ? 56  GLY U O     1 
ATOM   922  N  N     . LEU C 3 57  ? 5.410   -0.099  5.019   1.00 34.72  ? 57  LEU U N     1 
ATOM   923  C  CA    . LEU C 3 57  ? 5.019   0.497   3.766   1.00 31.90  ? 57  LEU U CA    1 
ATOM   924  C  C     . LEU C 3 57  ? 5.553   1.919   3.821   1.00 32.09  ? 57  LEU U C     1 
ATOM   925  O  O     . LEU C 3 57  ? 4.947   2.771   4.457   1.00 31.47  ? 57  LEU U O     1 
ATOM   926  C  CB    . LEU C 3 57  ? 3.499   0.508   3.624   1.00 30.58  ? 57  LEU U CB    1 
ATOM   927  C  CG    . LEU C 3 57  ? 3.003   0.947   2.261   1.00 28.85  ? 57  LEU U CG    1 
ATOM   928  C  CD1   . LEU C 3 57  ? 3.826   0.214   1.239   1.00 28.46  ? 57  LEU U CD1   1 
ATOM   929  C  CD2   . LEU C 3 57  ? 1.493   0.674   2.115   1.00 31.33  ? 57  LEU U CD2   1 
ATOM   930  N  N     . SER C 3 58  ? 6.701   2.153   3.170   1.00 32.55  ? 58  SER U N     1 
ATOM   931  C  CA    . SER C 3 58  ? 7.338   3.476   3.125   1.00 34.98  ? 58  SER U CA    1 
ATOM   932  C  C     . SER C 3 58  ? 8.240   3.764   1.914   1.00 31.62  ? 58  SER U C     1 
ATOM   933  O  O     . SER C 3 58  ? 8.820   2.869   1.309   1.00 29.27  ? 58  SER U O     1 
ATOM   934  C  CB    . SER C 3 58  ? 8.128   3.754   4.438   1.00 35.61  ? 58  SER U CB    1 
ATOM   935  O  OG    . SER C 3 58  ? 9.017   2.721   4.767   1.00 37.57  ? 58  SER U OG    1 
ATOM   936  N  N     . TRP C 3 59  ? 8.329   5.035   1.543   1.00 32.82  ? 59  TRP U N     1 
ATOM   937  C  CA    . TRP C 3 59  ? 9.189   5.409   0.420   1.00 33.41  ? 59  TRP U CA    1 
ATOM   938  C  C     . TRP C 3 59  ? 10.660  5.326   0.835   1.00 36.39  ? 59  TRP U C     1 
ATOM   939  O  O     . TRP C 3 59  ? 11.049  5.712   1.954   1.00 37.80  ? 59  TRP U O     1 
ATOM   940  C  CB    . TRP C 3 59  ? 8.921   6.843   -0.027  1.00 26.78  ? 59  TRP U CB    1 
ATOM   941  C  CG    . TRP C 3 59  ? 7.539   7.078   -0.584  1.00 33.67  ? 59  TRP U CG    1 
ATOM   942  C  CD1   . TRP C 3 59  ? 6.500   7.723   0.043   1.00 29.90  ? 59  TRP U CD1   1 
ATOM   943  C  CD2   . TRP C 3 59  ? 7.059   6.714   -1.896  1.00 26.94  ? 59  TRP U CD2   1 
ATOM   944  N  NE1   . TRP C 3 59  ? 5.420   7.779   -0.801  1.00 37.55  ? 59  TRP U NE1   1 
ATOM   945  C  CE2   . TRP C 3 59  ? 5.737   7.170   -1.993  1.00 30.94  ? 59  TRP U CE2   1 
ATOM   946  C  CE3   . TRP C 3 59  ? 7.627   6.052   -2.992  1.00 30.73  ? 59  TRP U CE3   1 
ATOM   947  C  CZ2   . TRP C 3 59  ? 4.972   6.986   -3.123  1.00 24.90  ? 59  TRP U CZ2   1 
ATOM   948  C  CZ3   . TRP C 3 59  ? 6.874   5.868   -4.121  1.00 27.92  ? 59  TRP U CZ3   1 
ATOM   949  C  CH2   . TRP C 3 59  ? 5.555   6.331   -4.180  1.00 30.86  ? 59  TRP U CH2   1 
ATOM   950  N  N     . ILE C 3 60  ? 11.489  4.828   -0.054  1.00 39.17  ? 60  ILE U N     1 
ATOM   951  C  CA    . ILE C 3 60  ? 12.915  4.799   0.245   1.00 40.88  ? 60  ILE U CA    1 
ATOM   952  C  C     . ILE C 3 60  ? 13.556  5.920   -0.652  1.00 42.18  ? 60  ILE U C     1 
ATOM   953  O  O     . ILE C 3 60  ? 14.678  6.349   -0.439  1.00 45.07  ? 60  ILE U O     1 
ATOM   954  C  CB    . ILE C 3 60  ? 13.494  3.364   0.015   1.00 38.11  ? 60  ILE U CB    1 
ATOM   955  C  CG1   . ILE C 3 60  ? 13.355  2.951   -1.440  1.00 31.38  ? 60  ILE U CG1   1 
ATOM   956  C  CG2   . ILE C 3 60  ? 12.708  2.353   0.888   1.00 36.74  ? 60  ILE U CG2   1 
ATOM   957  C  CD1   . ILE C 3 60  ? 13.640  1.488   -1.635  1.00 39.30  ? 60  ILE U CD1   1 
ATOM   958  N  N     . SER C 3 61  ? 12.812  6.400   -1.639  1.00 39.78  ? 61  SER U N     1 
ATOM   959  C  CA    . SER C 3 61  ? 13.282  7.499   -2.477  1.00 42.38  ? 61  SER U CA    1 
ATOM   960  C  C     . SER C 3 61  ? 12.044  8.169   -3.081  1.00 44.16  ? 61  SER U C     1 
ATOM   961  O  O     . SER C 3 61  ? 10.907  7.788   -2.737  1.00 45.77  ? 61  SER U O     1 
ATOM   962  C  CB    . SER C 3 61  ? 14.226  7.001   -3.572  1.00 40.24  ? 61  SER U CB    1 
ATOM   963  O  OG    . SER C 3 61  ? 13.566  6.179   -4.514  1.00 47.24  ? 61  SER U OG    1 
ATOM   964  N  N     . ASP C 3 62  ? 12.234  9.162   -3.950  1.00 45.29  ? 62  ASP U N     1 
ATOM   965  C  CA    . ASP C 3 62  ? 11.095  9.828   -4.597  1.00 45.13  ? 62  ASP U CA    1 
ATOM   966  C  C     . ASP C 3 62  ? 10.301  8.804   -5.421  1.00 44.27  ? 62  ASP U C     1 
ATOM   967  O  O     . ASP C 3 62  ? 9.095   9.004   -5.700  1.00 45.90  ? 62  ASP U O     1 
ATOM   968  C  CB    . ASP C 3 62  ? 11.549  10.944  -5.565  1.00 50.79  ? 62  ASP U CB    1 
ATOM   969  C  CG    . ASP C 3 62  ? 11.794  12.305  -4.876  1.00 58.29  ? 62  ASP U CG    1 
ATOM   970  O  OD1   . ASP C 3 62  ? 11.168  12.594  -3.812  1.00 56.25  ? 62  ASP U OD1   1 
ATOM   971  O  OD2   . ASP C 3 62  ? 12.609  13.099  -5.439  1.00 59.85  ? 62  ASP U OD2   1 
ATOM   972  N  N     . THR C 3 63  ? 10.952  7.694   -5.778  1.00 37.86  ? 63  THR U N     1 
ATOM   973  C  CA    . THR C 3 63  ? 10.302  6.702   -6.646  1.00 35.32  ? 63  THR U CA    1 
ATOM   974  C  C     . THR C 3 63  ? 10.227  5.206   -6.301  1.00 31.54  ? 63  THR U C     1 
ATOM   975  O  O     . THR C 3 63  ? 9.706   4.419   -7.083  1.00 29.60  ? 63  THR U O     1 
ATOM   976  C  CB    . THR C 3 63  ? 10.910  6.793   -8.053  1.00 32.04  ? 63  THR U CB    1 
ATOM   977  O  OG1   . THR C 3 63  ? 12.306  6.495   -7.974  1.00 32.45  ? 63  THR U OG1   1 
ATOM   978  C  CG2   . THR C 3 63  ? 10.763  8.183   -8.614  1.00 31.53  ? 63  THR U CG2   1 
ATOM   979  N  N     . GLU C 3 64  ? 10.737  4.806   -5.156  1.00 27.91  ? 64  GLU U N     1 
ATOM   980  C  CA    . GLU C 3 64  ? 10.703  3.413   -4.804  1.00 28.34  ? 64  GLU U CA    1 
ATOM   981  C  C     . GLU C 3 64  ? 10.159  3.324   -3.396  1.00 29.39  ? 64  GLU U C     1 
ATOM   982  O  O     . GLU C 3 64  ? 10.347  4.237   -2.591  1.00 32.54  ? 64  GLU U O     1 
ATOM   983  C  CB    . GLU C 3 64  ? 12.139  2.818   -4.892  1.00 33.59  ? 64  GLU U CB    1 
ATOM   984  C  CG    . GLU C 3 64  ? 12.849  3.234   -6.200  1.00 40.06  ? 64  GLU U CG    1 
ATOM   985  C  CD    . GLU C 3 64  ? 14.159  2.457   -6.539  1.00 49.79  ? 64  GLU U CD    1 
ATOM   986  O  OE1   . GLU C 3 64  ? 14.733  2.733   -7.646  1.00 45.52  ? 64  GLU U OE1   1 
ATOM   987  O  OE2   . GLU C 3 64  ? 14.613  1.587   -5.724  1.00 51.00  ? 64  GLU U OE2   1 
ATOM   988  N  N     . PHE C 3 65  ? 9.472   2.235   -3.088  1.00 29.26  ? 65  PHE U N     1 
ATOM   989  C  CA    . PHE C 3 65  ? 8.937   2.018   -1.746  1.00 24.04  ? 65  PHE U CA    1 
ATOM   990  C  C     . PHE C 3 65  ? 9.200   0.568   -1.401  1.00 22.65  ? 65  PHE U C     1 
ATOM   991  O  O     . PHE C 3 65  ? 9.481   -0.261  -2.266  1.00 20.57  ? 65  PHE U O     1 
ATOM   992  C  CB    . PHE C 3 65  ? 7.407   2.323   -1.647  1.00 26.54  ? 65  PHE U CB    1 
ATOM   993  C  CG    . PHE C 3 65  ? 6.508   1.472   -2.547  1.00 26.28  ? 65  PHE U CG    1 
ATOM   994  C  CD1   . PHE C 3 65  ? 6.256   1.859   -3.890  1.00 27.39  ? 65  PHE U CD1   1 
ATOM   995  C  CD2   . PHE C 3 65  ? 5.816   0.377   -2.027  1.00 24.67  ? 65  PHE U CD2   1 
ATOM   996  C  CE1   . PHE C 3 65  ? 5.339   1.183   -4.684  1.00 26.16  ? 65  PHE U CE1   1 
ATOM   997  C  CE2   . PHE C 3 65  ? 4.879   -0.325  -2.809  1.00 26.10  ? 65  PHE U CE2   1 
ATOM   998  C  CZ    . PHE C 3 65  ? 4.637   0.081   -4.146  1.00 31.67  ? 65  PHE U CZ    1 
ATOM   999  N  N     . LYS C 3 66  ? 9.134   0.268   -0.114  1.00 21.87  ? 66  LYS U N     1 
ATOM   1000 C  CA    . LYS C 3 66  ? 9.339   -1.073  0.332   1.00 21.76  ? 66  LYS U CA    1 
ATOM   1001 C  C     . LYS C 3 66  ? 8.121   -1.349  1.135   1.00 23.97  ? 66  LYS U C     1 
ATOM   1002 O  O     . LYS C 3 66  ? 7.490   -0.408  1.626   1.00 21.90  ? 66  LYS U O     1 
ATOM   1003 C  CB    . LYS C 3 66  ? 10.576  -1.188  1.211   1.00 21.72  ? 66  LYS U CB    1 
ATOM   1004 C  CG    . LYS C 3 66  ? 10.638  -0.205  2.404   1.00 28.68  ? 66  LYS U CG    1 
ATOM   1005 C  CD    . LYS C 3 66  ? 11.744  -0.708  3.352   1.00 30.43  ? 66  LYS U CD    1 
ATOM   1006 C  CE    . LYS C 3 66  ? 12.399  0.421   4.178   1.00 39.46  ? 66  LYS U CE    1 
ATOM   1007 N  NZ    . LYS C 3 66  ? 13.288  -0.117  5.324   1.00 39.89  ? 66  LYS U NZ    1 
ATOM   1008 N  N     . MET C 3 67  ? 7.796   -2.630  1.300   1.00 27.01  ? 67  MET U N     1 
ATOM   1009 C  CA    . MET C 3 67  ? 6.623   -2.976  2.064   1.00 30.67  ? 67  MET U CA    1 
ATOM   1010 C  C     . MET C 3 67  ? 6.730   -4.400  2.535   1.00 31.88  ? 67  MET U C     1 
ATOM   1011 O  O     . MET C 3 67  ? 7.592   -5.139  2.074   1.00 29.74  ? 67  MET U O     1 
ATOM   1012 C  CB    . MET C 3 67  ? 5.340   -2.811  1.195   1.00 32.87  ? 67  MET U CB    1 
ATOM   1013 C  CG    . MET C 3 67  ? 5.060   -3.931  0.184   1.00 31.35  ? 67  MET U CG    1 
ATOM   1014 S  SD    . MET C 3 67  ? 3.422   -3.675  -0.691  1.00 39.57  ? 67  MET U SD    1 
ATOM   1015 C  CE    . MET C 3 67  ? 3.912   -3.393  -2.305  1.00 22.48  ? 67  MET U CE    1 
ATOM   1016 N  N     . LYS C 3 68  ? 5.878   -4.744  3.505   1.00 34.81  ? 68  LYS U N     1 
ATOM   1017 C  CA    . LYS C 3 68  ? 5.753   -6.100  3.992   1.00 36.59  ? 68  LYS U CA    1 
ATOM   1018 C  C     . LYS C 3 68  ? 4.356   -6.489  3.436   1.00 35.31  ? 68  LYS U C     1 
ATOM   1019 O  O     . LYS C 3 68  ? 3.321   -6.111  3.987   1.00 33.30  ? 68  LYS U O     1 
ATOM   1020 C  CB    . LYS C 3 68  ? 5.793   -6.104  5.519   1.00 43.26  ? 68  LYS U CB    1 
ATOM   1021 C  CG    . LYS C 3 68  ? 7.182   -5.880  6.090   1.00 50.53  ? 68  LYS U CG    1 
ATOM   1022 C  CD    . LYS C 3 68  ? 7.276   -6.399  7.516   1.00 57.15  ? 68  LYS U CD    1 
ATOM   1023 C  CE    . LYS C 3 68  ? 8.698   -6.197  8.074   1.00 64.62  ? 68  LYS U CE    1 
ATOM   1024 N  NZ    . LYS C 3 68  ? 9.051   -6.942  9.344   1.00 67.25  ? 68  LYS U NZ    1 
ATOM   1025 N  N     . LYS C 3 69  ? 4.310   -7.219  2.328   1.00 34.07  ? 69  LYS U N     1 
ATOM   1026 C  CA    . LYS C 3 69  ? 2.999   -7.545  1.746   1.00 35.98  ? 69  LYS U CA    1 
ATOM   1027 C  C     . LYS C 3 69  ? 2.045   -8.207  2.728   1.00 36.69  ? 69  LYS U C     1 
ATOM   1028 O  O     . LYS C 3 69  ? 0.858   -7.909  2.755   1.00 35.43  ? 69  LYS U O     1 
ATOM   1029 C  CB    . LYS C 3 69  ? 3.161   -8.403  0.497   1.00 24.64  ? 69  LYS U CB    1 
ATOM   1030 C  CG    . LYS C 3 69  ? 3.942   -7.665  -0.530  1.00 25.68  ? 69  LYS U CG    1 
ATOM   1031 C  CD    . LYS C 3 69  ? 3.920   -8.338  -1.843  1.00 22.65  ? 69  LYS U CD    1 
ATOM   1032 C  CE    . LYS C 3 69  ? 4.926   -9.478  -1.874  1.00 20.36  ? 69  LYS U CE    1 
ATOM   1033 N  NZ    . LYS C 3 69  ? 4.596   -10.373 -3.019  1.00 24.09  ? 69  LYS U NZ    1 
ATOM   1034 N  N     . LYS C 3 70  ? 2.581   -9.097  3.543   1.00 39.43  ? 70  LYS U N     1 
ATOM   1035 C  CA    . LYS C 3 70  ? 1.768   -9.780  4.519   1.00 43.01  ? 70  LYS U CA    1 
ATOM   1036 C  C     . LYS C 3 70  ? 0.907   -8.773  5.340   1.00 40.45  ? 70  LYS U C     1 
ATOM   1037 O  O     . LYS C 3 70  ? -0.287  -8.988  5.487   1.00 36.92  ? 70  LYS U O     1 
ATOM   1038 C  CB    . LYS C 3 70  ? 2.687   -10.629 5.412   1.00 46.94  ? 70  LYS U CB    1 
ATOM   1039 C  CG    . LYS C 3 70  ? 1.972   -11.698 6.204   1.00 53.50  ? 70  LYS U CG    1 
ATOM   1040 C  CD    . LYS C 3 70  ? 2.847   -12.936 6.331   1.00 62.55  ? 70  LYS U CD    1 
ATOM   1041 C  CE    . LYS C 3 70  ? 2.188   -14.001 7.212   1.00 66.36  ? 70  LYS U CE    1 
ATOM   1042 N  NZ    . LYS C 3 70  ? 3.059   -15.231 7.394   1.00 67.33  ? 70  LYS U NZ    1 
ATOM   1043 N  N     . ASN C 3 71  ? 1.508   -7.666  5.820   1.00 38.68  ? 71  ASN U N     1 
ATOM   1044 C  CA    . ASN C 3 71  ? 0.796   -6.650  6.617   1.00 33.95  ? 71  ASN U CA    1 
ATOM   1045 C  C     . ASN C 3 71  ? -0.072  -5.731  5.766   1.00 36.05  ? 71  ASN U C     1 
ATOM   1046 O  O     . ASN C 3 71  ? -1.158  -5.308  6.165   1.00 39.12  ? 71  ASN U O     1 
ATOM   1047 C  CB    . ASN C 3 71  ? 1.796   -5.807  7.404   1.00 33.00  ? 71  ASN U CB    1 
ATOM   1048 C  CG    . ASN C 3 71  ? 2.413   -6.574  8.618   1.00 39.67  ? 71  ASN U CG    1 
ATOM   1049 O  OD1   . ASN C 3 71  ? 2.246   -7.789  8.761   1.00 39.88  ? 71  ASN U OD1   1 
ATOM   1050 N  ND2   . ASN C 3 71  ? 3.136   -5.851  9.477   1.00 37.89  ? 71  ASN U ND2   1 
ATOM   1051 N  N     . VAL C 3 72  ? 0.430   -5.391  4.593   1.00 33.90  ? 72  VAL U N     1 
ATOM   1052 C  CA    . VAL C 3 72  ? -0.288  -4.537  3.690   1.00 30.60  ? 72  VAL U CA    1 
ATOM   1053 C  C     . VAL C 3 72  ? -1.564  -5.217  3.190   1.00 33.28  ? 72  VAL U C     1 
ATOM   1054 O  O     . VAL C 3 72  ? -2.601  -4.568  3.035   1.00 28.57  ? 72  VAL U O     1 
ATOM   1055 C  CB    . VAL C 3 72  ? 0.594   -4.188  2.541   1.00 28.59  ? 72  VAL U CB    1 
ATOM   1056 C  CG1   . VAL C 3 72  ? -0.229  -3.499  1.443   1.00 30.95  ? 72  VAL U CG1   1 
ATOM   1057 C  CG2   . VAL C 3 72  ? 1.732   -3.333  3.055   1.00 27.00  ? 72  VAL U CG2   1 
ATOM   1058 N  N     . ALA C 3 73  ? -1.495  -6.524  2.939   1.00 34.21  ? 73  ALA U N     1 
ATOM   1059 C  CA    . ALA C 3 73  ? -2.682  -7.200  2.497   1.00 32.90  ? 73  ALA U CA    1 
ATOM   1060 C  C     . ALA C 3 73  ? -3.663  -7.092  3.657   1.00 33.96  ? 73  ALA U C     1 
ATOM   1061 O  O     . ALA C 3 73  ? -4.817  -6.835  3.422   1.00 33.71  ? 73  ALA U O     1 
ATOM   1062 C  CB    . ALA C 3 73  ? -2.400  -8.630  2.174   1.00 28.91  ? 73  ALA U CB    1 
ATOM   1063 N  N     . LEU C 3 74  ? -3.218  -7.245  4.906   1.00 33.64  ? 74  LEU U N     1 
ATOM   1064 C  CA    . LEU C 3 74  ? -4.160  -7.171  6.036   1.00 36.99  ? 74  LEU U CA    1 
ATOM   1065 C  C     . LEU C 3 74  ? -4.883  -5.857  6.163   1.00 37.94  ? 74  LEU U C     1 
ATOM   1066 O  O     . LEU C 3 74  ? -6.112  -5.818  6.057   1.00 38.92  ? 74  LEU U O     1 
ATOM   1067 C  CB    . LEU C 3 74  ? -3.489  -7.441  7.395   1.00 39.30  ? 74  LEU U CB    1 
ATOM   1068 C  CG    . LEU C 3 74  ? -3.048  -8.880  7.624   1.00 39.99  ? 74  LEU U CG    1 
ATOM   1069 C  CD1   . LEU C 3 74  ? -2.183  -8.992  8.887   1.00 46.88  ? 74  LEU U CD1   1 
ATOM   1070 C  CD2   . LEU C 3 74  ? -4.253  -9.727  7.741   1.00 42.26  ? 74  LEU U CD2   1 
ATOM   1071 N  N     . VAL C 3 75  ? -4.135  -4.777  6.382   1.00 36.48  ? 75  VAL U N     1 
ATOM   1072 C  CA    . VAL C 3 75  ? -4.782  -3.474  6.540   1.00 37.30  ? 75  VAL U CA    1 
ATOM   1073 C  C     . VAL C 3 75  ? -5.692  -3.118  5.346   1.00 38.03  ? 75  VAL U C     1 
ATOM   1074 O  O     . VAL C 3 75  ? -6.616  -2.301  5.482   1.00 42.67  ? 75  VAL U O     1 
ATOM   1075 C  CB    . VAL C 3 75  ? -3.741  -2.350  6.771   1.00 33.21  ? 75  VAL U CB    1 
ATOM   1076 C  CG1   . VAL C 3 75  ? -2.706  -2.795  7.768   1.00 40.44  ? 75  VAL U CG1   1 
ATOM   1077 C  CG2   . VAL C 3 75  ? -3.031  -2.019  5.538   1.00 34.80  ? 75  VAL U CG2   1 
ATOM   1078 N  N     . MET C 3 76  ? -5.456  -3.742  4.191   1.00 37.17  ? 76  MET U N     1 
ATOM   1079 C  CA    . MET C 3 76  ? -6.231  -3.467  2.990   1.00 34.94  ? 76  MET U CA    1 
ATOM   1080 C  C     . MET C 3 76  ? -7.439  -4.347  2.819   1.00 37.78  ? 76  MET U C     1 
ATOM   1081 O  O     . MET C 3 76  ? -8.333  -4.052  1.989   1.00 39.58  ? 76  MET U O     1 
ATOM   1082 C  CB    . MET C 3 76  ? -5.388  -3.613  1.761   1.00 28.76  ? 76  MET U CB    1 
ATOM   1083 C  CG    . MET C 3 76  ? -4.453  -2.487  1.541   1.00 37.13  ? 76  MET U CG    1 
ATOM   1084 S  SD    . MET C 3 76  ? -3.818  -2.726  -0.108  1.00 48.28  ? 76  MET U SD    1 
ATOM   1085 C  CE    . MET C 3 76  ? -4.010  -1.163  -0.851  1.00 46.16  ? 76  MET U CE    1 
ATOM   1086 N  N     . GLY C 3 77  ? -7.472  -5.409  3.616   1.00 38.36  ? 77  GLY U N     1 
ATOM   1087 C  CA    . GLY C 3 77  ? -8.573  -6.357  3.580   1.00 37.67  ? 77  GLY U CA    1 
ATOM   1088 C  C     . GLY C 3 77  ? -8.547  -7.333  2.412   1.00 37.00  ? 77  GLY U C     1 
ATOM   1089 O  O     . GLY C 3 77  ? -9.605  -7.700  1.902   1.00 42.71  ? 77  GLY U O     1 
ATOM   1090 N  N     . ILE C 3 78  ? -7.374  -7.753  1.963   1.00 34.26  ? 78  ILE U N     1 
ATOM   1091 C  CA    . ILE C 3 78  ? -7.322  -8.688  0.840   1.00 36.05  ? 78  ILE U CA    1 
ATOM   1092 C  C     . ILE C 3 78  ? -6.318  -9.756  1.140   1.00 32.64  ? 78  ILE U C     1 
ATOM   1093 O  O     . ILE C 3 78  ? -5.356  -9.526  1.864   1.00 34.42  ? 78  ILE U O     1 
ATOM   1094 C  CB    . ILE C 3 78  ? -6.988  -7.958  -0.521  1.00 38.02  ? 78  ILE U CB    1 
ATOM   1095 C  CG1   . ILE C 3 78  ? -5.573  -7.338  -0.457  1.00 35.56  ? 78  ILE U CG1   1 
ATOM   1096 C  CG2   . ILE C 3 78  ? -8.097  -6.878  -0.810  1.00 31.51  ? 78  ILE U CG2   1 
ATOM   1097 C  CD1   . ILE C 3 78  ? -5.212  -6.362  -1.581  1.00 33.79  ? 78  ILE U CD1   1 
ATOM   1098 N  N     . LYS C 3 79  ? -6.565  -10.951 0.627   1.00 33.05  ? 79  LYS U N     1 
ATOM   1099 C  CA    . LYS C 3 79  ? -5.610  -12.052 0.842   1.00 33.67  ? 79  LYS U CA    1 
ATOM   1100 C  C     . LYS C 3 79  ? -4.219  -11.694 0.250   1.00 29.60  ? 79  LYS U C     1 
ATOM   1101 O  O     . LYS C 3 79  ? -4.132  -10.892 -0.684  1.00 33.19  ? 79  LYS U O     1 
ATOM   1102 C  CB    . LYS C 3 79  ? -6.103  -13.322 0.135   1.00 29.41  ? 79  LYS U CB    1 
ATOM   1103 C  CG    . LYS C 3 79  ? -7.541  -13.689 0.352   1.00 40.08  ? 79  LYS U CG    1 
ATOM   1104 C  CD    . LYS C 3 79  ? -7.695  -14.640 1.519   1.00 46.73  ? 79  LYS U CD    1 
ATOM   1105 C  CE    . LYS C 3 79  ? -7.736  -13.882 2.863   1.00 52.25  ? 79  LYS U CE    1 
ATOM   1106 N  NZ    . LYS C 3 79  ? -9.075  -13.245 3.155   1.00 55.76  ? 79  LYS U NZ    1 
ATOM   1107 N  N     . LEU C 3 80  ? -3.152  -12.306 0.750   1.00 27.14  ? 80  LEU U N     1 
ATOM   1108 C  CA    . LEU C 3 80  ? -1.805  -12.082 0.178   1.00 28.16  ? 80  LEU U CA    1 
ATOM   1109 C  C     . LEU C 3 80  ? -1.804  -12.259 -1.335  1.00 28.34  ? 80  LEU U C     1 
ATOM   1110 O  O     . LEU C 3 80  ? -1.237  -11.434 -2.119  1.00 28.61  ? 80  LEU U O     1 
ATOM   1111 C  CB    . LEU C 3 80  ? -0.807  -13.104 0.673   1.00 29.62  ? 80  LEU U CB    1 
ATOM   1112 C  CG    . LEU C 3 80  ? 0.454   -12.405 1.154   1.00 39.13  ? 80  LEU U CG    1 
ATOM   1113 C  CD1   . LEU C 3 80  ? 1.617   -13.336 0.926   1.00 35.34  ? 80  LEU U CD1   1 
ATOM   1114 C  CD2   . LEU C 3 80  ? 0.634   -11.023 0.441   1.00 39.18  ? 80  LEU U CD2   1 
ATOM   1115 N  N     . ASN C 3 81  ? -2.413  -13.374 -1.732  1.00 24.03  ? 81  ASN U N     1 
ATOM   1116 C  CA    . ASN C 3 81  ? -2.507  -13.716 -3.111  1.00 24.48  ? 81  ASN U CA    1 
ATOM   1117 C  C     . ASN C 3 81  ? -3.182  -12.614 -3.927  1.00 26.92  ? 81  ASN U C     1 
ATOM   1118 O  O     . ASN C 3 81  ? -2.716  -12.267 -5.005  1.00 26.53  ? 81  ASN U O     1 
ATOM   1119 C  CB    . ASN C 3 81  ? -3.194  -15.073 -3.306  1.00 21.36  ? 81  ASN U CB    1 
ATOM   1120 C  CG    . ASN C 3 81  ? -3.538  -15.347 -4.763  1.00 24.33  ? 81  ASN U CG    1 
ATOM   1121 O  OD1   . ASN C 3 81  ? -4.667  -15.066 -5.216  1.00 29.53  ? 81  ASN U OD1   1 
ATOM   1122 N  ND2   . ASN C 3 81  ? -2.571  -15.844 -5.515  1.00 18.14  ? 81  ASN U ND2   1 
ATOM   1123 N  N     . THR C 3 82  ? -4.238  -12.001 -3.440  1.00 29.76  ? 82  THR U N     1 
ATOM   1124 C  CA    . THR C 3 82  ? -4.792  -11.011 -4.312  1.00 26.27  ? 82  THR U CA    1 
ATOM   1125 C  C     . THR C 3 82  ? -3.889  -9.781  -4.312  1.00 27.25  ? 82  THR U C     1 
ATOM   1126 O  O     . THR C 3 82  ? -3.810  -9.075  -5.322  1.00 20.50  ? 82  THR U O     1 
ATOM   1127 C  CB    . THR C 3 82  ? -6.299  -10.807 -3.983  1.00 31.84  ? 82  THR U CB    1 
ATOM   1128 O  OG1   . THR C 3 82  ? -6.711  -9.446  -4.199  1.00 39.60  ? 82  THR U OG1   1 
ATOM   1129 C  CG2   . THR C 3 82  ? -6.571  -11.254 -2.616  1.00 32.45  ? 82  THR U CG2   1 
ATOM   1130 N  N     . LEU C 3 83  ? -3.126  -9.552  -3.227  1.00 29.66  ? 83  LEU U N     1 
ATOM   1131 C  CA    . LEU C 3 83  ? -2.240  -8.388  -3.239  1.00 27.93  ? 83  LEU U CA    1 
ATOM   1132 C  C     . LEU C 3 83  ? -1.263  -8.578  -4.419  1.00 30.36  ? 83  LEU U C     1 
ATOM   1133 O  O     . LEU C 3 83  ? -1.092  -7.637  -5.227  1.00 28.76  ? 83  LEU U O     1 
ATOM   1134 C  CB    . LEU C 3 83  ? -1.422  -8.269  -1.966  1.00 27.60  ? 83  LEU U CB    1 
ATOM   1135 C  CG    . LEU C 3 83  ? -1.104  -6.881  -1.418  1.00 25.70  ? 83  LEU U CG    1 
ATOM   1136 C  CD1   . LEU C 3 83  ? 0.129   -7.022  -0.581  1.00 22.36  ? 83  LEU U CD1   1 
ATOM   1137 C  CD2   . LEU C 3 83  ? -0.887  -5.838  -2.469  1.00 25.81  ? 83  LEU U CD2   1 
ATOM   1138 N  N     . ASN C 3 84  ? -0.639  -9.781  -4.507  1.00 26.91  ? 84  ASN U N     1 
ATOM   1139 C  CA    . ASN C 3 84  ? 0.324   -10.089 -5.567  1.00 22.90  ? 84  ASN U CA    1 
ATOM   1140 C  C     . ASN C 3 84  ? -0.340  -9.965  -6.913  1.00 24.01  ? 84  ASN U C     1 
ATOM   1141 O  O     . ASN C 3 84  ? 0.235   -9.406  -7.838  1.00 22.84  ? 84  ASN U O     1 
ATOM   1142 C  CB    . ASN C 3 84  ? 0.880   -11.518 -5.514  1.00 24.08  ? 84  ASN U CB    1 
ATOM   1143 C  CG    . ASN C 3 84  ? 1.632   -11.855 -4.206  1.00 33.12  ? 84  ASN U CG    1 
ATOM   1144 O  OD1   . ASN C 3 84  ? 2.307   -10.994 -3.603  1.00 38.03  ? 84  ASN U OD1   1 
ATOM   1145 N  ND2   . ASN C 3 84  ? 1.558   -13.144 -3.792  1.00 28.66  ? 84  ASN U ND2   1 
ATOM   1146 N  N     . VAL C 3 85  ? -1.548  -10.506 -7.052  1.00 19.89  ? 85  VAL U N     1 
ATOM   1147 C  CA    . VAL C 3 85  ? -2.218  -10.427 -8.323  1.00 20.22  ? 85  VAL U CA    1 
ATOM   1148 C  C     . VAL C 3 85  ? -2.399  -8.919  -8.742  1.00 25.33  ? 85  VAL U C     1 
ATOM   1149 O  O     . VAL C 3 85  ? -2.157  -8.548  -9.908  1.00 22.04  ? 85  VAL U O     1 
ATOM   1150 C  CB    . VAL C 3 85  ? -3.572  -11.197 -8.247  1.00 23.18  ? 85  VAL U CB    1 
ATOM   1151 C  CG1   . VAL C 3 85  ? -4.525  -10.722 -9.311  1.00 18.19  ? 85  VAL U CG1   1 
ATOM   1152 C  CG2   . VAL C 3 85  ? -3.325  -12.712 -8.450  1.00 17.61  ? 85  VAL U CG2   1 
ATOM   1153 N  N     . ASN C 3 86  ? -2.820  -8.063  -7.798  1.00 24.82  ? 86  ASN U N     1 
ATOM   1154 C  CA    . ASN C 3 86  ? -2.991  -6.644  -8.078  1.00 26.55  ? 86  ASN U CA    1 
ATOM   1155 C  C     . ASN C 3 86  ? -1.659  -5.933  -8.457  1.00 29.24  ? 86  ASN U C     1 
ATOM   1156 O  O     . ASN C 3 86  ? -1.661  -5.051  -9.369  1.00 26.63  ? 86  ASN U O     1 
ATOM   1157 C  CB    . ASN C 3 86  ? -3.620  -5.922  -6.872  1.00 30.39  ? 86  ASN U CB    1 
ATOM   1158 C  CG    . ASN C 3 86  ? -5.111  -6.251  -6.676  1.00 34.95  ? 86  ASN U CG    1 
ATOM   1159 O  OD1   . ASN C 3 86  ? -5.793  -6.828  -7.567  1.00 35.99  ? 86  ASN U OD1   1 
ATOM   1160 N  ND2   . ASN C 3 86  ? -5.617  -5.886  -5.513  1.00 26.55  ? 86  ASN U ND2   1 
ATOM   1161 N  N     . LEU C 3 87  ? -0.554  -6.266  -7.762  1.00 23.70  ? 87  LEU U N     1 
ATOM   1162 C  CA    . LEU C 3 87  ? 0.739   -5.641  -8.084  1.00 30.92  ? 87  LEU U CA    1 
ATOM   1163 C  C     . LEU C 3 87  ? 1.123   -6.036  -9.542  1.00 33.39  ? 87  LEU U C     1 
ATOM   1164 O  O     . LEU C 3 87  ? 1.480   -5.164  -10.384 1.00 31.50  ? 87  LEU U O     1 
ATOM   1165 C  CB    . LEU C 3 87  ? 1.840   -6.071  -7.089  1.00 27.27  ? 87  LEU U CB    1 
ATOM   1166 C  CG    . LEU C 3 87  ? 1.546   -5.682  -5.625  1.00 25.14  ? 87  LEU U CG    1 
ATOM   1167 C  CD1   . LEU C 3 87  ? 2.649   -6.139  -4.800  1.00 24.84  ? 87  LEU U CD1   1 
ATOM   1168 C  CD2   . LEU C 3 87  ? 1.411   -4.230  -5.439  1.00 19.73  ? 87  LEU U CD2   1 
ATOM   1169 N  N     . ARG C 3 88  ? 1.006   -7.336  -9.816  1.00 29.13  ? 88  ARG U N     1 
ATOM   1170 C  CA    . ARG C 3 88  ? 1.254   -7.914  -11.120 1.00 33.16  ? 88  ARG U CA    1 
ATOM   1171 C  C     . ARG C 3 88  ? 0.423   -7.226  -12.214 1.00 31.68  ? 88  ARG U C     1 
ATOM   1172 O  O     . ARG C 3 88  ? 0.990   -6.621  -13.139 1.00 32.40  ? 88  ARG U O     1 
ATOM   1173 C  CB    . ARG C 3 88  ? 0.965   -9.443  -11.081 1.00 37.20  ? 88  ARG U CB    1 
ATOM   1174 C  CG    . ARG C 3 88  ? 0.433   -10.121 -12.406 1.00 46.86  ? 88  ARG U CG    1 
ATOM   1175 C  CD    . ARG C 3 88  ? 1.404   -11.167 -12.919 1.00 47.01  ? 88  ARG U CD    1 
ATOM   1176 N  NE    . ARG C 3 88  ? 2.667   -11.019 -12.195 1.00 56.34  ? 88  ARG U NE    1 
ATOM   1177 C  CZ    . ARG C 3 88  ? 3.858   -11.495 -12.583 1.00 57.94  ? 88  ARG U CZ    1 
ATOM   1178 N  NH1   . ARG C 3 88  ? 3.977   -12.176 -13.737 1.00 55.39  ? 88  ARG U NH1   1 
ATOM   1179 N  NH2   . ARG C 3 88  ? 4.934   -11.288 -11.797 1.00 50.00  ? 88  ARG U NH2   1 
ATOM   1180 N  N     . ASP C 3 89  ? -0.899  -7.266  -12.092 1.00 33.45  ? 89  ASP U N     1 
ATOM   1181 C  CA    . ASP C 3 89  ? -1.777  -6.696  -13.131 1.00 38.12  ? 89  ASP U CA    1 
ATOM   1182 C  C     . ASP C 3 89  ? -1.786  -5.203  -13.261 1.00 36.87  ? 89  ASP U C     1 
ATOM   1183 O  O     . ASP C 3 89  ? -2.181  -4.684  -14.290 1.00 41.20  ? 89  ASP U O     1 
ATOM   1184 C  CB    . ASP C 3 89  ? -3.209  -7.216  -12.973 1.00 39.42  ? 89  ASP U CB    1 
ATOM   1185 C  CG    . ASP C 3 89  ? -3.268  -8.772  -12.859 1.00 50.72  ? 89  ASP U CG    1 
ATOM   1186 O  OD1   . ASP C 3 89  ? -4.328  -9.296  -12.385 1.00 53.48  ? 89  ASP U OD1   1 
ATOM   1187 O  OD2   . ASP C 3 89  ? -2.267  -9.468  -13.238 1.00 47.82  ? 89  ASP U OD2   1 
ATOM   1188 N  N     . LEU C 3 90  ? -1.342  -4.488  -12.235 1.00 38.74  ? 90  LEU U N     1 
ATOM   1189 C  CA    . LEU C 3 90  ? -1.300  -3.031  -12.336 1.00 33.53  ? 90  LEU U CA    1 
ATOM   1190 C  C     . LEU C 3 90  ? 0.094   -2.479  -12.672 1.00 32.60  ? 90  LEU U C     1 
ATOM   1191 O  O     . LEU C 3 90  ? 0.334   -1.270  -12.614 1.00 38.15  ? 90  LEU U O     1 
ATOM   1192 C  CB    . LEU C 3 90  ? -1.912  -2.387  -11.079 1.00 34.31  ? 90  LEU U CB    1 
ATOM   1193 C  CG    . LEU C 3 90  ? -3.403  -2.782  -10.923 1.00 33.27  ? 90  LEU U CG    1 
ATOM   1194 C  CD1   . LEU C 3 90  ? -4.038  -2.147  -9.753  1.00 30.22  ? 90  LEU U CD1   1 
ATOM   1195 C  CD2   . LEU C 3 90  ? -4.143  -2.360  -12.172 1.00 33.89  ? 90  LEU U CD2   1 
ATOM   1196 N  N     . ALA C 3 91  ? 1.017   -3.367  -13.030 1.00 29.96  ? 91  ALA U N     1 
ATOM   1197 C  CA    . ALA C 3 91  ? 2.358   -2.983  -13.478 1.00 27.78  ? 91  ALA U CA    1 
ATOM   1198 C  C     . ALA C 3 91  ? 3.298   -2.371  -12.451 1.00 26.04  ? 91  ALA U C     1 
ATOM   1199 O  O     . ALA C 3 91  ? 4.009   -1.355  -12.731 1.00 23.64  ? 91  ALA U O     1 
ATOM   1200 C  CB    . ALA C 3 91  ? 2.259   -2.046  -14.772 1.00 14.74  ? 91  ALA U CB    1 
ATOM   1201 N  N     . PHE C 3 92  ? 3.267   -2.955  -11.254 1.00 25.44  ? 92  PHE U N     1 
ATOM   1202 C  CA    . PHE C 3 92  ? 4.202   -2.560  -10.204 1.00 23.83  ? 92  PHE U CA    1 
ATOM   1203 C  C     . PHE C 3 92  ? 5.386   -3.480  -10.520 1.00 25.67  ? 92  PHE U C     1 
ATOM   1204 O  O     . PHE C 3 92  ? 5.237   -4.604  -10.975 1.00 26.08  ? 92  PHE U O     1 
ATOM   1205 C  CB    . PHE C 3 92  ? 3.633   -2.787  -8.815  1.00 18.49  ? 92  PHE U CB    1 
ATOM   1206 C  CG    . PHE C 3 92  ? 2.725   -1.683  -8.373  1.00 19.02  ? 92  PHE U CG    1 
ATOM   1207 C  CD1   . PHE C 3 92  ? 3.201   -0.658  -7.545  1.00 20.61  ? 92  PHE U CD1   1 
ATOM   1208 C  CD2   . PHE C 3 92  ? 1.406   -1.607  -8.877  1.00 19.54  ? 92  PHE U CD2   1 
ATOM   1209 C  CE1   . PHE C 3 92  ? 2.387   0.427   -7.232  1.00 20.70  ? 92  PHE U CE1   1 
ATOM   1210 C  CE2   . PHE C 3 92  ? 0.583   -0.547  -8.580  1.00 19.44  ? 92  PHE U CE2   1 
ATOM   1211 C  CZ    . PHE C 3 92  ? 1.059   0.483   -7.755  1.00 17.07  ? 92  PHE U CZ    1 
ATOM   1212 N  N     . GLU C 3 93  ? 6.572   -2.951  -10.389 1.00 21.96  ? 93  GLU U N     1 
ATOM   1213 C  CA    . GLU C 3 93  ? 7.709   -3.738  -10.716 1.00 23.42  ? 93  GLU U CA    1 
ATOM   1214 C  C     . GLU C 3 93  ? 8.548   -3.963  -9.475  1.00 25.63  ? 93  GLU U C     1 
ATOM   1215 O  O     . GLU C 3 93  ? 8.994   -3.017  -8.811  1.00 24.73  ? 93  GLU U O     1 
ATOM   1216 C  CB    . GLU C 3 93  ? 8.462   -3.023  -11.821 1.00 24.81  ? 93  GLU U CB    1 
ATOM   1217 C  CG    . GLU C 3 93  ? 9.929   -3.413  -11.974 1.00 30.87  ? 93  GLU U CG    1 
ATOM   1218 C  CD    . GLU C 3 93  ? 10.579  -2.589  -13.105 1.00 38.13  ? 93  GLU U CD    1 
ATOM   1219 O  OE1   . GLU C 3 93  ? 10.069  -1.468  -13.375 1.00 41.53  ? 93  GLU U OE1   1 
ATOM   1220 O  OE2   . GLU C 3 93  ? 11.572  -3.048  -13.709 1.00 29.65  ? 93  GLU U OE2   1 
ATOM   1221 N  N     . GLN C 3 94  ? 8.722   -5.237  -9.147  1.00 25.39  ? 94  GLN U N     1 
ATOM   1222 C  CA    . GLN C 3 94  ? 9.472   -5.648  -7.991  1.00 20.75  ? 94  GLN U CA    1 
ATOM   1223 C  C     . GLN C 3 94  ? 10.978  -5.459  -8.235  1.00 21.58  ? 94  GLN U C     1 
ATOM   1224 O  O     . GLN C 3 94  ? 11.533  -5.916  -9.253  1.00 19.80  ? 94  GLN U O     1 
ATOM   1225 C  CB    . GLN C 3 94  ? 9.186   -7.109  -7.674  1.00 14.58  ? 94  GLN U CB    1 
ATOM   1226 C  CG    . GLN C 3 94  ? 9.752   -7.456  -6.319  1.00 27.70  ? 94  GLN U CG    1 
ATOM   1227 C  CD    . GLN C 3 94  ? 9.296   -8.777  -5.822  1.00 27.77  ? 94  GLN U CD    1 
ATOM   1228 O  OE1   . GLN C 3 94  ? 8.288   -9.287  -6.281  1.00 37.56  ? 94  GLN U OE1   1 
ATOM   1229 N  NE2   . GLN C 3 94  ? 10.029  -9.349  -4.870  1.00 29.84  ? 94  GLN U NE2   1 
ATOM   1230 N  N     . LEU C 3 95  ? 11.618  -4.795  -7.291  1.00 19.95  ? 95  LEU U N     1 
ATOM   1231 C  CA    . LEU C 3 95  ? 13.037  -4.516  -7.361  1.00 26.13  ? 95  LEU U CA    1 
ATOM   1232 C  C     . LEU C 3 95  ? 13.851  -5.338  -6.318  1.00 29.50  ? 95  LEU U C     1 
ATOM   1233 O  O     . LEU C 3 95  ? 15.066  -5.213  -6.232  1.00 28.79  ? 95  LEU U O     1 
ATOM   1234 C  CB    . LEU C 3 95  ? 13.261  -3.013  -7.141  1.00 22.15  ? 95  LEU U CB    1 
ATOM   1235 C  CG    . LEU C 3 95  ? 12.407  -2.139  -8.054  1.00 27.69  ? 95  LEU U CG    1 
ATOM   1236 C  CD1   . LEU C 3 95  ? 12.620  -0.726  -7.616  1.00 22.69  ? 95  LEU U CD1   1 
ATOM   1237 C  CD2   . LEU C 3 95  ? 12.721  -2.349  -9.591  1.00 23.76  ? 95  LEU U CD2   1 
ATOM   1238 N  N     . GLN C 3 96  ? 13.173  -6.161  -5.529  1.00 33.46  ? 96  GLN U N     1 
ATOM   1239 C  CA    . GLN C 3 96  ? 13.859  -6.974  -4.530  1.00 35.38  ? 96  GLN U CA    1 
ATOM   1240 C  C     . GLN C 3 96  ? 13.044  -8.174  -4.016  1.00 37.38  ? 96  GLN U C     1 
ATOM   1241 O  O     . GLN C 3 96  ? 11.794  -8.082  -3.790  1.00 29.57  ? 96  GLN U O     1 
ATOM   1242 C  CB    . GLN C 3 96  ? 14.283  -6.115  -3.361  1.00 35.96  ? 96  GLN U CB    1 
ATOM   1243 C  CG    . GLN C 3 96  ? 15.103  -6.860  -2.327  1.00 48.69  ? 96  GLN U CG    1 
ATOM   1244 C  CD    . GLN C 3 96  ? 14.900  -6.321  -0.896  1.00 53.74  ? 96  GLN U CD    1 
ATOM   1245 O  OE1   . GLN C 3 96  ? 13.978  -6.742  -0.196  1.00 59.05  ? 96  GLN U OE1   1 
ATOM   1246 N  NE2   . GLN C 3 96  ? 15.747  -5.381  -0.472  1.00 55.38  ? 96  GLN U NE2   1 
ATOM   1247 N  N     . HIS C 3 97  ? 13.772  -9.296  -3.900  1.00 37.72  ? 97  HIS U N     1 
ATOM   1248 C  CA    . HIS C 3 97  ? 13.258  -10.579 -3.383  1.00 45.93  ? 97  HIS U CA    1 
ATOM   1249 C  C     . HIS C 3 97  ? 12.887  -10.340 -1.905  1.00 43.95  ? 97  HIS U C     1 
ATOM   1250 O  O     . HIS C 3 97  ? 13.403  -9.408  -1.267  1.00 35.82  ? 97  HIS U O     1 
ATOM   1251 C  CB    . HIS C 3 97  ? 14.369  -11.673 -3.451  1.00 57.42  ? 97  HIS U CB    1 
ATOM   1252 C  CG    . HIS C 3 97  ? 13.930  -13.062 -3.046  1.00 66.00  ? 97  HIS U CG    1 
ATOM   1253 N  ND1   . HIS C 3 97  ? 13.150  -13.869 -3.853  1.00 69.44  ? 97  HIS U ND1   1 
ATOM   1254 C  CD2   . HIS C 3 97  ? 14.217  -13.804 -1.946  1.00 67.00  ? 97  HIS U CD2   1 
ATOM   1255 C  CE1   . HIS C 3 97  ? 12.980  -15.046 -3.272  1.00 68.54  ? 97  HIS U CE1   1 
ATOM   1256 N  NE2   . HIS C 3 97  ? 13.617  -15.033 -2.114  1.00 69.62  ? 97  HIS U NE2   1 
ATOM   1257 N  N     . ASP C 3 98  ? 11.993  -11.179 -1.386  1.00 43.40  ? 98  ASP U N     1 
ATOM   1258 C  CA    . ASP C 3 98  ? 11.551  -11.087 -0.008  1.00 45.40  ? 98  ASP U CA    1 
ATOM   1259 C  C     . ASP C 3 98  ? 12.750  -11.327 0.927   1.00 45.85  ? 98  ASP U C     1 
ATOM   1260 O  O     . ASP C 3 98  ? 13.534  -12.270 0.736   1.00 46.28  ? 98  ASP U O     1 
ATOM   1261 C  CB    . ASP C 3 98  ? 10.433  -12.116 0.221   1.00 46.17  ? 98  ASP U CB    1 
ATOM   1262 C  CG    . ASP C 3 98  ? 10.074  -12.299 1.696   1.00 50.38  ? 98  ASP U CG    1 
ATOM   1263 O  OD1   . ASP C 3 98  ? 10.973  -12.665 2.490   1.00 57.53  ? 98  ASP U OD1   1 
ATOM   1264 O  OD2   . ASP C 3 98  ? 8.895   -12.095 2.066   1.00 48.46  ? 98  ASP U OD2   1 
ATOM   1265 N  N     . LYS C 3 99  ? 12.916  -10.430 1.894   1.00 46.68  ? 99  LYS U N     1 
ATOM   1266 C  CA    . LYS C 3 99  ? 13.990  -10.534 2.881   1.00 47.73  ? 99  LYS U CA    1 
ATOM   1267 C  C     . LYS C 3 99  ? 13.368  -10.109 4.190   1.00 46.69  ? 99  LYS U C     1 
ATOM   1268 O  O     . LYS C 3 99  ? 13.100  -8.911  4.388   1.00 46.86  ? 99  LYS U O     1 
ATOM   1269 C  CB    . LYS C 3 99  ? 15.136  -9.576  2.590   1.00 50.80  ? 99  LYS U CB    1 
ATOM   1270 C  CG    . LYS C 3 99  ? 15.550  -9.392  1.148   1.00 54.25  ? 99  LYS U CG    1 
ATOM   1271 C  CD    . LYS C 3 99  ? 16.705  -8.346  1.046   1.00 58.39  ? 99  LYS U CD    1 
ATOM   1272 C  CE    . LYS C 3 99  ? 16.387  -7.001  1.790   1.00 62.12  ? 99  LYS U CE    1 
ATOM   1273 N  NZ    . LYS C 3 99  ? 17.536  -6.020  1.911   1.00 57.10  ? 99  LYS U NZ    1 
ATOM   1274 N  N     . GLY C 3 100 ? 13.113  -11.082 5.060   1.00 43.93  ? 100 GLY U N     1 
ATOM   1275 C  CA    . GLY C 3 100 ? 12.513  -10.790 6.342   1.00 39.52  ? 100 GLY U CA    1 
ATOM   1276 C  C     . GLY C 3 100 ? 11.204  -10.103 6.093   1.00 42.22  ? 100 GLY U C     1 
ATOM   1277 O  O     . GLY C 3 100 ? 10.862  -9.113  6.750   1.00 47.86  ? 100 GLY U O     1 
ATOM   1278 N  N     . GLY C 3 101 ? 10.478  -10.606 5.102   1.00 42.86  ? 101 GLY U N     1 
ATOM   1279 C  CA    . GLY C 3 101 ? 9.178   -10.041 4.761   1.00 40.87  ? 101 GLY U CA    1 
ATOM   1280 C  C     . GLY C 3 101 ? 9.146   -8.701  4.032   1.00 38.99  ? 101 GLY U C     1 
ATOM   1281 O  O     . GLY C 3 101 ? 8.083   -8.133  3.770   1.00 42.42  ? 101 GLY U O     1 
ATOM   1282 N  N     . TRP C 3 102 ? 10.302  -8.154  3.729   1.00 36.31  ? 102 TRP U N     1 
ATOM   1283 C  CA    . TRP C 3 102 ? 10.312  -6.879  3.053   1.00 36.04  ? 102 TRP U CA    1 
ATOM   1284 C  C     . TRP C 3 102 ? 10.541  -7.085  1.570   1.00 35.76  ? 102 TRP U C     1 
ATOM   1285 O  O     . TRP C 3 102 ? 11.361  -7.928  1.150   1.00 36.58  ? 102 TRP U O     1 
ATOM   1286 C  CB    . TRP C 3 102 ? 11.408  -5.988  3.594   1.00 33.47  ? 102 TRP U CB    1 
ATOM   1287 C  CG    . TRP C 3 102 ? 11.101  -5.456  4.910   1.00 35.00  ? 102 TRP U CG    1 
ATOM   1288 C  CD1   . TRP C 3 102 ? 11.505  -5.952  6.113   1.00 30.56  ? 102 TRP U CD1   1 
ATOM   1289 C  CD2   . TRP C 3 102 ? 10.380  -4.256  5.177   1.00 34.00  ? 102 TRP U CD2   1 
ATOM   1290 N  NE1   . TRP C 3 102 ? 11.088  -5.116  7.126   1.00 35.68  ? 102 TRP U NE1   1 
ATOM   1291 C  CE2   . TRP C 3 102 ? 10.397  -4.068  6.590   1.00 35.23  ? 102 TRP U CE2   1 
ATOM   1292 C  CE3   . TRP C 3 102 ? 9.725   -3.311  4.363   1.00 24.61  ? 102 TRP U CE3   1 
ATOM   1293 C  CZ2   . TRP C 3 102 ? 9.780   -2.971  7.214   1.00 33.36  ? 102 TRP U CZ2   1 
ATOM   1294 C  CZ3   . TRP C 3 102 ? 9.116   -2.239  4.965   1.00 28.23  ? 102 TRP U CZ3   1 
ATOM   1295 C  CH2   . TRP C 3 102 ? 9.145   -2.068  6.392   1.00 36.00  ? 102 TRP U CH2   1 
ATOM   1296 N  N     . THR C 3 103 ? 9.837   -6.288  0.788   1.00 30.70  ? 103 THR U N     1 
ATOM   1297 C  CA    . THR C 3 103 ? 9.939   -6.366  -0.633  1.00 31.44  ? 103 THR U CA    1 
ATOM   1298 C  C     . THR C 3 103 ? 10.029  -4.893  -1.092  1.00 34.34  ? 103 THR U C     1 
ATOM   1299 O  O     . THR C 3 103 ? 9.619   -3.998  -0.343  1.00 33.76  ? 103 THR U O     1 
ATOM   1300 C  CB    . THR C 3 103 ? 8.736   -7.289  -1.079  1.00 32.05  ? 103 THR U CB    1 
ATOM   1301 O  OG1   . THR C 3 103 ? 9.188   -8.195  -2.089  1.00 36.14  ? 103 THR U OG1   1 
ATOM   1302 C  CG2   . THR C 3 103 ? 7.522   -6.572  -1.431  1.00 14.76  ? 103 THR U CG2   1 
ATOM   1303 N  N     . GLN C 3 104 ? 10.667  -4.619  -2.241  1.00 35.39  ? 104 GLN U N     1 
ATOM   1304 C  CA    . GLN C 3 104 ? 10.816  -3.236  -2.726  1.00 30.04  ? 104 GLN U CA    1 
ATOM   1305 C  C     . GLN C 3 104 ? 10.199  -3.081  -4.061  1.00 30.02  ? 104 GLN U C     1 
ATOM   1306 O  O     . GLN C 3 104 ? 10.205  -4.034  -4.849  1.00 25.81  ? 104 GLN U O     1 
ATOM   1307 C  CB    . GLN C 3 104 ? 12.267  -2.861  -2.829  1.00 39.49  ? 104 GLN U CB    1 
ATOM   1308 C  CG    . GLN C 3 104 ? 12.686  -1.867  -1.788  1.00 43.98  ? 104 GLN U CG    1 
ATOM   1309 C  CD    . GLN C 3 104 ? 14.158  -1.764  -1.695  1.00 47.70  ? 104 GLN U CD    1 
ATOM   1310 O  OE1   . GLN C 3 104 ? 14.833  -1.502  -2.706  1.00 48.84  ? 104 GLN U OE1   1 
ATOM   1311 N  NE2   . GLN C 3 104 ? 14.697  -1.979  -0.474  1.00 50.08  ? 104 GLN U NE2   1 
ATOM   1312 N  N     . TRP C 3 105 ? 9.713   -1.862  -4.341  1.00 28.00  ? 105 TRP U N     1 
ATOM   1313 C  CA    . TRP C 3 105 ? 8.977   -1.584  -5.572  1.00 25.38  ? 105 TRP U CA    1 
ATOM   1314 C  C     . TRP C 3 105 ? 9.066   -0.231  -6.221  1.00 26.97  ? 105 TRP U C     1 
ATOM   1315 O  O     . TRP C 3 105 ? 9.418   0.729   -5.578  1.00 28.36  ? 105 TRP U O     1 
ATOM   1316 C  CB    . TRP C 3 105 ? 7.471   -1.788  -5.343  1.00 25.72  ? 105 TRP U CB    1 
ATOM   1317 C  CG    . TRP C 3 105 ? 7.135   -3.101  -4.806  1.00 29.10  ? 105 TRP U CG    1 
ATOM   1318 C  CD1   . TRP C 3 105 ? 7.351   -3.532  -3.539  1.00 26.19  ? 105 TRP U CD1   1 
ATOM   1319 C  CD2   . TRP C 3 105 ? 6.597   -4.212  -5.527  1.00 25.81  ? 105 TRP U CD2   1 
ATOM   1320 N  NE1   . TRP C 3 105 ? 7.002   -4.823  -3.423  1.00 29.95  ? 105 TRP U NE1   1 
ATOM   1321 C  CE2   . TRP C 3 105 ? 6.527   -5.283  -4.625  1.00 28.39  ? 105 TRP U CE2   1 
ATOM   1322 C  CE3   . TRP C 3 105 ? 6.170   -4.402  -6.838  1.00 25.08  ? 105 TRP U CE3   1 
ATOM   1323 C  CZ2   . TRP C 3 105 ? 6.042   -6.553  -4.988  1.00 25.26  ? 105 TRP U CZ2   1 
ATOM   1324 C  CZ3   . TRP C 3 105 ? 5.696   -5.652  -7.209  1.00 25.58  ? 105 TRP U CZ3   1 
ATOM   1325 C  CH2   . TRP C 3 105 ? 5.640   -6.715  -6.282  1.00 27.00  ? 105 TRP U CH2   1 
ATOM   1326 N  N     . LYS C 3 106 ? 8.631   -0.184  -7.494  1.00 26.98  ? 106 LYS U N     1 
ATOM   1327 C  CA    . LYS C 3 106 ? 8.535   1.030   -8.301  1.00 29.03  ? 106 LYS U CA    1 
ATOM   1328 C  C     . LYS C 3 106 ? 7.479   0.785   -9.384  1.00 31.65  ? 106 LYS U C     1 
ATOM   1329 O  O     . LYS C 3 106 ? 7.133   -0.345  -9.685  1.00 35.97  ? 106 LYS U O     1 
ATOM   1330 C  CB    . LYS C 3 106 ? 9.881   1.428   -8.924  1.00 32.16  ? 106 LYS U CB    1 
ATOM   1331 C  CG    . LYS C 3 106 ? 10.039  1.177   -10.427 1.00 28.58  ? 106 LYS U CG    1 
ATOM   1332 C  CD    . LYS C 3 106 ? 11.415  0.633   -10.737 1.00 35.60  ? 106 LYS U CD    1 
ATOM   1333 C  CE    . LYS C 3 106 ? 11.950  1.053   -12.129 1.00 41.54  ? 106 LYS U CE    1 
ATOM   1334 N  NZ    . LYS C 3 106 ? 11.211  0.536   -13.298 1.00 39.56  ? 106 LYS U NZ    1 
ATOM   1335 N  N     . ARG C 3 107 ? 6.951   1.847   -9.975  1.00 32.96  ? 107 ARG U N     1 
ATOM   1336 C  CA    . ARG C 3 107 ? 5.906   1.711   -10.995 1.00 30.17  ? 107 ARG U CA    1 
ATOM   1337 C  C     . ARG C 3 107 ? 5.956   3.047   -11.680 1.00 32.82  ? 107 ARG U C     1 
ATOM   1338 O  O     . ARG C 3 107 ? 6.019   4.076   -11.009 1.00 37.92  ? 107 ARG U O     1 
ATOM   1339 C  CB    . ARG C 3 107 ? 4.543   1.493   -10.335 1.00 26.60  ? 107 ARG U CB    1 
ATOM   1340 C  CG    . ARG C 3 107 ? 3.396   1.385   -11.347 1.00 30.29  ? 107 ARG U CG    1 
ATOM   1341 C  CD    . ARG C 3 107 ? 2.035   1.664   -10.731 1.00 24.40  ? 107 ARG U CD    1 
ATOM   1342 N  NE    . ARG C 3 107 ? 0.921   1.257   -11.585 1.00 26.70  ? 107 ARG U NE    1 
ATOM   1343 C  CZ    . ARG C 3 107 ? -0.187  1.990   -11.795 1.00 26.37  ? 107 ARG U CZ    1 
ATOM   1344 N  NH1   . ARG C 3 107 ? -0.356  3.193   -11.235 1.00 23.22  ? 107 ARG U NH1   1 
ATOM   1345 N  NH2   . ARG C 3 107 ? -1.155  1.498   -12.538 1.00 18.52  ? 107 ARG U NH2   1 
ATOM   1346 N  N     . SER C 3 108 ? 5.933   3.078   -13.001 1.00 35.86  ? 108 SER U N     1 
ATOM   1347 C  CA    . SER C 3 108 ? 6.075   4.369   -13.662 1.00 36.44  ? 108 SER U CA    1 
ATOM   1348 C  C     . SER C 3 108 ? 4.965   5.392   -13.293 1.00 34.58  ? 108 SER U C     1 
ATOM   1349 O  O     . SER C 3 108 ? 3.783   5.086   -13.300 1.00 33.50  ? 108 SER U O     1 
ATOM   1350 C  CB    . SER C 3 108 ? 6.220   4.152   -15.188 1.00 33.67  ? 108 SER U CB    1 
ATOM   1351 O  OG    . SER C 3 108 ? 4.957   3.852   -15.761 1.00 45.05  ? 108 SER U OG    1 
ATOM   1352 N  N     . GLY C 3 109 ? 5.377   6.605   -12.936 1.00 36.72  ? 109 GLY U N     1 
ATOM   1353 C  CA    . GLY C 3 109 ? 4.434   7.637   -12.563 1.00 39.31  ? 109 GLY U CA    1 
ATOM   1354 C  C     . GLY C 3 109 ? 3.855   7.463   -11.158 1.00 42.96  ? 109 GLY U C     1 
ATOM   1355 O  O     . GLY C 3 109 ? 2.865   8.122   -10.782 1.00 41.62  ? 109 GLY U O     1 
ATOM   1356 N  N     . PHE C 3 110 ? 4.462   6.570   -10.382 1.00 38.24  ? 110 PHE U N     1 
ATOM   1357 C  CA    . PHE C 3 110 ? 4.007   6.321   -9.038  1.00 35.09  ? 110 PHE U CA    1 
ATOM   1358 C  C     . PHE C 3 110 ? 5.154   6.809   -8.107  1.00 35.05  ? 110 PHE U C     1 
ATOM   1359 O  O     . PHE C 3 110 ? 6.185   6.141   -7.907  1.00 32.76  ? 110 PHE U O     1 
ATOM   1360 C  CB    . PHE C 3 110 ? 3.678   4.824   -8.913  1.00 29.81  ? 110 PHE U CB    1 
ATOM   1361 C  CG    . PHE C 3 110 ? 3.050   4.449   -7.605  1.00 30.93  ? 110 PHE U CG    1 
ATOM   1362 C  CD1   . PHE C 3 110 ? 3.848   4.162   -6.481  1.00 29.02  ? 110 PHE U CD1   1 
ATOM   1363 C  CD2   . PHE C 3 110 ? 1.660   4.451   -7.459  1.00 29.99  ? 110 PHE U CD2   1 
ATOM   1364 C  CE1   . PHE C 3 110 ? 3.262   3.893   -5.242  1.00 29.53  ? 110 PHE U CE1   1 
ATOM   1365 C  CE2   . PHE C 3 110 ? 1.068   4.181   -6.203  1.00 32.00  ? 110 PHE U CE2   1 
ATOM   1366 C  CZ    . PHE C 3 110 ? 1.873   3.906   -5.103  1.00 29.07  ? 110 PHE U CZ    1 
ATOM   1367 N  N     . THR C 3 111 ? 4.954   7.984   -7.532  1.00 33.05  ? 111 THR U N     1 
ATOM   1368 C  CA    . THR C 3 111 ? 5.977   8.596   -6.701  1.00 34.73  ? 111 THR U CA    1 
ATOM   1369 C  C     . THR C 3 111 ? 5.386   9.310   -5.510  1.00 36.72  ? 111 THR U C     1 
ATOM   1370 O  O     . THR C 3 111 ? 4.149   9.417   -5.374  1.00 35.97  ? 111 THR U O     1 
ATOM   1371 C  CB    . THR C 3 111 ? 6.763   9.682   -7.494  1.00 35.43  ? 111 THR U CB    1 
ATOM   1372 O  OG1   . THR C 3 111 ? 5.916   10.824  -7.740  1.00 35.36  ? 111 THR U OG1   1 
ATOM   1373 C  CG2   . THR C 3 111 ? 7.174   9.173   -8.816  1.00 37.23  ? 111 THR U CG2   1 
ATOM   1374 N  N     . ARG C 3 112 ? 6.308   9.837   -4.694  1.00 38.09  ? 112 ARG U N     1 
ATOM   1375 C  CA    . ARG C 3 112 ? 6.022   10.602  -3.488  1.00 37.91  ? 112 ARG U CA    1 
ATOM   1376 C  C     . ARG C 3 112 ? 4.871   11.535  -3.773  1.00 35.28  ? 112 ARG U C     1 
ATOM   1377 O  O     . ARG C 3 112 ? 3.944   11.583  -2.993  1.00 38.23  ? 112 ARG U O     1 
ATOM   1378 C  CB    . ARG C 3 112 ? 7.266   11.394  -3.058  1.00 39.82  ? 112 ARG U CB    1 
ATOM   1379 C  CG    . ARG C 3 112 ? 7.225   12.073  -1.668  1.00 45.25  ? 112 ARG U CG    1 
ATOM   1380 C  CD    . ARG C 3 112 ? 8.163   11.403  -0.655  1.00 50.96  ? 112 ARG U CD    1 
ATOM   1381 N  NE    . ARG C 3 112 ? 9.539   11.284  -1.145  1.00 48.39  ? 112 ARG U NE    1 
ATOM   1382 C  CZ    . ARG C 3 112 ? 10.534  10.732  -0.456  1.00 48.87  ? 112 ARG U CZ    1 
ATOM   1383 N  NH1   . ARG C 3 112 ? 10.315  10.237  0.751   1.00 49.49  ? 112 ARG U NH1   1 
ATOM   1384 N  NH2   . ARG C 3 112 ? 11.758  10.689  -0.964  1.00 48.80  ? 112 ARG U NH2   1 
ATOM   1385 N  N     . ASN C 3 113 ? 4.915   12.277  -4.873  1.00 34.20  ? 113 ASN U N     1 
ATOM   1386 C  CA    . ASN C 3 113 ? 3.798   13.167  -5.206  1.00 35.00  ? 113 ASN U CA    1 
ATOM   1387 C  C     . ASN C 3 113 ? 3.105   12.969  -6.563  1.00 33.72  ? 113 ASN U C     1 
ATOM   1388 O  O     . ASN C 3 113 ? 2.621   13.919  -7.190  1.00 37.24  ? 113 ASN U O     1 
ATOM   1389 C  CB    . ASN C 3 113 ? 4.157   14.659  -4.990  1.00 41.85  ? 113 ASN U CB    1 
ATOM   1390 C  CG    . ASN C 3 113 ? 5.476   15.052  -5.608  1.00 47.47  ? 113 ASN U CG    1 
ATOM   1391 O  OD1   . ASN C 3 113 ? 5.692   14.855  -6.816  1.00 56.04  ? 113 ASN U OD1   1 
ATOM   1392 N  ND2   . ASN C 3 113 ? 6.385   15.606  -4.783  1.00 50.28  ? 113 ASN U ND2   1 
ATOM   1393 N  N     . SER C 3 114 ? 3.038   11.730  -7.031  1.00 31.64  ? 114 SER U N     1 
ATOM   1394 C  CA    . SER C 3 114 ? 2.300   11.503  -8.253  1.00 30.52  ? 114 SER U CA    1 
ATOM   1395 C  C     . SER C 3 114 ? 1.849   10.069  -8.364  1.00 27.64  ? 114 SER U C     1 
ATOM   1396 O  O     . SER C 3 114 ? 2.547   9.167   -7.924  1.00 29.73  ? 114 SER U O     1 
ATOM   1397 C  CB    . SER C 3 114 ? 3.118   11.951  -9.516  1.00 33.79  ? 114 SER U CB    1 
ATOM   1398 O  OG    . SER C 3 114 ? 3.886   10.924  -10.172 1.00 30.70  ? 114 SER U OG    1 
ATOM   1399 N  N     . VAL C 3 115 ? 0.640   9.885   -8.900  1.00 28.58  ? 115 VAL U N     1 
ATOM   1400 C  CA    . VAL C 3 115 ? 0.064   8.558   -9.226  1.00 27.90  ? 115 VAL U CA    1 
ATOM   1401 C  C     . VAL C 3 115 ? -0.562  8.729   -10.619 1.00 28.72  ? 115 VAL U C     1 
ATOM   1402 O  O     . VAL C 3 115 ? -1.653  9.300   -10.722 1.00 21.73  ? 115 VAL U O     1 
ATOM   1403 C  CB    . VAL C 3 115 ? -1.153  8.163   -8.445  1.00 29.84  ? 115 VAL U CB    1 
ATOM   1404 C  CG1   . VAL C 3 115 ? -1.190  6.619   -8.329  1.00 30.52  ? 115 VAL U CG1   1 
ATOM   1405 C  CG2   . VAL C 3 115 ? -1.267  8.953   -7.186  1.00 28.09  ? 115 VAL U CG2   1 
ATOM   1406 N  N     . PHE C 3 116 ? 0.067   8.208   -11.673 1.00 34.71  ? 116 PHE U N     1 
ATOM   1407 C  CA    . PHE C 3 116 ? -0.474  8.371   -13.039 1.00 40.64  ? 116 PHE U CA    1 
ATOM   1408 C  C     . PHE C 3 116 ? -1.392  7.306   -13.541 1.00 44.60  ? 116 PHE U C     1 
ATOM   1409 O  O     . PHE C 3 116 ? -1.556  6.268   -12.907 1.00 45.90  ? 116 PHE U O     1 
ATOM   1410 C  CB    . PHE C 3 116 ? 0.651   8.444   -14.071 1.00 38.33  ? 116 PHE U CB    1 
ATOM   1411 C  CG    . PHE C 3 116 ? 1.538   9.626   -13.926 1.00 34.77  ? 116 PHE U CG    1 
ATOM   1412 C  CD1   . PHE C 3 116 ? 2.597   9.793   -14.796 1.00 26.29  ? 116 PHE U CD1   1 
ATOM   1413 C  CD2   . PHE C 3 116 ? 1.274   10.608  -12.973 1.00 29.53  ? 116 PHE U CD2   1 
ATOM   1414 C  CE1   . PHE C 3 116 ? 3.352   10.900  -14.733 1.00 28.48  ? 116 PHE U CE1   1 
ATOM   1415 C  CE2   . PHE C 3 116 ? 2.039   11.740  -12.904 1.00 29.63  ? 116 PHE U CE2   1 
ATOM   1416 C  CZ    . PHE C 3 116 ? 3.083   11.900  -13.784 1.00 28.80  ? 116 PHE U CZ    1 
ATOM   1417 N  N     . GLU C 3 117 ? -1.891  7.573   -14.749 1.00 52.23  ? 117 GLU U N     1 
ATOM   1418 C  CA    . GLU C 3 117 ? -2.775  6.707   -15.532 1.00 61.14  ? 117 GLU U CA    1 
ATOM   1419 C  C     . GLU C 3 117 ? -3.877  6.265   -14.646 1.00 63.87  ? 117 GLU U C     1 
ATOM   1420 O  O     . GLU C 3 117 ? -4.478  7.079   -13.945 1.00 63.67  ? 117 GLU U O     1 
ATOM   1421 C  CB    . GLU C 3 117 ? -2.050  5.445   -16.056 1.00 63.04  ? 117 GLU U CB    1 
ATOM   1422 C  CG    . GLU C 3 117 ? -0.717  5.672   -16.779 1.00 67.10  ? 117 GLU U CG    1 
ATOM   1423 C  CD    . GLU C 3 117 ? 0.316   4.570   -16.466 1.00 70.39  ? 117 GLU U CD    1 
ATOM   1424 O  OE1   . GLU C 3 117 ? 0.675   4.389   -15.263 1.00 64.94  ? 117 GLU U OE1   1 
ATOM   1425 O  OE2   . GLU C 3 117 ? 0.763   3.892   -17.430 1.00 70.61  ? 117 GLU U OE2   1 
ATOM   1426 N  N     . ASP C 3 118 ? -4.098  4.952   -14.678 1.00 70.44  ? 118 ASP U N     1 
ATOM   1427 C  CA    . ASP C 3 118 ? -5.123  4.268   -13.883 1.00 78.59  ? 118 ASP U CA    1 
ATOM   1428 C  C     . ASP C 3 118 ? -4.601  2.930   -13.202 1.00 80.41  ? 118 ASP U C     1 
ATOM   1429 O  O     . ASP C 3 118 ? -3.527  2.422   -13.643 1.00 78.83  ? 118 ASP U O     1 
ATOM   1430 C  CB    . ASP C 3 118 ? -6.347  3.996   -14.789 1.00 84.98  ? 118 ASP U CB    1 
ATOM   1431 C  CG    . ASP C 3 118 ? -6.202  4.609   -16.205 1.00 90.33  ? 118 ASP U CG    1 
ATOM   1432 O  OD1   . ASP C 3 118 ? -6.194  5.861   -16.325 1.00 92.78  ? 118 ASP U OD1   1 
ATOM   1433 O  OD2   . ASP C 3 118 ? -6.101  3.830   -17.191 1.00 89.42  ? 118 ASP U OD2   1 
HETATM 1434 ZN ZN    . ZN  D 4 .   ? -26.049 -8.716  -15.044 1.00 79.96  ? 74  ZN  E ZN    1 
HETATM 1435 ZN ZN    . ZN  E 4 .   ? -4.616  -15.457 -13.270 1.00 84.82  ? 72  ZN  F ZN    1 
HETATM 1436 ZN ZN    . ZN  F 4 .   ? -15.960 -14.268 -14.349 1.00 77.36  ? 73  ZN  F ZN    1 
HETATM 1437 ZN ZN    . ZN  G 4 .   ? 6.601   -26.024 -1.741  1.00 93.12  ? 76  ZN  F ZN    1 
HETATM 1438 ZN ZN    . ZN  H 4 .   ? -12.401 -15.620 -15.619 1.00 117.42 ? 77  ZN  F ZN    1 
HETATM 1439 ZN ZN    . ZN  I 4 .   ? -1.891  9.974   -3.566  1.00 39.56  ? 132 ZN  U ZN    1 
HETATM 1440 ZN ZN    . ZN  J 4 .   ? -10.151 -8.206  7.872   1.00 149.60 ? 133 ZN  U ZN    1 
HETATM 1441 O  O     . HOH K 5 .   ? -7.776  -3.430  -3.361  1.00 44.30  ? 75  HOH E O     1 
HETATM 1442 O  O     . HOH K 5 .   ? -14.648 -14.780 -6.042  1.00 28.71  ? 76  HOH E O     1 
HETATM 1443 O  O     . HOH K 5 .   ? -5.841  -13.778 -10.430 1.00 33.44  ? 77  HOH E O     1 
HETATM 1444 O  O     . HOH K 5 .   ? -10.493 -3.639  -18.743 1.00 41.26  ? 78  HOH E O     1 
HETATM 1445 O  O     . HOH K 5 .   ? -15.972 -2.877  -10.431 1.00 35.27  ? 79  HOH E O     1 
HETATM 1446 O  O     . HOH K 5 .   ? -15.091 -13.019 -4.544  1.00 33.39  ? 80  HOH E O     1 
HETATM 1447 O  O     . HOH K 5 .   ? -12.813 -4.506  -4.970  1.00 34.07  ? 81  HOH E O     1 
HETATM 1448 O  O     . HOH K 5 .   ? -12.944 -4.296  -0.977  1.00 36.85  ? 82  HOH E O     1 
HETATM 1449 O  O     . HOH K 5 .   ? 3.697   -29.054 -7.504  1.00 37.36  ? 83  HOH E O     1 
HETATM 1450 O  O     . HOH K 5 .   ? -12.226 -7.002  -0.908  1.00 46.42  ? 84  HOH E O     1 
HETATM 1451 O  O     . HOH K 5 .   ? -3.914  -19.262 -3.058  1.00 47.23  ? 85  HOH E O     1 
HETATM 1452 O  O     . HOH L 5 .   ? 3.087   -9.805  -7.477  1.00 26.64  ? 78  HOH F O     1 
HETATM 1453 O  O     . HOH L 5 .   ? -0.185  -16.408 -0.689  1.00 37.38  ? 79  HOH F O     1 
HETATM 1454 O  O     . HOH L 5 .   ? 6.907   -20.102 6.317   1.00 53.68  ? 80  HOH F O     1 
HETATM 1455 O  O     . HOH L 5 .   ? 6.883   -10.938 0.423   1.00 26.02  ? 81  HOH F O     1 
HETATM 1456 O  O     . HOH L 5 .   ? 3.443   -22.214 -0.228  1.00 47.47  ? 82  HOH F O     1 
HETATM 1457 O  O     . HOH L 5 .   ? 8.126   -16.668 -8.758  1.00 43.94  ? 83  HOH F O     1 
HETATM 1458 O  O     . HOH L 5 .   ? -18.049 -23.338 -16.998 0.50 55.50  ? 84  HOH F O     1 
HETATM 1459 O  O     . HOH L 5 .   ? -20.156 6.045   -4.614  1.00 50.62  ? 85  HOH F O     1 
HETATM 1460 O  O     . HOH L 5 .   ? 1.023   -12.399 -9.080  1.00 52.94  ? 86  HOH F O     1 
HETATM 1461 O  O     . HOH L 5 .   ? 2.355   -16.764 -0.839  1.00 49.07  ? 87  HOH F O     1 
HETATM 1462 O  O     . HOH M 5 .   ? 6.252   -3.505  -14.995 1.00 49.56  ? 134 HOH U O     1 
HETATM 1463 O  O     . HOH M 5 .   ? 7.086   6.746   3.442   1.00 34.26  ? 135 HOH U O     1 
HETATM 1464 O  O     . HOH M 5 .   ? 8.969   4.976   -10.814 1.00 30.41  ? 136 HOH U O     1 
HETATM 1465 O  O     . HOH M 5 .   ? 13.131  14.982  -3.730  1.00 31.64  ? 137 HOH U O     1 
HETATM 1466 O  O     . HOH M 5 .   ? 15.723  -0.117  -4.529  1.00 27.68  ? 138 HOH U O     1 
HETATM 1467 O  O     . HOH M 5 .   ? 0.438   -15.548 -4.321  1.00 34.82  ? 139 HOH U O     1 
HETATM 1468 O  O     . HOH M 5 .   ? 5.520   -9.534  4.328   1.00 33.29  ? 140 HOH U O     1 
HETATM 1469 O  O     . HOH M 5 .   ? 6.711   13.435  -9.013  1.00 48.72  ? 141 HOH U O     1 
HETATM 1470 O  O     . HOH M 5 .   ? 5.233   -10.092 -5.365  1.00 34.72  ? 142 HOH U O     1 
HETATM 1471 O  O     . HOH M 5 .   ? 14.034  -0.860  -14.625 1.00 10.73  ? 143 HOH U O     1 
HETATM 1472 O  O     . HOH M 5 .   ? -2.137  10.724  -1.390  1.00 23.36  ? 144 HOH U O     1 
HETATM 1473 O  O     . HOH M 5 .   ? 5.923   -6.042  11.457  1.00 38.01  ? 145 HOH U O     1 
HETATM 1474 O  O     . HOH M 5 .   ? -12.863 6.955   -1.356  1.00 27.95  ? 146 HOH U O     1 
HETATM 1475 O  O     . HOH M 5 .   ? -8.961  -2.039  -5.711  1.00 49.61  ? 147 HOH U O     1 
HETATM 1476 O  O     . HOH M 5 .   ? -7.763  -0.891  -16.255 1.00 59.09  ? 148 HOH U O     1 
HETATM 1477 O  O     . HOH M 5 .   ? -17.400 2.482   5.605   1.00 48.09  ? 149 HOH U O     1 
HETATM 1478 O  O     . HOH M 5 .   ? 7.849   0.707   -13.674 1.00 36.07  ? 150 HOH U O     1 
HETATM 1479 O  O     . HOH M 5 .   ? -9.959  11.731  8.154   1.00 43.05  ? 151 HOH U O     1 
HETATM 1480 O  O     . HOH M 5 .   ? 4.774   5.888   4.022   1.00 27.80  ? 152 HOH U O     1 
HETATM 1481 O  O     . HOH M 5 .   ? 3.079   9.866   -1.011  1.00 29.93  ? 153 HOH U O     1 
HETATM 1482 O  O     . HOH M 5 .   ? 8.558   -3.091  -16.027 1.00 45.22  ? 154 HOH U O     1 
HETATM 1483 O  O     . HOH M 5 .   ? 10.449  0.368   9.293   1.00 53.36  ? 155 HOH U O     1 
HETATM 1484 O  O     . HOH M 5 .   ? 12.268  -17.591 -2.586  1.00 50.16  ? 156 HOH U O     1 
HETATM 1485 O  O     . HOH M 5 .   ? 1.285   5.045   -11.616 1.00 26.59  ? 157 HOH U O     1 
HETATM 1486 O  O     . HOH M 5 .   ? 1.521   -9.988  10.346  1.00 55.64  ? 158 HOH U O     1 
HETATM 1487 O  O     . HOH M 5 .   ? -5.658  -14.652 14.435  1.00 53.53  ? 159 HOH U O     1 
HETATM 1488 O  O     . HOH M 5 .   ? -7.967  -10.671 7.679   1.00 48.96  ? 160 HOH U O     1 
HETATM 1489 O  O     . HOH M 5 .   ? 5.962   -9.505  7.139   1.00 42.87  ? 161 HOH U O     1 
HETATM 1490 O  O     . HOH M 5 .   ? 7.986   -13.654 4.530   1.00 46.79  ? 162 HOH U O     1 
HETATM 1491 O  O     . HOH M 5 .   ? 5.131   -11.562 2.657   1.00 52.87  ? 163 HOH U O     1 
HETATM 1492 O  O     . HOH M 5 .   ? 8.732   14.697  -4.303  1.00 38.73  ? 164 HOH U O     1 
HETATM 1493 O  O     . HOH M 5 .   ? -4.331  8.040   -10.497 1.00 30.54  ? 165 HOH U O     1 
HETATM 1494 O  O     . HOH M 5 .   ? 16.023  9.136   -0.643  1.00 37.18  ? 166 HOH U O     1 
HETATM 1495 O  O     . HOH M 5 .   ? 11.784  -6.620  9.937   1.00 46.29  ? 167 HOH U O     1 
HETATM 1496 O  O     . HOH M 5 .   ? 3.726   -14.177 -1.302  1.00 31.68  ? 168 HOH U O     1 
HETATM 1497 O  O     . HOH M 5 .   ? -3.483  -15.655 -0.046  1.00 26.03  ? 169 HOH U O     1 
HETATM 1498 O  O     . HOH M 5 .   ? 13.535  13.235  -7.734  1.00 39.99  ? 170 HOH U O     1 
HETATM 1499 O  O     . HOH M 5 .   ? 13.781  -8.369  8.876   1.00 58.92  ? 171 HOH U O     1 
HETATM 1500 O  O     . HOH M 5 .   ? 3.979   -5.484  -13.239 1.00 38.63  ? 172 HOH U O     1 
HETATM 1501 O  O     . HOH M 5 .   ? -9.418  -13.367 11.805  1.00 58.10  ? 173 HOH U O     1 
HETATM 1502 O  O     . HOH M 5 .   ? -6.246  4.105   -8.617  1.00 45.53  ? 174 HOH U O     1 
HETATM 1503 O  O     . HOH M 5 .   ? 6.855   -8.051  0.861   1.00 37.94  ? 175 HOH U O     1 
HETATM 1504 O  O     . HOH M 5 .   ? 7.578   4.180   -8.488  1.00 38.72  ? 176 HOH U O     1 
HETATM 1505 O  O     . HOH M 5 .   ? 16.741  -8.877  -4.431  1.00 45.89  ? 177 HOH U O     1 
# 
